data_8FO1
#
_entry.id   8FO1
#
_entity_poly.entity_id   1
_entity_poly.type   'polypeptide(L)'
_entity_poly.pdbx_seq_one_letter_code
;MHHHHHHSSGVDLGTENLYFQSNAMTTMSNDIPNSPTSTSFTGTFSPAATAANTAANARTSDAPSPTTSSSGPKLETSKE
QRLIVVSNRLPVTISKDDNGEYHFKMSSGGLVSALSGCKKTMSFTWIGWPGKDIPMQDRETVNRRLLDEYNCYPVYLSDE
LADSHYNGFSNSILWPLFHYHPGEMNFDAAHWLAYREANMRFADVVSSLVQAGDMVWVQDYHLMLLPMLLRSMITGESAQ
GEMVRQELGRVKEGVDDTVVKEVLKMGPGVAQAEDEGVEMLDDVEEEGGEMDVKSSPKRPHYARGMSTFQKQELVAKEKG
KEGIRIGFFLHTPFPSSEIYRILPVRREILLGVLQCDLIGFHTYDYARHFLSSCTRILGLETQPNGIEFDGRYCQVGTFP
IGIDPNQFIEGLQKESIVKRLRSLEARFEGVKVIIGVDRLDYIKGIPQKLQALETFLTQHPEWIGKVVLVQLAIPSRQDV
EEYQDLRACVNELVGRINGRFGTVESVPIHYMHKSVPFEELTAMYALADACLVTSTRDGMNLVAYEYISSQAERHGSMIL
SEFAGAAQSFNGSLLINPWDVQSTADAINQALTLSPQQRKTNWQKLFNYVSKYTAEAWGVSFVNELNRLSGQRPSGPTGL
AGRRKSGSLSRTSSKASIQRRKSSQSGIVTGLGAAAGAAVNWAQAQVQGGSQT
;
_entity_poly.pdbx_strand_id   A,B,C,D
#
# COMPACT_ATOMS: atom_id res chain seq x y z
N LEU A 83 52.29 10.02 -1.12
CA LEU A 83 51.15 10.17 -2.00
C LEU A 83 50.05 10.97 -1.34
N ILE A 84 48.94 11.13 -2.05
CA ILE A 84 47.77 11.85 -1.58
C ILE A 84 46.55 10.98 -1.83
N VAL A 85 45.71 10.82 -0.81
CA VAL A 85 44.52 9.98 -0.90
C VAL A 85 43.31 10.86 -0.67
N VAL A 86 42.31 10.75 -1.56
CA VAL A 86 41.13 11.59 -1.54
C VAL A 86 39.90 10.69 -1.39
N SER A 87 39.01 11.06 -0.47
CA SER A 87 37.80 10.30 -0.24
C SER A 87 36.65 11.20 0.10
N ASN A 88 35.45 10.63 0.09
CA ASN A 88 34.26 11.37 0.46
C ASN A 88 34.35 11.91 1.88
N ARG A 89 34.37 11.02 2.88
CA ARG A 89 34.52 11.43 4.26
C ARG A 89 35.97 11.44 4.70
N LEU A 90 36.18 11.88 5.94
CA LEU A 90 37.50 12.05 6.49
C LEU A 90 37.57 11.41 7.87
N PRO A 91 38.72 10.84 8.19
CA PRO A 91 38.92 10.21 9.50
C PRO A 91 39.15 11.22 10.60
N THR A 125 49.38 12.66 2.88
CA THR A 125 48.27 13.52 3.23
C THR A 125 46.96 12.88 2.83
N TRP A 126 45.89 13.23 3.55
CA TRP A 126 44.56 12.70 3.28
C TRP A 126 43.59 13.87 3.18
N ILE A 127 42.82 13.92 2.10
CA ILE A 127 41.92 15.04 1.82
C ILE A 127 40.49 14.54 1.85
N GLY A 128 39.61 15.32 2.47
CA GLY A 128 38.25 14.88 2.61
C GLY A 128 37.35 16.00 3.10
N TRP A 129 36.14 15.65 3.47
CA TRP A 129 35.14 16.59 3.94
C TRP A 129 34.71 16.22 5.36
N PRO A 130 34.98 17.03 6.37
CA PRO A 130 34.53 16.67 7.71
C PRO A 130 33.04 16.43 7.75
N GLY A 131 32.58 15.85 8.86
CA GLY A 131 31.19 15.42 8.94
C GLY A 131 30.21 16.56 8.76
N LYS A 132 30.44 17.67 9.45
CA LYS A 132 29.51 18.79 9.47
C LYS A 132 30.23 20.08 9.12
N ASP A 133 29.51 20.98 8.45
CA ASP A 133 30.08 22.24 8.00
C ASP A 133 30.38 23.10 9.22
N ILE A 134 31.65 23.15 9.61
CA ILE A 134 32.07 23.87 10.80
C ILE A 134 31.91 25.37 10.55
N PRO A 135 31.64 26.18 11.57
CA PRO A 135 31.55 27.63 11.36
C PRO A 135 32.86 28.20 10.85
N MET A 136 32.75 29.25 10.04
CA MET A 136 33.92 29.76 9.33
C MET A 136 35.03 30.15 10.31
N GLN A 137 34.66 30.71 11.46
CA GLN A 137 35.65 31.30 12.35
C GLN A 137 36.80 30.32 12.65
N ASP A 138 36.46 29.09 13.01
CA ASP A 138 37.48 28.13 13.40
C ASP A 138 38.23 27.53 12.22
N ARG A 139 37.68 27.64 11.01
CA ARG A 139 38.17 26.83 9.90
C ARG A 139 39.69 26.79 9.81
N GLU A 140 40.31 27.94 9.56
CA GLU A 140 41.76 27.94 9.36
C GLU A 140 42.47 27.35 10.57
N THR A 141 42.10 27.80 11.77
CA THR A 141 42.71 27.23 12.97
C THR A 141 42.56 25.72 12.99
N VAL A 142 41.35 25.23 12.69
CA VAL A 142 41.13 23.79 12.67
C VAL A 142 42.10 23.12 11.71
N ASN A 143 42.28 23.71 10.53
CA ASN A 143 43.22 23.14 9.57
C ASN A 143 44.61 23.03 10.19
N ARG A 144 45.06 24.07 10.89
CA ARG A 144 46.39 24.04 11.46
C ARG A 144 46.57 22.85 12.40
N ARG A 145 45.48 22.36 13.00
CA ARG A 145 45.57 21.10 13.73
C ARG A 145 45.70 19.92 12.78
N LEU A 146 44.71 19.74 11.89
CA LEU A 146 44.72 18.57 11.01
C LEU A 146 45.99 18.54 10.17
N LEU A 147 46.39 19.68 9.62
CA LEU A 147 47.58 19.71 8.79
C LEU A 147 48.80 19.19 9.53
N ASP A 148 48.83 19.37 10.85
CA ASP A 148 49.99 19.05 11.66
C ASP A 148 49.75 17.84 12.57
N GLU A 149 48.71 17.88 13.41
CA GLU A 149 48.48 16.77 14.33
C GLU A 149 48.22 15.47 13.57
N TYR A 150 47.43 15.53 12.52
CA TYR A 150 47.07 14.34 11.75
C TYR A 150 47.68 14.37 10.36
N TYR A 153 43.72 17.43 5.70
CA TYR A 153 43.44 18.55 4.80
C TYR A 153 41.95 18.60 4.56
N PRO A 154 41.21 19.37 5.35
CA PRO A 154 39.75 19.37 5.20
C PRO A 154 39.31 20.08 3.94
N VAL A 155 38.14 19.67 3.44
CA VAL A 155 37.46 20.31 2.33
C VAL A 155 36.03 20.57 2.76
N TYR A 156 35.65 21.84 2.80
CA TYR A 156 34.37 22.26 3.36
C TYR A 156 33.36 22.44 2.24
N LEU A 157 32.27 21.69 2.31
CA LEU A 157 31.16 21.82 1.37
C LEU A 157 30.06 22.56 2.11
N SER A 158 30.11 23.89 2.05
CA SER A 158 29.29 24.72 2.91
C SER A 158 27.81 24.58 2.58
N ASP A 159 26.98 24.76 3.61
CA ASP A 159 25.55 24.96 3.46
C ASP A 159 24.91 23.84 2.64
N GLU A 160 24.96 22.63 3.20
CA GLU A 160 24.24 21.48 2.66
C GLU A 160 24.36 21.37 1.15
N LEU A 161 25.46 21.87 0.58
CA LEU A 161 25.75 21.55 -0.81
C LEU A 161 26.05 20.07 -0.94
N ALA A 162 26.57 19.45 0.12
CA ALA A 162 26.91 18.04 0.13
C ALA A 162 25.84 17.19 0.78
N ASP A 163 25.36 17.60 1.95
CA ASP A 163 24.51 16.73 2.76
C ASP A 163 23.30 16.24 1.98
N SER A 164 22.83 17.02 1.01
CA SER A 164 21.60 16.66 0.32
C SER A 164 21.67 16.90 -1.18
N HIS A 165 22.83 17.22 -1.74
CA HIS A 165 22.93 17.47 -3.16
C HIS A 165 24.08 16.68 -3.77
N TYR A 166 25.07 16.34 -2.96
CA TYR A 166 26.18 15.50 -3.40
C TYR A 166 25.94 14.03 -3.04
N ASN A 167 25.80 13.76 -1.73
CA ASN A 167 25.45 12.42 -1.31
C ASN A 167 24.08 12.01 -1.82
N GLY A 168 23.18 12.97 -2.03
CA GLY A 168 21.89 12.63 -2.62
C GLY A 168 22.01 12.08 -4.03
N PHE A 169 22.79 12.74 -4.87
CA PHE A 169 23.03 12.22 -6.22
C PHE A 169 23.77 10.89 -6.17
N SER A 170 24.83 10.81 -5.36
CA SER A 170 25.63 9.59 -5.35
C SER A 170 24.81 8.40 -4.87
N ASN A 171 24.02 8.57 -3.81
CA ASN A 171 23.30 7.46 -3.22
C ASN A 171 21.91 7.25 -3.81
N SER A 172 21.45 8.13 -4.70
CA SER A 172 20.15 7.93 -5.33
C SER A 172 20.21 7.64 -6.82
N ILE A 173 21.34 7.89 -7.48
CA ILE A 173 21.45 7.69 -8.92
C ILE A 173 22.58 6.73 -9.26
N LEU A 174 23.79 7.03 -8.78
CA LEU A 174 24.91 6.17 -9.12
C LEU A 174 24.87 4.85 -8.36
N TRP A 175 24.56 4.90 -7.07
CA TRP A 175 24.54 3.68 -6.28
C TRP A 175 23.48 2.69 -6.74
N PRO A 176 22.22 3.06 -6.93
CA PRO A 176 21.23 2.09 -7.40
C PRO A 176 21.45 1.64 -8.83
N LEU A 177 22.25 2.36 -9.62
CA LEU A 177 22.48 1.96 -10.99
C LEU A 177 23.67 1.03 -11.13
N PHE A 178 24.73 1.24 -10.35
CA PHE A 178 25.87 0.34 -10.40
C PHE A 178 25.57 -1.03 -9.86
N HIS A 179 24.43 -1.22 -9.19
CA HIS A 179 24.03 -2.51 -8.65
C HIS A 179 22.87 -3.13 -9.41
N TYR A 180 22.67 -2.73 -10.66
CA TYR A 180 21.63 -3.31 -11.51
C TYR A 180 20.25 -3.09 -10.92
N HIS A 181 20.04 -1.91 -10.35
CA HIS A 181 18.74 -1.52 -9.79
C HIS A 181 18.36 -0.16 -10.37
N PRO A 182 18.02 -0.10 -11.66
CA PRO A 182 17.62 1.17 -12.23
C PRO A 182 16.20 1.56 -11.87
N GLY A 183 15.36 0.61 -11.48
CA GLY A 183 14.01 0.97 -11.09
C GLY A 183 13.97 1.84 -9.85
N GLU A 184 14.90 1.60 -8.92
CA GLU A 184 15.00 2.37 -7.69
C GLU A 184 15.87 3.61 -7.84
N MET A 185 16.06 4.09 -9.06
CA MET A 185 16.84 5.28 -9.35
C MET A 185 15.89 6.43 -9.71
N ASN A 186 16.06 7.56 -9.04
CA ASN A 186 15.29 8.75 -9.37
C ASN A 186 16.26 9.85 -9.79
N PHE A 187 16.01 10.44 -10.95
CA PHE A 187 16.88 11.46 -11.52
C PHE A 187 16.29 12.84 -11.28
N ASP A 188 17.16 13.80 -10.96
CA ASP A 188 16.75 15.19 -10.82
C ASP A 188 17.89 16.05 -11.32
N ALA A 189 17.58 16.96 -12.25
CA ALA A 189 18.63 17.76 -12.87
C ALA A 189 19.28 18.73 -11.90
N ALA A 190 18.64 19.03 -10.78
CA ALA A 190 19.25 19.88 -9.77
C ALA A 190 20.33 19.16 -8.98
N HIS A 191 20.44 17.85 -9.12
CA HIS A 191 21.41 17.04 -8.38
C HIS A 191 22.72 16.88 -9.15
N TRP A 192 22.64 16.72 -10.47
CA TRP A 192 23.85 16.61 -11.25
C TRP A 192 24.71 17.86 -11.14
N LEU A 193 24.07 19.03 -11.14
CA LEU A 193 24.82 20.27 -10.98
C LEU A 193 25.51 20.32 -9.63
N ALA A 194 24.81 19.93 -8.56
CA ALA A 194 25.44 19.93 -7.24
C ALA A 194 26.61 18.96 -7.20
N TYR A 195 26.46 17.80 -7.83
CA TYR A 195 27.56 16.84 -7.86
C TYR A 195 28.78 17.44 -8.57
N ARG A 196 28.54 18.09 -9.70
CA ARG A 196 29.65 18.73 -10.41
C ARG A 196 30.30 19.82 -9.56
N GLU A 197 29.47 20.60 -8.86
CA GLU A 197 30.02 21.66 -8.01
C GLU A 197 30.85 21.10 -6.88
N ALA A 198 30.38 20.03 -6.24
CA ALA A 198 31.12 19.44 -5.13
C ALA A 198 32.45 18.88 -5.61
N ASN A 199 32.46 18.20 -6.75
CA ASN A 199 33.73 17.69 -7.26
C ASN A 199 34.65 18.82 -7.65
N MET A 200 34.11 19.90 -8.20
CA MET A 200 34.94 21.07 -8.49
C MET A 200 35.58 21.61 -7.24
N ARG A 201 34.80 21.73 -6.15
CA ARG A 201 35.35 22.22 -4.89
C ARG A 201 36.46 21.30 -4.40
N PHE A 202 36.26 19.98 -4.50
CA PHE A 202 37.32 19.06 -4.14
C PHE A 202 38.58 19.35 -4.94
N VAL A 205 41.43 22.21 -4.25
CA VAL A 205 42.20 21.91 -3.06
C VAL A 205 43.34 20.98 -3.40
N VAL A 206 43.04 19.92 -4.13
CA VAL A 206 44.10 19.01 -4.56
C VAL A 206 45.08 19.74 -5.47
N SER A 207 44.56 20.63 -6.30
CA SER A 207 45.44 21.40 -7.19
C SER A 207 46.41 22.25 -6.40
N SER A 208 45.95 22.87 -5.31
CA SER A 208 46.79 23.70 -4.45
C SER A 208 47.63 22.89 -3.48
N LEU A 209 47.73 21.57 -3.69
CA LEU A 209 48.36 20.68 -2.73
C LEU A 209 49.14 19.57 -3.44
N VAL A 210 49.69 19.87 -4.61
CA VAL A 210 50.44 18.89 -5.39
C VAL A 210 51.81 19.48 -5.73
N GLN A 211 52.82 18.63 -5.67
CA GLN A 211 54.15 18.94 -6.19
C GLN A 211 54.50 17.92 -7.26
N ALA A 212 55.55 18.23 -8.01
CA ALA A 212 55.94 17.35 -9.11
C ALA A 212 56.29 15.96 -8.59
N GLY A 213 55.83 14.93 -9.30
CA GLY A 213 56.17 13.57 -8.98
C GLY A 213 55.29 12.89 -7.97
N ASP A 214 54.33 13.60 -7.37
CA ASP A 214 53.47 13.01 -6.36
C ASP A 214 52.39 12.16 -7.01
N MET A 215 52.05 11.04 -6.37
CA MET A 215 50.93 10.24 -6.79
C MET A 215 49.64 10.84 -6.26
N VAL A 216 48.52 10.27 -6.70
CA VAL A 216 47.20 10.57 -6.15
C VAL A 216 46.39 9.28 -6.20
N TRP A 217 45.36 9.22 -5.37
CA TRP A 217 44.55 8.01 -5.28
C TRP A 217 43.13 8.45 -4.92
N VAL A 218 42.25 8.48 -5.91
CA VAL A 218 40.88 8.92 -5.71
C VAL A 218 40.03 7.69 -5.44
N TYR A 221 32.97 5.89 -5.64
CA TYR A 221 32.16 6.36 -6.75
C TYR A 221 31.70 7.80 -6.57
N HIS A 222 31.95 8.43 -5.42
CA HIS A 222 31.56 9.82 -5.27
C HIS A 222 32.33 10.72 -6.22
N LEU A 223 33.63 10.51 -6.34
CA LEU A 223 34.48 11.37 -7.15
C LEU A 223 34.75 10.75 -8.52
N MET A 224 33.69 10.57 -9.30
CA MET A 224 33.86 9.97 -10.61
C MET A 224 34.33 10.96 -11.66
N LEU A 225 34.29 12.26 -11.37
CA LEU A 225 34.77 13.28 -12.28
C LEU A 225 36.08 13.91 -11.85
N LEU A 226 36.48 13.73 -10.59
CA LEU A 226 37.64 14.47 -10.10
C LEU A 226 38.89 14.24 -10.94
N PRO A 227 39.18 13.03 -11.45
CA PRO A 227 40.42 12.87 -12.21
C PRO A 227 40.51 13.83 -13.39
N MET A 228 39.41 14.05 -14.11
CA MET A 228 39.45 14.98 -15.23
C MET A 228 39.67 16.41 -14.75
N LEU A 229 38.87 16.85 -13.77
CA LEU A 229 39.02 18.20 -13.25
C LEU A 229 40.46 18.46 -12.82
N LEU A 230 41.09 17.46 -12.20
CA LEU A 230 42.45 17.64 -11.72
C LEU A 230 43.44 17.67 -12.87
N ARG A 231 43.32 16.72 -13.80
CA ARG A 231 44.27 16.65 -14.91
C ARG A 231 44.17 17.88 -15.81
N SER A 232 43.02 18.56 -15.82
CA SER A 232 42.94 19.82 -16.56
C SER A 232 43.88 20.85 -15.96
N MET A 233 43.93 20.95 -14.63
CA MET A 233 44.75 21.94 -13.95
C MET A 233 46.23 21.68 -14.24
N ILE A 326 47.96 9.68 -11.41
CA ILE A 326 46.63 9.66 -10.81
C ILE A 326 46.07 8.26 -10.86
N GLY A 327 45.31 7.89 -9.82
CA GLY A 327 44.70 6.58 -9.76
C GLY A 327 43.29 6.69 -9.23
N PHE A 328 42.50 5.65 -9.52
CA PHE A 328 41.10 5.62 -9.14
C PHE A 328 40.70 4.19 -8.88
N PHE A 329 40.04 3.95 -7.75
CA PHE A 329 39.58 2.62 -7.37
C PHE A 329 38.09 2.66 -7.10
N LEU A 330 37.35 1.75 -7.74
CA LEU A 330 35.89 1.71 -7.66
C LEU A 330 35.47 0.50 -6.84
N HIS A 331 34.92 0.74 -5.66
CA HIS A 331 34.55 -0.36 -4.77
C HIS A 331 33.28 -1.06 -5.25
N THR A 332 32.29 -0.30 -5.70
CA THR A 332 31.04 -0.88 -6.17
C THR A 332 31.26 -1.61 -7.49
N PRO A 333 30.33 -2.47 -7.90
CA PRO A 333 30.45 -3.11 -9.20
C PRO A 333 30.44 -2.08 -10.32
N PHE A 334 30.63 -2.56 -11.54
CA PHE A 334 30.39 -1.75 -12.73
C PHE A 334 29.45 -2.52 -13.63
N PRO A 335 28.29 -1.99 -13.99
CA PRO A 335 27.27 -2.81 -14.64
C PRO A 335 27.61 -3.08 -16.11
N SER A 336 26.85 -4.00 -16.69
CA SER A 336 27.03 -4.35 -18.08
C SER A 336 26.84 -3.12 -18.96
N SER A 337 27.16 -3.26 -20.24
CA SER A 337 26.86 -2.19 -21.18
C SER A 337 25.38 -1.93 -21.26
N GLU A 338 24.58 -3.00 -21.39
CA GLU A 338 23.15 -2.85 -21.58
C GLU A 338 22.47 -2.24 -20.36
N ILE A 339 23.10 -2.30 -19.19
CA ILE A 339 22.54 -1.69 -18.00
C ILE A 339 23.19 -0.35 -17.68
N TYR A 340 24.38 -0.09 -18.20
CA TYR A 340 25.00 1.21 -17.97
C TYR A 340 24.57 2.27 -18.95
N ARG A 341 24.11 1.88 -20.14
CA ARG A 341 23.62 2.88 -21.08
C ARG A 341 22.35 3.57 -20.61
N ILE A 342 21.85 3.27 -19.41
CA ILE A 342 20.68 3.95 -18.88
C ILE A 342 21.02 5.30 -18.27
N LEU A 343 22.24 5.49 -17.80
CA LEU A 343 22.58 6.73 -17.13
C LEU A 343 22.48 7.89 -18.10
N PRO A 344 21.66 8.92 -17.83
CA PRO A 344 21.55 10.04 -18.76
C PRO A 344 22.86 10.78 -18.99
N VAL A 345 23.81 10.72 -18.06
CA VAL A 345 25.04 11.50 -18.15
C VAL A 345 26.25 10.59 -18.29
N ARG A 346 26.07 9.46 -18.97
CA ARG A 346 27.11 8.44 -19.02
C ARG A 346 28.40 8.98 -19.61
N ARG A 347 28.30 9.78 -20.68
CA ARG A 347 29.51 10.25 -21.35
C ARG A 347 30.38 11.08 -20.42
N GLU A 348 29.79 11.98 -19.64
CA GLU A 348 30.58 12.81 -18.75
C GLU A 348 31.33 11.97 -17.74
N ILE A 349 30.68 10.95 -17.17
CA ILE A 349 31.31 10.16 -16.13
C ILE A 349 32.43 9.29 -16.69
N LEU A 350 32.20 8.63 -17.82
CA LEU A 350 33.29 7.86 -18.43
C LEU A 350 34.45 8.76 -18.80
N LEU A 351 34.16 9.93 -19.39
CA LEU A 351 35.25 10.82 -19.77
C LEU A 351 36.02 11.31 -18.56
N GLY A 352 35.32 11.56 -17.45
CA GLY A 352 36.01 11.96 -16.25
C GLY A 352 36.93 10.88 -15.71
N VAL A 353 36.43 9.65 -15.64
CA VAL A 353 37.22 8.57 -15.08
C VAL A 353 38.39 8.21 -15.99
N LEU A 354 38.24 8.37 -17.30
CA LEU A 354 39.22 7.83 -18.23
C LEU A 354 40.55 8.58 -18.24
N GLN A 355 40.65 9.72 -17.58
CA GLN A 355 41.90 10.47 -17.57
C GLN A 355 42.89 9.97 -16.53
N CYS A 356 42.50 8.98 -15.73
CA CYS A 356 43.41 8.41 -14.75
C CYS A 356 44.53 7.64 -15.44
N ASP A 357 45.65 7.50 -14.73
CA ASP A 357 46.76 6.69 -15.20
C ASP A 357 46.65 5.24 -14.74
N LEU A 358 45.62 4.89 -13.97
CA LEU A 358 45.39 3.53 -13.53
C LEU A 358 44.03 3.45 -12.88
N ILE A 359 43.27 2.41 -13.20
CA ILE A 359 41.96 2.16 -12.61
C ILE A 359 41.90 0.69 -12.20
N GLY A 360 41.29 0.42 -11.05
CA GLY A 360 41.24 -0.92 -10.53
C GLY A 360 39.84 -1.30 -10.09
N PHE A 361 39.54 -2.59 -10.21
CA PHE A 361 38.25 -3.13 -9.81
C PHE A 361 38.46 -4.42 -9.02
N HIS A 362 37.50 -4.72 -8.15
CA HIS A 362 37.65 -5.86 -7.25
C HIS A 362 37.60 -7.21 -7.95
N THR A 363 37.20 -7.27 -9.22
CA THR A 363 37.16 -8.53 -9.94
C THR A 363 37.40 -8.26 -11.41
N TYR A 364 37.74 -9.32 -12.14
CA TYR A 364 38.02 -9.16 -13.56
C TYR A 364 36.74 -8.87 -14.35
N ASP A 365 35.60 -9.36 -13.87
CA ASP A 365 34.35 -9.11 -14.58
C ASP A 365 34.05 -7.62 -14.64
N TYR A 366 34.29 -6.91 -13.54
CA TYR A 366 34.04 -5.47 -13.54
C TYR A 366 34.95 -4.77 -14.55
N ALA A 367 36.20 -5.22 -14.65
CA ALA A 367 37.11 -4.64 -15.63
C ALA A 367 36.60 -4.88 -17.05
N ARG A 368 36.20 -6.11 -17.35
CA ARG A 368 35.71 -6.40 -18.69
C ARG A 368 34.48 -5.56 -19.02
N HIS A 369 33.56 -5.43 -18.07
CA HIS A 369 32.37 -4.63 -18.32
C HIS A 369 32.71 -3.16 -18.53
N PHE A 370 33.66 -2.64 -17.76
CA PHE A 370 34.07 -1.25 -17.98
C PHE A 370 34.64 -1.07 -19.36
N LEU A 371 35.48 -2.00 -19.81
CA LEU A 371 36.07 -1.85 -21.13
C LEU A 371 35.00 -1.93 -22.22
N SER A 372 34.05 -2.85 -22.09
CA SER A 372 33.00 -2.95 -23.11
C SER A 372 32.15 -1.70 -23.13
N SER A 373 31.87 -1.12 -21.97
CA SER A 373 31.14 0.14 -21.96
C SER A 373 31.93 1.24 -22.65
N CYS A 374 33.23 1.31 -22.39
CA CYS A 374 34.04 2.34 -23.05
C CYS A 374 33.99 2.18 -24.56
N THR A 375 34.11 0.95 -25.05
CA THR A 375 34.10 0.75 -26.50
C THR A 375 32.71 0.86 -27.11
N ARG A 376 31.65 0.78 -26.31
CA ARG A 376 30.30 1.00 -26.80
C ARG A 376 29.83 2.44 -26.65
N ILE A 377 30.58 3.29 -25.97
CA ILE A 377 30.26 4.71 -25.93
C ILE A 377 31.33 5.48 -26.70
N THR A 382 39.73 -1.13 -27.95
CA THR A 382 40.35 -1.16 -26.62
C THR A 382 41.34 -2.31 -26.50
N GLN A 383 42.44 -2.05 -25.80
CA GLN A 383 43.40 -3.09 -25.52
C GLN A 383 42.80 -4.09 -24.55
N PRO A 384 43.36 -5.30 -24.49
CA PRO A 384 42.84 -6.29 -23.53
C PRO A 384 42.96 -5.84 -22.08
N ASN A 385 44.00 -5.07 -21.74
CA ASN A 385 44.25 -4.62 -20.38
C ASN A 385 44.61 -3.15 -20.37
N GLY A 386 43.78 -2.34 -21.04
CA GLY A 386 44.03 -0.92 -21.11
C GLY A 386 43.13 -0.29 -22.16
N ILE A 387 43.45 0.96 -22.49
CA ILE A 387 42.71 1.68 -23.52
C ILE A 387 43.69 2.45 -24.39
N TYR A 393 47.40 6.98 -21.97
CA TYR A 393 47.09 5.56 -22.03
C TYR A 393 46.64 5.03 -20.66
N CYS A 394 45.31 5.04 -20.44
CA CYS A 394 44.75 4.52 -19.21
C CYS A 394 44.99 3.02 -19.09
N GLN A 395 44.89 2.52 -17.88
CA GLN A 395 45.12 1.11 -17.59
C GLN A 395 44.01 0.57 -16.69
N VAL A 396 43.76 -0.73 -16.79
CA VAL A 396 42.70 -1.39 -16.03
C VAL A 396 43.29 -2.61 -15.35
N GLY A 397 42.99 -2.77 -14.05
CA GLY A 397 43.53 -3.88 -13.29
C GLY A 397 42.53 -4.38 -12.27
N THR A 398 42.89 -5.51 -11.65
CA THR A 398 42.09 -6.14 -10.61
C THR A 398 42.92 -6.21 -9.34
N PHE A 399 42.32 -5.79 -8.23
CA PHE A 399 42.99 -5.74 -6.93
C PHE A 399 42.01 -6.10 -5.84
N PRO A 400 41.80 -7.40 -5.60
CA PRO A 400 40.82 -7.80 -4.57
C PRO A 400 41.23 -7.30 -3.20
N ILE A 401 40.23 -6.93 -2.41
CA ILE A 401 40.45 -6.30 -1.11
C ILE A 401 40.03 -7.27 -0.02
N GLY A 402 40.55 -7.03 1.19
CA GLY A 402 40.25 -7.86 2.33
C GLY A 402 40.17 -7.08 3.62
N ILE A 403 40.40 -7.75 4.75
CA ILE A 403 40.30 -7.17 6.07
C ILE A 403 41.58 -7.46 6.83
N ASP A 404 41.60 -7.08 8.10
CA ASP A 404 42.70 -7.39 9.00
C ASP A 404 42.29 -8.48 9.97
N PRO A 405 42.43 -9.77 9.61
CA PRO A 405 41.86 -10.82 10.46
C PRO A 405 42.40 -10.86 11.86
N ASN A 406 43.68 -10.51 12.05
CA ASN A 406 44.27 -10.61 13.38
C ASN A 406 43.39 -9.94 14.42
N GLN A 407 42.88 -8.75 14.12
CA GLN A 407 41.95 -8.06 15.00
C GLN A 407 40.95 -9.03 15.61
N PHE A 408 40.14 -9.66 14.77
CA PHE A 408 39.11 -10.55 15.28
C PHE A 408 39.72 -11.66 16.11
N ILE A 409 40.80 -12.27 15.62
CA ILE A 409 41.48 -13.29 16.41
C ILE A 409 41.91 -12.70 17.75
N GLU A 410 42.59 -11.55 17.70
CA GLU A 410 43.03 -10.92 18.94
C GLU A 410 41.85 -10.56 19.81
N GLY A 411 40.69 -10.29 19.22
CA GLY A 411 39.53 -9.95 20.00
C GLY A 411 38.86 -11.13 20.66
N LEU A 412 39.09 -12.34 20.15
CA LEU A 412 38.40 -13.51 20.66
C LEU A 412 39.14 -14.16 21.82
N GLN A 413 40.29 -13.63 22.21
CA GLN A 413 41.02 -14.07 23.39
C GLN A 413 40.97 -13.02 24.50
N LYS A 414 40.17 -11.98 24.34
CA LYS A 414 40.04 -10.95 25.36
C LYS A 414 39.26 -11.50 26.56
N GLU A 415 39.48 -10.87 27.71
CA GLU A 415 38.91 -11.33 28.95
C GLU A 415 37.46 -10.97 29.18
N SER A 416 36.84 -10.23 28.26
CA SER A 416 35.44 -9.88 28.33
C SER A 416 34.60 -10.53 27.26
N ILE A 417 35.08 -10.57 26.02
CA ILE A 417 34.30 -11.14 24.92
C ILE A 417 34.06 -12.62 25.15
N VAL A 418 35.03 -13.31 25.75
CA VAL A 418 34.86 -14.74 25.97
C VAL A 418 33.73 -15.00 26.94
N LYS A 419 33.58 -14.15 27.96
CA LYS A 419 32.49 -14.34 28.92
C LYS A 419 31.14 -14.14 28.25
N ARG A 420 31.00 -13.10 27.42
CA ARG A 420 29.74 -12.89 26.72
C ARG A 420 29.45 -14.05 25.78
N LEU A 421 30.47 -14.55 25.07
CA LEU A 421 30.27 -15.69 24.19
C LEU A 421 29.83 -16.92 24.97
N ARG A 422 30.44 -17.15 26.14
CA ARG A 422 30.07 -18.29 26.95
C ARG A 422 28.63 -18.17 27.43
N SER A 423 28.22 -16.97 27.85
CA SER A 423 26.83 -16.79 28.28
C SER A 423 25.86 -17.02 27.14
N LEU A 424 26.16 -16.47 25.96
CA LEU A 424 25.29 -16.67 24.81
C LEU A 424 25.18 -18.14 24.45
N GLU A 425 26.31 -18.84 24.43
CA GLU A 425 26.28 -20.25 24.09
C GLU A 425 25.57 -21.06 25.16
N ALA A 426 25.56 -20.59 26.40
CA ALA A 426 24.75 -21.22 27.43
C ALA A 426 23.27 -21.03 27.14
N ARG A 427 22.89 -19.83 26.67
CA ARG A 427 21.49 -19.59 26.35
C ARG A 427 21.02 -20.49 25.20
N PHE A 428 21.83 -20.65 24.17
CA PHE A 428 21.49 -21.48 23.01
C PHE A 428 22.12 -22.85 23.19
N GLU A 429 21.47 -23.68 23.99
CA GLU A 429 21.91 -25.05 24.22
C GLU A 429 21.02 -25.99 23.40
N GLY A 430 21.64 -26.79 22.55
CA GLY A 430 20.87 -27.66 21.68
C GLY A 430 20.18 -26.94 20.55
N VAL A 431 20.67 -25.75 20.20
CA VAL A 431 20.09 -24.94 19.13
C VAL A 431 21.21 -24.52 18.20
N LYS A 432 20.95 -24.59 16.90
CA LYS A 432 21.91 -24.17 15.88
C LYS A 432 21.62 -22.74 15.48
N VAL A 433 22.63 -21.89 15.50
CA VAL A 433 22.44 -20.47 15.29
C VAL A 433 23.00 -20.02 13.95
N ILE A 434 22.16 -20.00 12.92
CA ILE A 434 22.52 -19.25 11.72
C ILE A 434 22.68 -17.79 12.13
N ILE A 435 23.36 -17.02 11.28
CA ILE A 435 23.54 -15.60 11.54
C ILE A 435 23.71 -14.89 10.22
N GLY A 436 22.97 -13.79 10.05
CA GLY A 436 23.17 -12.94 8.90
C GLY A 436 23.22 -11.49 9.29
N VAL A 437 24.35 -10.84 9.07
CA VAL A 437 24.53 -9.42 9.38
C VAL A 437 24.53 -8.67 8.08
N ASP A 438 23.83 -7.54 8.04
CA ASP A 438 23.67 -6.77 6.82
C ASP A 438 23.22 -5.38 7.20
N ARG A 439 23.25 -4.48 6.23
CA ARG A 439 22.63 -3.17 6.36
C ARG A 439 21.31 -3.18 5.61
N LEU A 440 20.41 -2.28 5.99
CA LEU A 440 19.16 -2.20 5.26
C LEU A 440 19.40 -1.56 3.91
N ASP A 441 19.86 -2.35 2.96
CA ASP A 441 19.92 -1.92 1.58
C ASP A 441 19.09 -2.88 0.74
N TYR A 442 18.48 -2.32 -0.29
CA TYR A 442 17.74 -3.12 -1.24
C TYR A 442 18.63 -3.99 -2.12
N ILE A 443 19.95 -3.91 -1.95
CA ILE A 443 20.88 -4.77 -2.69
C ILE A 443 21.27 -6.01 -1.90
N LYS A 444 20.89 -6.11 -0.64
CA LYS A 444 21.31 -7.21 0.21
C LYS A 444 20.37 -8.39 0.21
N GLY A 445 19.20 -8.28 -0.42
CA GLY A 445 18.33 -9.42 -0.54
C GLY A 445 17.95 -10.04 0.79
N ILE A 446 17.59 -9.23 1.77
CA ILE A 446 17.11 -9.76 3.04
C ILE A 446 15.81 -10.54 2.86
N PRO A 447 14.80 -10.03 2.15
CA PRO A 447 13.60 -10.83 1.94
C PRO A 447 13.88 -12.19 1.36
N GLN A 448 14.94 -12.31 0.55
CA GLN A 448 15.31 -13.62 0.03
C GLN A 448 15.82 -14.54 1.15
N LYS A 449 16.61 -14.01 2.08
CA LYS A 449 16.98 -14.80 3.26
C LYS A 449 15.74 -15.31 3.97
N LEU A 450 14.80 -14.41 4.26
CA LEU A 450 13.67 -14.80 5.10
C LEU A 450 12.76 -15.79 4.38
N GLN A 451 12.52 -15.59 3.08
CA GLN A 451 11.74 -16.58 2.35
C GLN A 451 12.47 -17.91 2.23
N ALA A 452 13.79 -17.89 2.15
CA ALA A 452 14.55 -19.15 2.14
C ALA A 452 14.38 -19.88 3.45
N LEU A 453 14.46 -19.17 4.57
CA LEU A 453 14.24 -19.82 5.86
C LEU A 453 12.83 -20.38 5.98
N GLU A 454 11.84 -19.63 5.50
CA GLU A 454 10.47 -20.13 5.54
C GLU A 454 10.34 -21.42 4.75
N THR A 455 10.96 -21.47 3.56
CA THR A 455 10.94 -22.71 2.79
C THR A 455 11.65 -23.84 3.51
N PHE A 456 12.81 -23.54 4.11
CA PHE A 456 13.57 -24.58 4.79
C PHE A 456 12.76 -25.20 5.91
N LEU A 457 12.08 -24.37 6.69
CA LEU A 457 11.29 -24.90 7.80
C LEU A 457 9.99 -25.52 7.34
N THR A 458 9.40 -25.04 6.24
CA THR A 458 8.21 -25.69 5.72
C THR A 458 8.52 -27.09 5.20
N GLN A 459 9.73 -27.31 4.72
CA GLN A 459 10.10 -28.61 4.18
C GLN A 459 10.62 -29.57 5.23
N HIS A 460 11.17 -29.07 6.34
CA HIS A 460 11.83 -29.91 7.35
C HIS A 460 11.21 -29.61 8.71
N PRO A 461 10.03 -30.18 8.99
CA PRO A 461 9.39 -29.91 10.28
C PRO A 461 10.21 -30.41 11.47
N GLU A 462 11.15 -31.33 11.27
CA GLU A 462 11.94 -31.84 12.38
C GLU A 462 12.85 -30.77 12.97
N TRP A 463 13.07 -29.66 12.27
CA TRP A 463 14.00 -28.64 12.70
C TRP A 463 13.33 -27.42 13.31
N ILE A 464 12.01 -27.45 13.47
CA ILE A 464 11.32 -26.28 14.03
C ILE A 464 11.63 -26.19 15.51
N GLY A 465 12.23 -25.07 15.91
CA GLY A 465 12.60 -24.86 17.30
C GLY A 465 14.06 -25.11 17.61
N LYS A 466 14.82 -25.66 16.66
CA LYS A 466 16.23 -25.95 16.87
C LYS A 466 17.15 -25.05 16.07
N VAL A 467 16.65 -24.32 15.09
CA VAL A 467 17.44 -23.37 14.31
C VAL A 467 16.86 -21.99 14.54
N VAL A 468 17.73 -21.03 14.85
CA VAL A 468 17.32 -19.66 15.10
C VAL A 468 18.20 -18.75 14.25
N LEU A 469 17.58 -17.88 13.47
CA LEU A 469 18.29 -17.02 12.52
C LEU A 469 18.49 -15.65 13.16
N VAL A 470 19.65 -15.43 13.75
CA VAL A 470 19.91 -14.16 14.41
C VAL A 470 20.24 -13.11 13.37
N GLN A 471 19.22 -12.45 12.83
CA GLN A 471 19.41 -11.42 11.83
C GLN A 471 19.81 -10.12 12.50
N LEU A 472 20.60 -9.32 11.81
CA LEU A 472 20.95 -7.99 12.28
C LEU A 472 20.97 -7.07 11.07
N ALA A 473 20.34 -5.90 11.19
CA ALA A 473 20.16 -5.00 10.06
C ALA A 473 20.58 -3.60 10.50
N ILE A 474 21.84 -3.28 10.30
CA ILE A 474 22.30 -1.94 10.69
C ILE A 474 21.50 -0.91 9.92
N PRO A 475 21.22 0.28 10.49
CA PRO A 475 20.58 1.31 9.66
C PRO A 475 21.52 1.87 8.62
N TYR A 483 14.23 2.89 1.32
CA TYR A 483 14.60 2.55 2.69
C TYR A 483 13.48 2.84 3.66
N GLN A 484 12.26 3.00 3.13
CA GLN A 484 11.09 3.21 3.96
C GLN A 484 9.95 2.31 3.50
N ASP A 485 9.95 1.95 2.22
CA ASP A 485 9.08 0.91 1.71
C ASP A 485 9.75 -0.46 1.71
N LEU A 486 11.05 -0.52 1.99
CA LEU A 486 11.75 -1.78 2.18
C LEU A 486 11.64 -2.23 3.64
N ARG A 487 11.93 -1.31 4.56
CA ARG A 487 11.83 -1.63 5.97
C ARG A 487 10.47 -2.24 6.28
N ALA A 488 9.41 -1.73 5.64
CA ALA A 488 8.09 -2.31 5.84
C ALA A 488 8.02 -3.74 5.36
N CYS A 489 8.62 -4.04 4.21
CA CYS A 489 8.59 -5.41 3.70
C CYS A 489 9.37 -6.36 4.60
N VAL A 490 10.53 -5.92 5.10
CA VAL A 490 11.31 -6.76 6.01
C VAL A 490 10.55 -6.99 7.31
N ASN A 491 9.93 -5.93 7.85
CA ASN A 491 9.15 -6.10 9.07
C ASN A 491 8.01 -7.06 8.86
N GLU A 492 7.31 -6.95 7.74
CA GLU A 492 6.18 -7.84 7.49
C GLU A 492 6.63 -9.28 7.35
N LEU A 493 7.76 -9.52 6.66
CA LEU A 493 8.25 -10.89 6.55
C LEU A 493 8.64 -11.47 7.89
N VAL A 494 9.36 -10.68 8.71
CA VAL A 494 9.73 -11.17 10.03
C VAL A 494 8.49 -11.51 10.83
N GLY A 495 7.51 -10.61 10.83
CA GLY A 495 6.30 -10.87 11.60
C GLY A 495 5.58 -12.11 11.13
N ARG A 496 5.44 -12.28 9.81
CA ARG A 496 4.68 -13.41 9.30
C ARG A 496 5.37 -14.72 9.61
N ILE A 497 6.70 -14.78 9.46
CA ILE A 497 7.40 -16.03 9.72
C ILE A 497 7.36 -16.37 11.20
N ASN A 498 7.62 -15.37 12.07
CA ASN A 498 7.52 -15.62 13.50
C ASN A 498 6.12 -16.11 13.87
N GLY A 499 5.09 -15.52 13.27
CA GLY A 499 3.74 -15.94 13.58
C GLY A 499 3.44 -17.36 13.12
N ARG A 500 3.86 -17.71 11.91
CA ARG A 500 3.56 -19.04 11.41
C ARG A 500 4.29 -20.12 12.20
N PHE A 501 5.58 -19.92 12.45
CA PHE A 501 6.41 -20.94 13.10
C PHE A 501 6.68 -20.64 14.57
N GLY A 502 6.00 -19.68 15.16
CA GLY A 502 6.25 -19.33 16.54
C GLY A 502 5.69 -20.35 17.50
N THR A 503 5.98 -20.12 18.78
CA THR A 503 5.49 -20.98 19.85
C THR A 503 5.68 -20.22 21.16
N VAL A 504 5.14 -20.76 22.24
CA VAL A 504 5.11 -20.03 23.50
C VAL A 504 6.50 -19.67 23.99
N GLU A 505 7.55 -20.39 23.55
CA GLU A 505 8.88 -20.11 24.07
C GLU A 505 9.99 -20.16 23.00
N SER A 506 9.65 -20.26 21.72
CA SER A 506 10.63 -20.29 20.65
C SER A 506 10.24 -19.31 19.56
N VAL A 507 11.24 -18.61 19.00
CA VAL A 507 11.02 -17.63 17.96
C VAL A 507 12.05 -17.90 16.86
N PRO A 508 11.65 -18.24 15.63
CA PRO A 508 12.64 -18.56 14.61
C PRO A 508 13.63 -17.43 14.31
N ILE A 509 13.17 -16.18 14.26
CA ILE A 509 13.99 -15.07 13.79
C ILE A 509 14.16 -14.09 14.92
N HIS A 510 15.42 -13.83 15.30
CA HIS A 510 15.73 -12.82 16.31
C HIS A 510 16.11 -11.50 15.64
N TYR A 511 15.20 -11.00 14.81
CA TYR A 511 15.48 -9.81 14.03
C TYR A 511 15.86 -8.66 14.95
N MET A 512 16.90 -7.93 14.57
CA MET A 512 17.39 -6.77 15.30
C MET A 512 17.59 -5.64 14.33
N HIS A 513 17.48 -4.41 14.81
CA HIS A 513 17.61 -3.24 13.93
C HIS A 513 18.42 -2.16 14.61
N LYS A 514 19.58 -2.54 15.14
CA LYS A 514 20.47 -1.60 15.80
C LYS A 514 21.90 -1.85 15.34
N SER A 515 22.75 -0.85 15.54
CA SER A 515 24.17 -0.95 15.20
C SER A 515 24.93 -1.40 16.43
N VAL A 516 25.33 -2.67 16.44
CA VAL A 516 26.01 -3.27 17.59
C VAL A 516 27.46 -2.81 17.62
N PRO A 517 28.07 -2.69 18.80
CA PRO A 517 29.50 -2.34 18.86
C PRO A 517 30.38 -3.51 18.47
N PHE A 518 31.70 -3.32 18.55
CA PHE A 518 32.63 -4.35 18.09
C PHE A 518 32.53 -5.62 18.93
N GLU A 519 32.41 -5.46 20.26
CA GLU A 519 32.47 -6.63 21.14
C GLU A 519 31.28 -7.56 20.93
N GLU A 520 30.07 -7.02 20.97
CA GLU A 520 28.90 -7.85 20.73
C GLU A 520 28.94 -8.45 19.34
N LEU A 521 29.46 -7.70 18.37
CA LEU A 521 29.55 -8.21 17.01
C LEU A 521 30.44 -9.44 16.95
N THR A 522 31.64 -9.36 17.51
CA THR A 522 32.55 -10.50 17.45
C THR A 522 32.01 -11.67 18.26
N ALA A 523 31.34 -11.41 19.38
CA ALA A 523 30.74 -12.50 20.13
C ALA A 523 29.70 -13.23 19.29
N MET A 524 28.82 -12.47 18.63
CA MET A 524 27.81 -13.11 17.79
C MET A 524 28.45 -13.88 16.65
N TYR A 525 29.51 -13.32 16.05
CA TYR A 525 30.18 -14.01 14.96
C TYR A 525 30.75 -15.34 15.43
N ALA A 526 31.43 -15.35 16.57
CA ALA A 526 32.01 -16.59 17.07
C ALA A 526 30.95 -17.60 17.47
N LEU A 527 29.78 -17.12 17.91
CA LEU A 527 28.71 -18.04 18.28
C LEU A 527 28.08 -18.69 17.05
N ALA A 528 27.95 -17.96 15.95
CA ALA A 528 27.22 -18.45 14.80
C ALA A 528 27.68 -19.78 14.28
N ASP A 529 26.79 -20.56 13.78
CA ASP A 529 27.19 -21.83 13.29
C ASP A 529 27.17 -21.97 11.79
N ALA A 530 26.61 -21.03 11.03
CA ALA A 530 26.61 -21.08 9.59
C ALA A 530 26.23 -19.75 9.16
N CYS A 531 27.01 -18.96 8.49
CA CYS A 531 26.56 -17.64 8.08
C CYS A 531 25.75 -17.71 6.85
N LEU A 532 25.01 -16.65 6.51
CA LEU A 532 24.11 -16.63 5.36
C LEU A 532 24.21 -15.25 4.72
N VAL A 533 24.95 -15.15 3.62
CA VAL A 533 25.12 -13.92 2.87
C VAL A 533 24.39 -14.10 1.54
N THR A 534 23.22 -13.48 1.42
CA THR A 534 22.36 -13.61 0.27
C THR A 534 22.22 -12.27 -0.44
N SER A 535 23.34 -11.58 -0.64
CA SER A 535 23.35 -10.34 -1.38
C SER A 535 23.22 -10.61 -2.86
N THR A 536 22.31 -9.88 -3.53
CA THR A 536 22.09 -10.10 -4.96
C THR A 536 23.18 -9.48 -5.81
N ARG A 537 23.70 -8.32 -5.40
CA ARG A 537 24.87 -7.73 -6.03
C ARG A 537 25.65 -6.98 -4.96
N ASP A 538 26.97 -7.11 -4.98
CA ASP A 538 27.78 -6.38 -4.00
C ASP A 538 29.22 -6.33 -4.48
N GLY A 539 29.86 -5.20 -4.25
CA GLY A 539 31.23 -5.01 -4.67
C GLY A 539 32.14 -6.04 -4.05
N MET A 540 32.33 -5.95 -2.74
CA MET A 540 33.03 -6.97 -1.99
C MET A 540 32.30 -7.17 -0.68
N ASN A 541 32.03 -8.43 -0.34
CA ASN A 541 31.33 -8.79 0.88
C ASN A 541 32.35 -8.92 1.99
N LEU A 542 32.43 -7.92 2.85
CA LEU A 542 33.37 -7.97 3.97
C LEU A 542 32.81 -8.70 5.18
N VAL A 543 31.52 -9.00 5.20
CA VAL A 543 30.99 -9.77 6.33
C VAL A 543 31.52 -11.18 6.29
N ALA A 544 31.70 -11.74 5.09
CA ALA A 544 32.21 -13.10 4.99
C ALA A 544 33.61 -13.21 5.58
N TYR A 545 34.48 -12.26 5.27
CA TYR A 545 35.84 -12.33 5.80
C TYR A 545 35.85 -12.21 7.31
N GLU A 546 35.06 -11.27 7.84
CA GLU A 546 35.04 -11.08 9.29
C GLU A 546 34.48 -12.30 10.00
N TYR A 547 33.43 -12.90 9.45
CA TYR A 547 32.89 -14.11 10.06
C TYR A 547 33.90 -15.24 10.02
N ILE A 548 34.56 -15.46 8.87
CA ILE A 548 35.48 -16.57 8.75
C ILE A 548 36.71 -16.39 9.61
N SER A 549 37.15 -15.15 9.83
CA SER A 549 38.28 -14.92 10.71
C SER A 549 37.95 -15.26 12.16
N SER A 550 36.67 -15.32 12.53
CA SER A 550 36.23 -15.49 13.91
C SER A 550 35.63 -16.87 14.13
N GLN A 551 36.21 -17.90 13.55
CA GLN A 551 35.67 -19.25 13.66
C GLN A 551 36.77 -20.27 13.89
N ALA A 552 37.86 -19.87 14.52
CA ALA A 552 38.98 -20.78 14.68
C ALA A 552 38.60 -22.00 15.50
N GLU A 553 37.64 -21.88 16.41
CA GLU A 553 37.30 -22.94 17.34
C GLU A 553 36.01 -23.67 16.98
N ARG A 554 35.07 -23.02 16.30
CA ARG A 554 33.80 -23.66 15.97
C ARG A 554 33.76 -24.24 14.56
N HIS A 555 34.48 -23.66 13.61
CA HIS A 555 34.52 -24.15 12.24
C HIS A 555 33.12 -24.16 11.62
N GLY A 556 32.55 -22.97 11.45
CA GLY A 556 31.25 -22.86 10.84
C GLY A 556 31.29 -22.92 9.33
N SER A 557 30.11 -22.87 8.73
CA SER A 557 29.97 -22.87 7.28
C SER A 557 29.87 -21.44 6.77
N MET A 558 29.71 -21.31 5.46
CA MET A 558 29.61 -19.99 4.83
C MET A 558 28.80 -20.15 3.55
N ILE A 559 27.51 -19.84 3.62
CA ILE A 559 26.64 -19.85 2.46
C ILE A 559 26.74 -18.49 1.79
N LEU A 560 27.26 -18.46 0.57
CA LEU A 560 27.55 -17.23 -0.13
C LEU A 560 26.93 -17.25 -1.52
N SER A 561 26.38 -16.12 -1.93
CA SER A 561 25.72 -16.04 -3.22
C SER A 561 26.73 -15.97 -4.36
N GLU A 562 26.33 -16.46 -5.54
CA GLU A 562 27.22 -16.40 -6.68
C GLU A 562 27.52 -15.00 -7.14
N PHE A 563 26.64 -14.05 -6.87
CA PHE A 563 26.79 -12.68 -7.34
C PHE A 563 27.52 -11.77 -6.38
N ALA A 564 27.78 -12.21 -5.16
CA ALA A 564 28.40 -11.35 -4.17
C ALA A 564 29.89 -11.19 -4.33
N GLY A 565 30.31 -10.02 -4.81
CA GLY A 565 31.72 -9.72 -4.97
C GLY A 565 32.53 -10.86 -5.53
N ALA A 566 33.73 -11.07 -5.00
CA ALA A 566 34.56 -12.17 -5.41
C ALA A 566 34.09 -13.48 -4.82
N ALA A 567 32.82 -13.81 -5.04
CA ALA A 567 32.21 -15.00 -4.49
C ALA A 567 32.54 -16.27 -5.21
N GLN A 568 33.34 -16.21 -6.27
CA GLN A 568 33.79 -17.38 -7.00
C GLN A 568 35.24 -17.75 -6.68
N SER A 569 35.92 -16.96 -5.85
CA SER A 569 37.28 -17.26 -5.44
C SER A 569 37.35 -17.94 -4.08
N PHE A 570 36.22 -18.24 -3.46
CA PHE A 570 36.17 -19.13 -2.30
C PHE A 570 36.11 -20.58 -2.75
N ASN A 571 36.94 -21.40 -2.10
CA ASN A 571 36.92 -22.84 -2.31
C ASN A 571 36.18 -23.58 -1.20
N GLY A 572 35.66 -22.86 -0.21
CA GLY A 572 34.97 -23.52 0.89
C GLY A 572 33.50 -23.18 0.97
N SER A 573 33.13 -21.98 0.56
CA SER A 573 31.74 -21.56 0.70
C SER A 573 30.83 -22.44 -0.13
N LEU A 574 29.56 -22.47 0.25
CA LEU A 574 28.52 -23.17 -0.48
C LEU A 574 27.79 -22.14 -1.33
N LEU A 575 28.08 -22.13 -2.63
CA LEU A 575 27.49 -21.14 -3.51
C LEU A 575 25.98 -21.36 -3.60
N ILE A 576 25.22 -20.26 -3.65
CA ILE A 576 23.78 -20.30 -3.79
C ILE A 576 23.34 -19.23 -4.77
N ASN A 577 22.06 -19.29 -5.13
CA ASN A 577 21.44 -18.32 -6.01
C ASN A 577 20.39 -17.54 -5.23
N PRO A 578 20.60 -16.26 -4.93
CA PRO A 578 19.60 -15.56 -4.10
C PRO A 578 18.20 -15.58 -4.69
N TRP A 579 18.06 -15.56 -6.01
CA TRP A 579 16.74 -15.53 -6.63
C TRP A 579 16.05 -16.87 -6.66
N ASP A 580 16.76 -17.95 -6.35
CA ASP A 580 16.19 -19.30 -6.33
C ASP A 580 16.08 -19.75 -4.87
N VAL A 581 14.85 -19.84 -4.36
CA VAL A 581 14.66 -20.11 -2.95
C VAL A 581 15.09 -21.53 -2.60
N GLN A 582 14.66 -22.51 -3.40
CA GLN A 582 15.00 -23.89 -3.08
C GLN A 582 16.50 -24.08 -2.97
N SER A 583 17.29 -23.35 -3.76
CA SER A 583 18.73 -23.46 -3.65
C SER A 583 19.22 -23.01 -2.27
N THR A 584 18.69 -21.89 -1.77
CA THR A 584 19.09 -21.44 -0.44
C THR A 584 18.62 -22.40 0.64
N ALA A 585 17.42 -22.98 0.49
CA ALA A 585 16.96 -23.95 1.47
C ALA A 585 17.88 -25.17 1.51
N ASP A 586 18.27 -25.68 0.33
CA ASP A 586 19.17 -26.81 0.29
C ASP A 586 20.52 -26.45 0.90
N ALA A 587 21.02 -25.24 0.62
CA ALA A 587 22.30 -24.84 1.19
C ALA A 587 22.23 -24.79 2.72
N ILE A 588 21.14 -24.24 3.26
CA ILE A 588 21.01 -24.17 4.71
C ILE A 588 20.98 -25.57 5.31
N ASN A 589 20.19 -26.47 4.71
CA ASN A 589 20.11 -27.82 5.25
C ASN A 589 21.47 -28.51 5.21
N GLN A 590 22.18 -28.40 4.09
CA GLN A 590 23.48 -29.03 3.99
C GLN A 590 24.47 -28.43 4.99
N ALA A 591 24.41 -27.12 5.19
CA ALA A 591 25.30 -26.50 6.16
C ALA A 591 25.03 -27.04 7.56
N LEU A 592 23.75 -27.22 7.91
CA LEU A 592 23.41 -27.68 9.25
C LEU A 592 23.58 -29.19 9.42
N THR A 593 23.76 -29.96 8.36
CA THR A 593 23.98 -31.39 8.52
C THR A 593 25.33 -31.82 7.97
N LEU A 594 26.39 -31.06 8.27
CA LEU A 594 27.73 -31.39 7.83
C LEU A 594 28.52 -31.99 9.00
N SER A 595 29.31 -33.01 8.71
CA SER A 595 30.11 -33.66 9.72
C SER A 595 31.28 -32.76 10.13
N PRO A 596 31.86 -32.98 11.31
CA PRO A 596 32.95 -32.10 11.75
C PRO A 596 34.15 -32.05 10.82
N GLN A 597 34.53 -33.18 10.23
CA GLN A 597 35.76 -33.20 9.43
C GLN A 597 35.62 -32.35 8.17
N GLN A 598 34.48 -32.45 7.48
CA GLN A 598 34.26 -31.63 6.31
C GLN A 598 34.29 -30.15 6.68
N ARG A 599 33.67 -29.80 7.81
CA ARG A 599 33.74 -28.43 8.29
C ARG A 599 35.18 -27.99 8.50
N LYS A 600 36.00 -28.87 9.07
CA LYS A 600 37.39 -28.51 9.32
C LYS A 600 38.13 -28.23 8.02
N THR A 601 37.98 -29.12 7.03
CA THR A 601 38.68 -28.92 5.77
C THR A 601 38.22 -27.63 5.08
N ASN A 602 36.90 -27.43 5.02
CA ASN A 602 36.39 -26.24 4.35
C ASN A 602 36.85 -24.97 5.05
N TRP A 603 36.83 -24.95 6.37
CA TRP A 603 37.28 -23.76 7.06
C TRP A 603 38.77 -23.55 6.85
N GLN A 604 39.56 -24.62 6.75
CA GLN A 604 40.98 -24.42 6.48
C GLN A 604 41.18 -23.74 5.14
N LYS A 605 40.46 -24.19 4.12
CA LYS A 605 40.53 -23.53 2.81
C LYS A 605 40.17 -22.06 2.93
N LEU A 606 39.03 -21.77 3.56
CA LEU A 606 38.53 -20.41 3.61
C LEU A 606 39.49 -19.50 4.37
N PHE A 607 40.07 -19.99 5.47
CA PHE A 607 41.00 -19.16 6.20
C PHE A 607 42.29 -18.96 5.43
N ASN A 608 42.77 -19.99 4.73
CA ASN A 608 43.95 -19.79 3.90
C ASN A 608 43.71 -18.63 2.94
N TYR A 609 42.58 -18.64 2.25
CA TYR A 609 42.26 -17.52 1.37
C TYR A 609 42.25 -16.21 2.15
N VAL A 610 41.34 -16.09 3.12
CA VAL A 610 41.12 -14.82 3.80
C VAL A 610 42.38 -14.29 4.45
N SER A 611 43.39 -15.14 4.66
CA SER A 611 44.67 -14.67 5.17
C SER A 611 45.67 -14.39 4.06
N LYS A 612 45.44 -14.89 2.85
CA LYS A 612 46.30 -14.52 1.74
C LYS A 612 46.08 -13.07 1.31
N TYR A 613 44.83 -12.67 1.15
CA TYR A 613 44.46 -11.35 0.62
C TYR A 613 43.90 -10.49 1.74
N THR A 614 44.78 -9.79 2.44
CA THR A 614 44.40 -8.87 3.50
C THR A 614 44.37 -7.45 2.95
N ALA A 615 43.88 -6.52 3.78
CA ALA A 615 43.79 -5.12 3.36
C ALA A 615 45.18 -4.56 3.07
N GLU A 616 46.16 -4.90 3.91
CA GLU A 616 47.51 -4.39 3.71
C GLU A 616 48.07 -4.85 2.36
N ALA A 617 47.86 -6.12 2.01
CA ALA A 617 48.31 -6.60 0.71
C ALA A 617 47.66 -5.85 -0.42
N TRP A 618 46.36 -5.58 -0.32
CA TRP A 618 45.66 -4.85 -1.38
C TRP A 618 46.23 -3.45 -1.55
N GLY A 619 46.38 -2.72 -0.44
CA GLY A 619 46.91 -1.38 -0.54
C GLY A 619 48.32 -1.36 -1.14
N VAL A 620 49.19 -2.25 -0.65
CA VAL A 620 50.55 -2.27 -1.14
C VAL A 620 50.58 -2.63 -2.63
N SER A 621 49.79 -3.62 -3.04
CA SER A 621 49.80 -4.03 -4.44
C SER A 621 49.32 -2.90 -5.33
N PHE A 622 48.25 -2.21 -4.92
CA PHE A 622 47.75 -1.11 -5.75
C PHE A 622 48.77 0.01 -5.86
N VAL A 623 49.40 0.38 -4.74
CA VAL A 623 50.38 1.46 -4.81
C VAL A 623 51.59 1.03 -5.64
N ASN A 624 51.97 -0.25 -5.58
CA ASN A 624 53.07 -0.73 -6.41
C ASN A 624 52.71 -0.65 -7.89
N GLU A 625 51.51 -1.11 -8.26
CA GLU A 625 51.11 -1.07 -9.66
C GLU A 625 51.02 0.36 -10.16
N LEU A 626 50.57 1.28 -9.30
CA LEU A 626 50.52 2.69 -9.69
C LEU A 626 51.92 3.28 -9.80
N ASN A 627 52.87 2.81 -8.99
CA ASN A 627 54.22 3.36 -9.04
C ASN A 627 54.89 3.07 -10.38
N ARG A 628 54.70 1.87 -10.91
CA ARG A 628 55.30 1.50 -12.19
C ARG A 628 54.46 2.00 -13.35
N LEU B 83 7.27 -26.83 -45.46
CA LEU B 83 7.82 -26.82 -44.12
C LEU B 83 6.74 -27.00 -43.07
N ILE B 84 7.14 -26.96 -41.80
CA ILE B 84 6.25 -27.10 -40.66
C ILE B 84 6.55 -25.96 -39.70
N VAL B 85 5.51 -25.28 -39.24
CA VAL B 85 5.66 -24.14 -38.34
C VAL B 85 4.94 -24.48 -37.05
N VAL B 86 5.61 -24.26 -35.92
CA VAL B 86 5.09 -24.62 -34.61
C VAL B 86 5.03 -23.37 -33.76
N SER B 87 3.89 -23.16 -33.09
CA SER B 87 3.72 -22.00 -32.23
C SER B 87 2.89 -22.35 -31.02
N ASN B 88 2.87 -21.43 -30.06
CA ASN B 88 2.05 -21.59 -28.88
C ASN B 88 0.58 -21.76 -29.21
N ARG B 89 -0.03 -20.70 -29.73
CA ARG B 89 -1.42 -20.76 -30.14
C ARG B 89 -1.57 -21.15 -31.61
N LEU B 90 -2.82 -21.28 -32.03
CA LEU B 90 -3.15 -21.73 -33.37
C LEU B 90 -4.19 -20.81 -33.97
N PRO B 91 -4.09 -20.58 -35.28
CA PRO B 91 -5.04 -19.75 -35.99
C PRO B 91 -6.36 -20.46 -36.26
N THR B 125 2.16 -27.20 -43.19
CA THR B 125 1.34 -27.52 -42.03
C THR B 125 1.68 -26.60 -40.87
N TRP B 126 0.71 -26.37 -40.00
CA TRP B 126 0.89 -25.52 -38.82
C TRP B 126 0.41 -26.29 -37.60
N ILE B 127 1.25 -26.35 -36.57
CA ILE B 127 0.99 -27.14 -35.37
C ILE B 127 0.85 -26.19 -34.19
N GLY B 128 -0.14 -26.44 -33.35
CA GLY B 128 -0.38 -25.56 -32.23
C GLY B 128 -1.36 -26.16 -31.26
N TRP B 129 -1.82 -25.32 -30.33
CA TRP B 129 -2.74 -25.72 -29.29
C TRP B 129 -4.01 -24.87 -29.38
N PRO B 130 -5.17 -25.43 -29.70
CA PRO B 130 -6.37 -24.60 -29.75
C PRO B 130 -6.60 -23.87 -28.44
N GLY B 131 -7.51 -22.90 -28.48
CA GLY B 131 -7.70 -22.04 -27.33
C GLY B 131 -8.10 -22.79 -26.07
N LYS B 132 -9.07 -23.69 -26.19
CA LYS B 132 -9.63 -24.38 -25.04
C LYS B 132 -9.61 -25.88 -25.28
N ASP B 133 -9.42 -26.63 -24.19
CA ASP B 133 -9.32 -28.08 -24.27
C ASP B 133 -10.68 -28.65 -24.65
N ILE B 134 -10.82 -29.00 -25.92
CA ILE B 134 -12.09 -29.50 -26.45
C ILE B 134 -12.38 -30.86 -25.85
N PRO B 135 -13.65 -31.23 -25.68
CA PRO B 135 -13.96 -32.56 -25.16
C PRO B 135 -13.43 -33.65 -26.07
N MET B 136 -13.06 -34.79 -25.47
CA MET B 136 -12.37 -35.82 -26.22
C MET B 136 -13.19 -36.29 -27.42
N GLN B 137 -14.51 -36.36 -27.26
CA GLN B 137 -15.36 -37.00 -28.27
C GLN B 137 -15.09 -36.43 -29.66
N ASP B 138 -15.07 -35.10 -29.76
CA ASP B 138 -14.93 -34.46 -31.07
C ASP B 138 -13.50 -34.49 -31.59
N ARG B 139 -12.51 -34.71 -30.71
CA ARG B 139 -11.12 -34.44 -31.06
C ARG B 139 -10.76 -34.94 -32.46
N GLU B 140 -10.79 -36.25 -32.67
CA GLU B 140 -10.35 -36.80 -33.95
C GLU B 140 -11.13 -36.17 -35.10
N THR B 141 -12.46 -36.13 -34.97
CA THR B 141 -13.27 -35.51 -36.02
C THR B 141 -12.81 -34.09 -36.27
N VAL B 142 -12.59 -33.32 -35.21
CA VAL B 142 -12.12 -31.95 -35.36
C VAL B 142 -10.84 -31.93 -36.18
N ASN B 143 -9.91 -32.83 -35.87
CA ASN B 143 -8.66 -32.88 -36.62
C ASN B 143 -8.94 -33.07 -38.10
N ARG B 144 -9.86 -33.98 -38.43
CA ARG B 144 -10.14 -34.25 -39.84
C ARG B 144 -10.57 -32.99 -40.58
N ARG B 145 -11.15 -32.03 -39.86
CA ARG B 145 -11.39 -30.72 -40.47
C ARG B 145 -10.10 -29.95 -40.64
N LEU B 146 -9.40 -29.69 -39.52
CA LEU B 146 -8.19 -28.87 -39.59
C LEU B 146 -7.17 -29.47 -40.54
N LEU B 147 -6.97 -30.78 -40.46
CA LEU B 147 -5.99 -31.44 -41.32
C LEU B 147 -6.29 -31.17 -42.79
N ASP B 148 -7.56 -30.99 -43.14
CA ASP B 148 -7.99 -30.88 -44.52
C ASP B 148 -8.46 -29.47 -44.87
N GLU B 149 -9.44 -28.94 -44.14
CA GLU B 149 -9.96 -27.61 -44.46
C GLU B 149 -8.88 -26.55 -44.35
N TYR B 150 -8.06 -26.62 -43.31
CA TYR B 150 -7.02 -25.62 -43.08
C TYR B 150 -5.64 -26.22 -43.25
N TYR B 153 -3.09 -28.89 -37.49
CA TYR B 153 -2.68 -30.04 -36.70
C TYR B 153 -2.74 -29.66 -35.22
N PRO B 154 -3.87 -29.90 -34.56
CA PRO B 154 -4.00 -29.45 -33.18
C PRO B 154 -3.15 -30.28 -32.23
N VAL B 155 -2.77 -29.63 -31.12
CA VAL B 155 -2.07 -30.28 -30.02
C VAL B 155 -2.83 -29.94 -28.75
N TYR B 156 -3.36 -30.94 -28.07
CA TYR B 156 -4.25 -30.74 -26.94
C TYR B 156 -3.45 -30.86 -25.65
N LEU B 157 -3.47 -29.80 -24.85
CA LEU B 157 -2.85 -29.81 -23.53
C LEU B 157 -3.99 -29.91 -22.52
N SER B 158 -4.37 -31.14 -22.21
CA SER B 158 -5.59 -31.39 -21.47
C SER B 158 -5.51 -30.85 -20.05
N ASP B 159 -6.68 -30.47 -19.52
CA ASP B 159 -6.86 -30.21 -18.10
C ASP B 159 -5.85 -29.21 -17.57
N GLU B 160 -5.95 -27.98 -18.09
CA GLU B 160 -5.20 -26.83 -17.58
C GLU B 160 -3.74 -27.17 -17.30
N LEU B 161 -3.18 -28.15 -18.02
CA LEU B 161 -1.74 -28.31 -18.01
C LEU B 161 -1.06 -27.10 -18.62
N ALA B 162 -1.74 -26.45 -19.55
CA ALA B 162 -1.22 -25.28 -20.25
C ALA B 162 -1.72 -23.98 -19.65
N ASP B 163 -3.03 -23.89 -19.43
CA ASP B 163 -3.65 -22.60 -19.10
C ASP B 163 -2.98 -21.96 -17.90
N SER B 164 -2.44 -22.76 -16.98
CA SER B 164 -1.91 -22.20 -15.75
C SER B 164 -0.59 -22.83 -15.34
N HIS B 165 0.04 -23.66 -16.17
CA HIS B 165 1.29 -24.29 -15.80
C HIS B 165 2.33 -24.12 -16.90
N TYR B 166 1.87 -23.93 -18.13
CA TYR B 166 2.76 -23.66 -19.25
C TYR B 166 2.87 -22.16 -19.50
N ASN B 167 1.74 -21.52 -19.81
CA ASN B 167 1.72 -20.07 -19.96
C ASN B 167 2.08 -19.38 -18.67
N GLY B 168 1.79 -20.00 -17.52
CA GLY B 168 2.21 -19.42 -16.24
C GLY B 168 3.72 -19.33 -16.11
N PHE B 169 4.43 -20.42 -16.43
CA PHE B 169 5.90 -20.37 -16.41
C PHE B 169 6.43 -19.41 -17.46
N SER B 170 5.90 -19.47 -18.68
CA SER B 170 6.45 -18.64 -19.74
C SER B 170 6.25 -17.16 -19.43
N ASN B 171 5.07 -16.77 -18.95
CA ASN B 171 4.77 -15.37 -18.73
C ASN B 171 5.12 -14.87 -17.35
N SER B 172 5.57 -15.74 -16.44
CA SER B 172 5.98 -15.29 -15.11
C SER B 172 7.46 -15.44 -14.84
N ILE B 173 8.19 -16.22 -15.63
CA ILE B 173 9.61 -16.45 -15.38
C ILE B 173 10.45 -16.06 -16.58
N LEU B 174 10.14 -16.59 -17.75
CA LEU B 174 10.95 -16.29 -18.92
C LEU B 174 10.68 -14.88 -19.44
N TRP B 175 9.41 -14.48 -19.51
CA TRP B 175 9.07 -13.16 -20.02
C TRP B 175 9.65 -12.03 -19.17
N PRO B 176 9.47 -12.00 -17.84
CA PRO B 176 10.06 -10.91 -17.06
C PRO B 176 11.55 -10.96 -16.98
N LEU B 177 12.19 -12.08 -17.31
CA LEU B 177 13.64 -12.15 -17.25
C LEU B 177 14.28 -11.73 -18.56
N PHE B 178 13.69 -12.08 -19.70
CA PHE B 178 14.26 -11.67 -20.98
C PHE B 178 14.16 -10.18 -21.21
N HIS B 179 13.40 -9.46 -20.38
CA HIS B 179 13.26 -8.01 -20.51
C HIS B 179 13.95 -7.26 -19.38
N TYR B 180 14.94 -7.88 -18.75
CA TYR B 180 15.73 -7.23 -17.71
C TYR B 180 14.85 -6.81 -16.53
N HIS B 181 13.90 -7.67 -16.18
CA HIS B 181 13.01 -7.44 -15.04
C HIS B 181 13.02 -8.68 -14.18
N PRO B 182 14.12 -8.97 -13.49
CA PRO B 182 14.16 -10.14 -12.62
C PRO B 182 13.44 -9.93 -11.31
N GLY B 183 13.24 -8.68 -10.88
CA GLY B 183 12.51 -8.45 -9.66
C GLY B 183 11.07 -8.90 -9.74
N GLU B 184 10.46 -8.75 -10.91
CA GLU B 184 9.08 -9.16 -11.15
C GLU B 184 8.97 -10.61 -11.59
N MET B 185 9.97 -11.43 -11.29
CA MET B 185 9.98 -12.84 -11.63
C MET B 185 9.76 -13.65 -10.35
N ASN B 186 8.79 -14.56 -10.40
CA ASN B 186 8.55 -15.47 -9.28
C ASN B 186 8.74 -16.89 -9.78
N PHE B 187 9.57 -17.66 -9.06
CA PHE B 187 9.91 -19.02 -9.45
C PHE B 187 9.11 -20.01 -8.61
N ASP B 188 8.67 -21.08 -9.25
CA ASP B 188 8.00 -22.16 -8.55
C ASP B 188 8.38 -23.46 -9.24
N ALA B 189 8.87 -24.42 -8.46
CA ALA B 189 9.38 -25.66 -9.05
C ALA B 189 8.28 -26.50 -9.67
N ALA B 190 7.02 -26.27 -9.30
CA ALA B 190 5.91 -26.97 -9.93
C ALA B 190 5.61 -26.48 -11.34
N HIS B 191 6.21 -25.36 -11.75
CA HIS B 191 5.98 -24.77 -13.05
C HIS B 191 6.99 -25.25 -14.09
N TRP B 192 8.24 -25.44 -13.70
CA TRP B 192 9.23 -25.94 -14.63
C TRP B 192 8.86 -27.33 -15.12
N LEU B 193 8.34 -28.18 -14.23
CA LEU B 193 7.92 -29.50 -14.65
C LEU B 193 6.78 -29.43 -15.64
N ALA B 194 5.80 -28.57 -15.40
CA ALA B 194 4.70 -28.43 -16.34
C ALA B 194 5.19 -27.93 -17.69
N TYR B 195 6.13 -27.00 -17.68
CA TYR B 195 6.69 -26.51 -18.94
C TYR B 195 7.36 -27.64 -19.70
N ARG B 196 8.15 -28.45 -19.01
CA ARG B 196 8.80 -29.57 -19.67
C ARG B 196 7.76 -30.55 -20.21
N GLU B 197 6.71 -30.81 -19.45
CA GLU B 197 5.67 -31.73 -19.91
C GLU B 197 4.95 -31.19 -21.15
N ALA B 198 4.63 -29.90 -21.16
CA ALA B 198 3.95 -29.33 -22.32
C ALA B 198 4.83 -29.40 -23.55
N ASN B 199 6.11 -29.08 -23.42
CA ASN B 199 6.98 -29.18 -24.59
C ASN B 199 7.13 -30.61 -25.04
N MET B 200 7.17 -31.56 -24.10
CA MET B 200 7.21 -32.96 -24.48
C MET B 200 5.98 -33.33 -25.29
N ARG B 201 4.81 -32.90 -24.83
CA ARG B 201 3.58 -33.20 -25.56
C ARG B 201 3.63 -32.61 -26.96
N PHE B 202 4.12 -31.38 -27.09
CA PHE B 202 4.29 -30.80 -28.42
C PHE B 202 5.16 -31.70 -29.28
N VAL B 205 4.10 -35.05 -31.36
CA VAL B 205 3.23 -34.73 -32.48
C VAL B 205 4.07 -34.36 -33.69
N VAL B 206 5.04 -33.48 -33.48
CA VAL B 206 5.94 -33.12 -34.57
C VAL B 206 6.72 -34.35 -35.04
N SER B 207 7.09 -35.22 -34.10
CA SER B 207 7.80 -36.43 -34.46
C SER B 207 6.97 -37.32 -35.37
N SER B 208 5.67 -37.44 -35.07
CA SER B 208 4.76 -38.25 -35.87
C SER B 208 4.29 -37.53 -37.13
N LEU B 209 4.94 -36.43 -37.51
CA LEU B 209 4.47 -35.58 -38.58
C LEU B 209 5.63 -35.03 -39.41
N VAL B 210 6.72 -35.79 -39.51
CA VAL B 210 7.91 -35.37 -40.25
C VAL B 210 8.28 -36.44 -41.26
N GLN B 211 8.70 -36.00 -42.44
CA GLN B 211 9.30 -36.86 -43.43
C GLN B 211 10.70 -36.33 -43.73
N ALA B 212 11.50 -37.15 -44.41
CA ALA B 212 12.88 -36.77 -44.69
C ALA B 212 12.92 -35.50 -45.53
N GLY B 213 13.83 -34.61 -45.17
CA GLY B 213 14.07 -33.39 -45.92
C GLY B 213 13.19 -32.22 -45.58
N ASP B 214 12.22 -32.39 -44.68
CA ASP B 214 11.33 -31.30 -44.31
C ASP B 214 12.01 -30.34 -43.35
N MET B 215 11.74 -29.05 -43.52
CA MET B 215 12.19 -28.06 -42.56
C MET B 215 11.27 -28.03 -41.36
N VAL B 216 11.66 -27.26 -40.35
CA VAL B 216 10.81 -26.94 -39.21
C VAL B 216 11.14 -25.52 -38.79
N TRP B 217 10.21 -24.90 -38.07
CA TRP B 217 10.37 -23.50 -37.66
C TRP B 217 9.63 -23.35 -36.35
N VAL B 218 10.37 -23.34 -35.25
CA VAL B 218 9.80 -23.22 -33.91
C VAL B 218 9.79 -21.75 -33.52
N TYR B 221 9.29 -17.81 -27.42
CA TYR B 221 10.01 -18.26 -26.23
C TYR B 221 9.29 -19.36 -25.48
N HIS B 222 8.06 -19.71 -25.87
CA HIS B 222 7.38 -20.80 -25.19
C HIS B 222 8.09 -22.12 -25.40
N LEU B 223 8.52 -22.40 -26.62
CA LEU B 223 9.13 -23.69 -26.96
C LEU B 223 10.65 -23.57 -26.99
N MET B 224 11.24 -23.24 -25.85
CA MET B 224 12.69 -23.11 -25.79
C MET B 224 13.41 -24.44 -25.69
N LEU B 225 12.70 -25.52 -25.38
CA LEU B 225 13.30 -26.85 -25.30
C LEU B 225 12.92 -27.74 -26.48
N LEU B 226 11.89 -27.39 -27.24
CA LEU B 226 11.41 -28.32 -28.25
C LEU B 226 12.48 -28.73 -29.24
N PRO B 227 13.41 -27.88 -29.68
CA PRO B 227 14.40 -28.35 -30.65
C PRO B 227 15.18 -29.56 -30.17
N MET B 228 15.57 -29.58 -28.89
CA MET B 228 16.30 -30.72 -28.36
C MET B 228 15.42 -31.97 -28.33
N LEU B 229 14.22 -31.84 -27.75
CA LEU B 229 13.31 -32.97 -27.68
C LEU B 229 13.09 -33.58 -29.06
N LEU B 230 12.98 -32.73 -30.08
CA LEU B 230 12.71 -33.21 -31.42
C LEU B 230 13.96 -33.87 -32.02
N ARG B 231 15.11 -33.22 -31.89
CA ARG B 231 16.33 -33.77 -32.47
C ARG B 231 16.73 -35.07 -31.82
N SER B 232 16.30 -35.31 -30.57
CA SER B 232 16.54 -36.62 -29.96
C SER B 232 15.81 -37.71 -30.72
N MET B 233 14.57 -37.46 -31.11
CA MET B 233 13.76 -38.46 -31.81
C MET B 233 14.39 -38.80 -33.16
N ILE B 326 16.10 -27.77 -38.68
CA ILE B 326 15.31 -27.15 -37.62
C ILE B 326 15.72 -25.70 -37.45
N GLY B 327 14.75 -24.84 -37.13
CA GLY B 327 15.02 -23.44 -36.93
C GLY B 327 14.25 -22.92 -35.75
N PHE B 328 14.71 -21.80 -35.21
CA PHE B 328 14.11 -21.21 -34.02
C PHE B 328 14.27 -19.70 -34.10
N PHE B 329 13.18 -18.98 -33.88
CA PHE B 329 13.21 -17.52 -33.90
C PHE B 329 12.67 -16.98 -32.58
N LEU B 330 13.42 -16.08 -31.95
CA LEU B 330 13.10 -15.54 -30.64
C LEU B 330 12.67 -14.08 -30.80
N HIS B 331 11.39 -13.81 -30.56
CA HIS B 331 10.88 -12.46 -30.74
C HIS B 331 11.32 -11.53 -29.62
N THR B 332 11.30 -12.00 -28.39
CA THR B 332 11.70 -11.18 -27.25
C THR B 332 13.21 -10.94 -27.28
N PRO B 333 13.70 -9.95 -26.53
CA PRO B 333 15.14 -9.76 -26.44
C PRO B 333 15.83 -10.98 -25.86
N PHE B 334 17.15 -10.93 -25.82
CA PHE B 334 17.94 -11.89 -25.06
C PHE B 334 18.86 -11.11 -24.13
N PRO B 335 18.79 -11.30 -22.83
CA PRO B 335 19.49 -10.40 -21.92
C PRO B 335 20.99 -10.65 -21.89
N SER B 336 21.70 -9.71 -21.27
CA SER B 336 23.14 -9.82 -21.13
C SER B 336 23.50 -11.10 -20.40
N SER B 337 24.80 -11.41 -20.38
CA SER B 337 25.24 -12.52 -19.56
C SER B 337 24.96 -12.29 -18.09
N GLU B 338 25.30 -11.09 -17.61
CA GLU B 338 25.16 -10.80 -16.19
C GLU B 338 23.70 -10.80 -15.74
N ILE B 339 22.75 -10.65 -16.66
CA ILE B 339 21.34 -10.71 -16.32
C ILE B 339 20.72 -12.04 -16.65
N TYR B 340 21.33 -12.83 -17.54
CA TYR B 340 20.80 -14.14 -17.86
C TYR B 340 21.28 -15.22 -16.89
N ARG B 341 22.41 -15.02 -16.24
CA ARG B 341 22.86 -16.00 -15.27
C ARG B 341 21.96 -16.09 -14.05
N ILE B 342 20.86 -15.33 -14.00
CA ILE B 342 19.93 -15.41 -12.88
C ILE B 342 18.98 -16.59 -13.01
N LEU B 343 18.71 -17.05 -14.22
CA LEU B 343 17.73 -18.12 -14.40
C LEU B 343 18.22 -19.39 -13.72
N PRO B 344 17.47 -19.96 -12.77
CA PRO B 344 17.94 -21.19 -12.14
C PRO B 344 18.14 -22.36 -13.08
N VAL B 345 17.49 -22.37 -14.24
CA VAL B 345 17.52 -23.52 -15.14
C VAL B 345 18.18 -23.14 -16.46
N ARG B 346 19.15 -22.23 -16.40
CA ARG B 346 19.73 -21.67 -17.62
C ARG B 346 20.35 -22.75 -18.50
N ARG B 347 21.03 -23.72 -17.91
CA ARG B 347 21.73 -24.72 -18.71
C ARG B 347 20.74 -25.51 -19.56
N GLU B 348 19.61 -25.92 -18.99
CA GLU B 348 18.65 -26.72 -19.76
C GLU B 348 18.14 -25.94 -20.96
N ILE B 349 17.85 -24.65 -20.77
CA ILE B 349 17.26 -23.87 -21.85
C ILE B 349 18.27 -23.61 -22.96
N LEU B 350 19.49 -23.23 -22.60
CA LEU B 350 20.51 -23.05 -23.64
C LEU B 350 20.78 -24.36 -24.38
N LEU B 351 20.86 -25.47 -23.65
CA LEU B 351 21.12 -26.74 -24.31
C LEU B 351 19.97 -27.13 -25.22
N GLY B 352 18.75 -26.83 -24.82
CA GLY B 352 17.61 -27.11 -25.69
C GLY B 352 17.66 -26.30 -26.97
N VAL B 353 17.92 -24.99 -26.84
CA VAL B 353 17.90 -24.14 -28.03
C VAL B 353 19.07 -24.43 -28.95
N LEU B 354 20.21 -24.88 -28.40
CA LEU B 354 21.43 -24.96 -29.19
C LEU B 354 21.43 -26.08 -30.22
N GLN B 355 20.45 -26.99 -30.20
CA GLN B 355 20.42 -28.08 -31.16
C GLN B 355 19.81 -27.67 -32.49
N CYS B 356 19.33 -26.44 -32.61
CA CYS B 356 18.78 -25.98 -33.88
C CYS B 356 19.88 -25.84 -34.92
N ASP B 357 19.48 -25.89 -36.18
CA ASP B 357 20.38 -25.65 -37.29
C ASP B 357 20.43 -24.19 -37.70
N LEU B 358 19.65 -23.32 -37.06
CA LEU B 358 19.66 -21.89 -37.33
C LEU B 358 18.83 -21.20 -36.26
N ILE B 359 19.34 -20.09 -35.74
CA ILE B 359 18.63 -19.27 -34.76
C ILE B 359 18.74 -17.82 -35.19
N GLY B 360 17.66 -17.06 -35.03
CA GLY B 360 17.61 -15.70 -35.48
C GLY B 360 17.08 -14.76 -34.40
N PHE B 361 17.57 -13.53 -34.44
CA PHE B 361 17.14 -12.50 -33.49
C PHE B 361 16.88 -11.21 -34.24
N HIS B 362 16.01 -10.38 -33.68
CA HIS B 362 15.58 -9.16 -34.37
C HIS B 362 16.67 -8.11 -34.48
N THR B 363 17.79 -8.25 -33.76
CA THR B 363 18.87 -7.29 -33.86
C THR B 363 20.19 -7.99 -33.60
N TYR B 364 21.27 -7.34 -33.99
CA TYR B 364 22.58 -7.95 -33.80
C TYR B 364 22.98 -8.00 -32.34
N ASP B 365 22.49 -7.04 -31.54
CA ASP B 365 22.84 -7.04 -30.12
C ASP B 365 22.33 -8.30 -29.43
N TYR B 366 21.12 -8.74 -29.77
CA TYR B 366 20.61 -9.96 -29.18
C TYR B 366 21.46 -11.16 -29.54
N ALA B 367 21.94 -11.20 -30.79
CA ALA B 367 22.82 -12.29 -31.21
C ALA B 367 24.12 -12.27 -30.41
N ARG B 368 24.73 -11.10 -30.27
CA ARG B 368 25.98 -11.02 -29.52
C ARG B 368 25.78 -11.45 -28.09
N HIS B 369 24.69 -11.02 -27.47
CA HIS B 369 24.42 -11.41 -26.08
C HIS B 369 24.19 -12.91 -25.95
N PHE B 370 23.48 -13.50 -26.91
CA PHE B 370 23.29 -14.95 -26.86
C PHE B 370 24.62 -15.67 -26.96
N LEU B 371 25.50 -15.23 -27.85
CA LEU B 371 26.79 -15.90 -27.99
C LEU B 371 27.62 -15.76 -26.73
N SER B 372 27.63 -14.58 -26.12
CA SER B 372 28.41 -14.40 -24.91
C SER B 372 27.85 -15.25 -23.77
N SER B 373 26.53 -15.38 -23.68
CA SER B 373 25.96 -16.27 -22.69
C SER B 373 26.38 -17.72 -22.94
N CYS B 374 26.36 -18.15 -24.20
CA CYS B 374 26.77 -19.52 -24.49
C CYS B 374 28.21 -19.75 -24.08
N THR B 375 29.10 -18.81 -24.36
CA THR B 375 30.51 -19.00 -24.01
C THR B 375 30.78 -18.80 -22.52
N ARG B 376 29.87 -18.15 -21.79
CA ARG B 376 30.00 -18.04 -20.34
C ARG B 376 29.28 -19.14 -19.57
N ILE B 377 28.52 -19.99 -20.24
CA ILE B 377 27.95 -21.16 -19.59
C ILE B 377 28.59 -22.41 -20.16
N THR B 382 33.50 -19.56 -29.29
CA THR B 382 32.40 -19.39 -30.24
C THR B 382 32.85 -18.66 -31.49
N GLN B 383 32.34 -19.08 -32.64
CA GLN B 383 32.59 -18.39 -33.88
C GLN B 383 31.91 -17.01 -33.86
N PRO B 384 32.37 -16.09 -34.71
CA PRO B 384 31.71 -14.77 -34.75
C PRO B 384 30.25 -14.84 -35.14
N ASN B 385 29.86 -15.79 -35.99
CA ASN B 385 28.51 -15.93 -36.50
C ASN B 385 28.07 -17.38 -36.43
N GLY B 386 28.27 -18.01 -35.28
CA GLY B 386 27.91 -19.40 -35.13
C GLY B 386 28.49 -19.94 -33.84
N ILE B 387 28.44 -21.27 -33.70
CA ILE B 387 29.02 -21.93 -32.56
C ILE B 387 29.74 -23.19 -33.01
N TYR B 393 26.67 -27.91 -35.92
CA TYR B 393 27.13 -26.53 -35.99
C TYR B 393 25.97 -25.54 -36.09
N CYS B 394 25.53 -25.05 -34.94
CA CYS B 394 24.45 -24.07 -34.90
C CYS B 394 24.89 -22.77 -35.54
N GLN B 395 23.91 -21.95 -35.92
CA GLN B 395 24.17 -20.67 -36.57
C GLN B 395 23.31 -19.59 -35.94
N VAL B 396 23.79 -18.35 -36.02
CA VAL B 396 23.12 -17.20 -35.43
C VAL B 396 23.00 -16.12 -36.48
N GLY B 397 21.81 -15.53 -36.60
CA GLY B 397 21.57 -14.50 -37.60
C GLY B 397 20.61 -13.44 -37.10
N THR B 398 20.49 -12.39 -37.88
CA THR B 398 19.60 -11.27 -37.61
C THR B 398 18.59 -11.15 -38.73
N PHE B 399 17.31 -11.05 -38.38
CA PHE B 399 16.22 -10.98 -39.36
C PHE B 399 15.15 -10.03 -38.84
N PRO B 400 15.33 -8.72 -39.05
CA PRO B 400 14.33 -7.77 -38.54
C PRO B 400 12.97 -8.00 -39.17
N ILE B 401 11.93 -7.79 -38.37
CA ILE B 401 10.56 -8.09 -38.77
C ILE B 401 9.81 -6.79 -38.95
N GLY B 402 8.71 -6.87 -39.69
CA GLY B 402 7.87 -5.71 -39.95
C GLY B 402 6.40 -6.05 -40.03
N ILE B 403 5.62 -5.22 -40.72
CA ILE B 403 4.19 -5.38 -40.84
C ILE B 403 3.82 -5.34 -42.32
N ASP B 404 2.51 -5.35 -42.60
CA ASP B 404 2.00 -5.21 -43.94
C ASP B 404 1.39 -3.82 -44.12
N PRO B 405 2.18 -2.81 -44.48
CA PRO B 405 1.65 -1.44 -44.46
C PRO B 405 0.46 -1.23 -45.37
N ASN B 406 0.39 -1.92 -46.51
CA ASN B 406 -0.69 -1.68 -47.45
C ASN B 406 -2.04 -1.72 -46.75
N GLN B 407 -2.25 -2.70 -45.88
CA GLN B 407 -3.47 -2.78 -45.10
C GLN B 407 -3.89 -1.41 -44.59
N PHE B 408 -3.04 -0.79 -43.77
CA PHE B 408 -3.40 0.49 -43.19
C PHE B 408 -3.69 1.51 -44.27
N ILE B 409 -2.83 1.58 -45.30
CA ILE B 409 -3.11 2.48 -46.41
C ILE B 409 -4.45 2.15 -47.03
N GLU B 410 -4.67 0.87 -47.34
CA GLU B 410 -5.95 0.48 -47.94
C GLU B 410 -7.10 0.77 -46.99
N GLY B 411 -6.83 0.76 -45.68
CA GLY B 411 -7.90 1.05 -44.73
C GLY B 411 -8.23 2.51 -44.60
N LEU B 412 -7.31 3.39 -45.00
CA LEU B 412 -7.51 4.82 -44.80
C LEU B 412 -8.23 5.47 -45.97
N GLN B 413 -8.56 4.71 -47.01
CA GLN B 413 -9.37 5.16 -48.12
C GLN B 413 -10.76 4.53 -48.12
N LYS B 414 -11.10 3.80 -47.06
CA LYS B 414 -12.41 3.18 -46.96
C LYS B 414 -13.48 4.26 -46.71
N GLU B 415 -14.71 3.92 -47.07
CA GLU B 415 -15.82 4.86 -47.01
C GLU B 415 -16.42 5.07 -45.64
N SER B 416 -15.92 4.37 -44.62
CA SER B 416 -16.36 4.54 -43.25
C SER B 416 -15.30 5.13 -42.34
N ILE B 417 -14.06 4.67 -42.46
CA ILE B 417 -13.00 5.16 -41.59
C ILE B 417 -12.76 6.64 -41.81
N VAL B 418 -12.90 7.10 -43.05
CA VAL B 418 -12.66 8.51 -43.33
C VAL B 418 -13.69 9.38 -42.62
N LYS B 419 -14.94 8.92 -42.54
CA LYS B 419 -15.95 9.71 -41.84
C LYS B 419 -15.65 9.81 -40.36
N ARG B 420 -15.25 8.70 -39.74
CA ARG B 420 -14.91 8.75 -38.32
C ARG B 420 -13.70 9.65 -38.09
N LEU B 421 -12.71 9.57 -38.97
CA LEU B 421 -11.54 10.44 -38.83
C LEU B 421 -11.93 11.89 -38.97
N ARG B 422 -12.82 12.20 -39.92
CA ARG B 422 -13.26 13.59 -40.10
C ARG B 422 -14.00 14.08 -38.86
N SER B 423 -14.87 13.25 -38.30
CA SER B 423 -15.58 13.66 -37.09
C SER B 423 -14.62 13.89 -35.92
N LEU B 424 -13.66 12.97 -35.73
CA LEU B 424 -12.70 13.15 -34.65
C LEU B 424 -11.89 14.42 -34.84
N GLU B 425 -11.42 14.67 -36.06
CA GLU B 425 -10.64 15.88 -36.31
C GLU B 425 -11.49 17.13 -36.16
N ALA B 426 -12.80 17.01 -36.39
CA ALA B 426 -13.69 18.14 -36.08
C ALA B 426 -13.76 18.38 -34.58
N ARG B 427 -13.80 17.31 -33.78
CA ARG B 427 -13.83 17.47 -32.33
C ARG B 427 -12.56 18.14 -31.81
N PHE B 428 -11.40 17.74 -32.33
CA PHE B 428 -10.11 18.30 -31.90
C PHE B 428 -9.71 19.39 -32.89
N GLU B 429 -10.29 20.56 -32.73
CA GLU B 429 -9.96 21.71 -33.56
C GLU B 429 -9.06 22.64 -32.76
N GLY B 430 -7.89 22.94 -33.30
CA GLY B 430 -6.93 23.75 -32.58
C GLY B 430 -6.26 23.04 -31.44
N VAL B 431 -6.23 21.71 -31.48
CA VAL B 431 -5.63 20.88 -30.44
C VAL B 431 -4.70 19.89 -31.11
N LYS B 432 -3.52 19.70 -30.52
CA LYS B 432 -2.55 18.74 -31.02
C LYS B 432 -2.71 17.43 -30.26
N VAL B 433 -2.83 16.33 -30.99
CA VAL B 433 -3.15 15.05 -30.37
C VAL B 433 -1.95 14.11 -30.40
N ILE B 434 -1.16 14.10 -29.34
CA ILE B 434 -0.24 12.99 -29.13
C ILE B 434 -1.07 11.72 -29.01
N ILE B 435 -0.43 10.58 -29.21
CA ILE B 435 -1.11 9.29 -29.08
C ILE B 435 -0.10 8.24 -28.67
N GLY B 436 -0.44 7.47 -27.66
CA GLY B 436 0.38 6.32 -27.31
C GLY B 436 -0.47 5.09 -27.08
N VAL B 437 -0.28 4.07 -27.91
CA VAL B 437 -1.00 2.81 -27.78
C VAL B 437 -0.05 1.77 -27.21
N ASP B 438 -0.52 0.98 -26.27
CA ASP B 438 0.32 0.02 -25.58
C ASP B 438 -0.58 -0.99 -24.91
N ARG B 439 0.02 -2.07 -24.43
CA ARG B 439 -0.65 -3.01 -23.55
C ARG B 439 -0.21 -2.76 -22.12
N LEU B 440 -1.02 -3.18 -21.16
CA LEU B 440 -0.60 -3.02 -19.79
C LEU B 440 0.48 -4.04 -19.47
N ASP B 441 1.71 -3.72 -19.84
CA ASP B 441 2.86 -4.48 -19.40
C ASP B 441 3.79 -3.57 -18.65
N TYR B 442 4.45 -4.14 -17.65
CA TYR B 442 5.47 -3.41 -16.90
C TYR B 442 6.73 -3.15 -17.71
N ILE B 443 6.79 -3.63 -18.96
CA ILE B 443 7.92 -3.35 -19.83
C ILE B 443 7.68 -2.15 -20.75
N LYS B 444 6.48 -1.60 -20.77
CA LYS B 444 6.14 -0.52 -21.69
C LYS B 444 6.37 0.86 -21.11
N GLY B 445 6.70 0.97 -19.83
CA GLY B 445 7.04 2.28 -19.29
C GLY B 445 5.95 3.32 -19.47
N ILE B 446 4.69 2.95 -19.20
CA ILE B 446 3.62 3.93 -19.25
C ILE B 446 3.80 5.02 -18.21
N PRO B 447 4.10 4.71 -16.94
CA PRO B 447 4.34 5.79 -15.98
C PRO B 447 5.40 6.76 -16.43
N GLN B 448 6.37 6.32 -17.22
CA GLN B 448 7.35 7.25 -17.76
C GLN B 448 6.73 8.19 -18.77
N LYS B 449 5.83 7.69 -19.63
CA LYS B 449 5.07 8.59 -20.49
C LYS B 449 4.36 9.66 -19.69
N LEU B 450 3.62 9.23 -18.67
CA LEU B 450 2.78 10.18 -17.95
C LEU B 450 3.60 11.20 -17.18
N GLN B 451 4.69 10.76 -16.54
CA GLN B 451 5.55 11.73 -15.87
C GLN B 451 6.24 12.64 -16.86
N ALA B 452 6.56 12.16 -18.05
CA ALA B 452 7.12 13.05 -19.08
C ALA B 452 6.13 14.12 -19.48
N LEU B 453 4.86 13.73 -19.67
CA LEU B 453 3.84 14.74 -20.01
C LEU B 453 3.68 15.74 -18.87
N GLU B 454 3.68 15.27 -17.64
CA GLU B 454 3.56 16.19 -16.51
C GLU B 454 4.71 17.18 -16.51
N THR B 455 5.93 16.73 -16.76
CA THR B 455 7.06 17.65 -16.85
C THR B 455 6.89 18.62 -18.01
N PHE B 456 6.45 18.12 -19.16
CA PHE B 456 6.32 18.99 -20.33
C PHE B 456 5.33 20.11 -20.06
N LEU B 457 4.21 19.80 -19.42
CA LEU B 457 3.22 20.82 -19.14
C LEU B 457 3.62 21.71 -17.97
N THR B 458 4.36 21.18 -17.00
CA THR B 458 4.84 22.04 -15.92
C THR B 458 5.85 23.06 -16.42
N GLN B 459 6.59 22.72 -17.48
CA GLN B 459 7.60 23.63 -18.00
C GLN B 459 7.04 24.61 -19.03
N HIS B 460 5.95 24.26 -19.71
CA HIS B 460 5.41 25.05 -20.82
C HIS B 460 3.94 25.36 -20.55
N PRO B 461 3.66 26.34 -19.69
CA PRO B 461 2.25 26.66 -19.39
C PRO B 461 1.48 27.14 -20.59
N GLU B 462 2.14 27.60 -21.65
CA GLU B 462 1.43 28.09 -22.82
C GLU B 462 0.69 26.98 -23.55
N TRP B 463 1.01 25.71 -23.27
CA TRP B 463 0.44 24.59 -24.00
C TRP B 463 -0.64 23.87 -23.21
N ILE B 464 -1.04 24.37 -22.05
CA ILE B 464 -2.06 23.70 -21.25
C ILE B 464 -3.41 23.90 -21.94
N GLY B 465 -4.05 22.80 -22.31
CA GLY B 465 -5.33 22.84 -22.98
C GLY B 465 -5.26 22.66 -24.47
N LYS B 466 -4.07 22.67 -25.06
CA LYS B 466 -3.91 22.50 -26.50
C LYS B 466 -3.30 21.17 -26.90
N VAL B 467 -2.72 20.42 -25.97
CA VAL B 467 -2.19 19.09 -26.24
C VAL B 467 -2.96 18.09 -25.41
N VAL B 468 -3.41 17.01 -26.04
CA VAL B 468 -4.18 15.98 -25.38
C VAL B 468 -3.53 14.64 -25.72
N LEU B 469 -3.22 13.85 -24.70
CA LEU B 469 -2.51 12.60 -24.87
C LEU B 469 -3.51 11.45 -24.88
N VAL B 470 -3.92 11.01 -26.06
CA VAL B 470 -4.92 9.95 -26.14
C VAL B 470 -4.24 8.62 -25.88
N GLN B 471 -4.14 8.22 -24.62
CA GLN B 471 -3.53 6.96 -24.26
C GLN B 471 -4.51 5.83 -24.46
N LEU B 472 -4.00 4.66 -24.79
CA LEU B 472 -4.81 3.46 -24.90
C LEU B 472 -4.01 2.30 -24.34
N ALA B 473 -4.62 1.50 -23.49
CA ALA B 473 -3.91 0.44 -22.77
C ALA B 473 -4.70 -0.85 -22.91
N ILE B 474 -4.40 -1.63 -23.95
CA ILE B 474 -5.13 -2.89 -24.13
C ILE B 474 -4.91 -3.75 -22.91
N PRO B 475 -5.88 -4.59 -22.50
CA PRO B 475 -5.59 -5.52 -21.41
C PRO B 475 -4.62 -6.62 -21.84
N TYR B 483 0.44 -7.00 -12.81
CA TYR B 483 -0.65 -6.46 -13.62
C TYR B 483 -1.84 -6.11 -12.76
N GLN B 484 -1.63 -5.98 -11.46
CA GLN B 484 -2.69 -5.56 -10.55
C GLN B 484 -2.16 -4.49 -9.61
N ASP B 485 -0.86 -4.49 -9.35
CA ASP B 485 -0.21 -3.39 -8.67
C ASP B 485 0.38 -2.38 -9.65
N LEU B 486 0.38 -2.69 -10.93
CA LEU B 486 0.75 -1.73 -11.98
C LEU B 486 -0.46 -0.91 -12.39
N ARG B 487 -1.57 -1.59 -12.68
CA ARG B 487 -2.79 -0.90 -13.05
C ARG B 487 -3.12 0.19 -12.05
N ALA B 488 -2.89 -0.08 -10.75
CA ALA B 488 -3.14 0.93 -9.74
C ALA B 488 -2.21 2.13 -9.92
N CYS B 489 -0.94 1.90 -10.24
CA CYS B 489 -0.02 3.01 -10.42
C CYS B 489 -0.38 3.85 -11.64
N VAL B 490 -0.78 3.20 -12.73
CA VAL B 490 -1.19 3.93 -13.92
C VAL B 490 -2.46 4.73 -13.64
N ASN B 491 -3.42 4.13 -12.96
CA ASN B 491 -4.64 4.85 -12.61
C ASN B 491 -4.34 6.05 -11.75
N GLU B 492 -3.47 5.90 -10.76
CA GLU B 492 -3.14 7.01 -9.88
C GLU B 492 -2.45 8.13 -10.64
N LEU B 493 -1.53 7.79 -11.55
CA LEU B 493 -0.87 8.84 -12.32
C LEU B 493 -1.85 9.58 -13.21
N VAL B 494 -2.73 8.84 -13.90
CA VAL B 494 -3.72 9.50 -14.74
C VAL B 494 -4.58 10.44 -13.91
N GLY B 495 -5.06 9.96 -12.76
CA GLY B 495 -5.90 10.79 -11.92
C GLY B 495 -5.18 12.03 -11.45
N ARG B 496 -3.94 11.88 -10.99
CA ARG B 496 -3.22 13.02 -10.45
C ARG B 496 -2.94 14.06 -11.52
N ILE B 497 -2.54 13.63 -12.71
CA ILE B 497 -2.23 14.60 -13.76
C ILE B 497 -3.50 15.30 -14.22
N ASN B 498 -4.59 14.55 -14.44
CA ASN B 498 -5.84 15.19 -14.82
C ASN B 498 -6.28 16.18 -13.75
N GLY B 499 -6.10 15.84 -12.48
CA GLY B 499 -6.51 16.76 -11.42
C GLY B 499 -5.67 18.02 -11.39
N ARG B 500 -4.35 17.88 -11.54
CA ARG B 500 -3.49 19.06 -11.47
C ARG B 500 -3.74 19.99 -12.64
N PHE B 501 -3.80 19.45 -13.86
CA PHE B 501 -3.91 20.27 -15.07
C PHE B 501 -5.31 20.29 -15.66
N GLY B 502 -6.30 19.80 -14.93
CA GLY B 502 -7.64 19.76 -15.45
C GLY B 502 -8.29 21.12 -15.47
N THR B 503 -9.50 21.15 -16.03
CA THR B 503 -10.29 22.37 -16.11
C THR B 503 -11.72 21.96 -16.45
N VAL B 504 -12.64 22.92 -16.39
CA VAL B 504 -14.05 22.60 -16.52
C VAL B 504 -14.37 21.94 -17.85
N GLU B 505 -13.54 22.12 -18.88
CA GLU B 505 -13.85 21.56 -20.19
C GLU B 505 -12.65 20.96 -20.92
N SER B 506 -11.50 20.83 -20.28
CA SER B 506 -10.32 20.24 -20.91
C SER B 506 -9.72 19.20 -19.98
N VAL B 507 -9.26 18.09 -20.57
CA VAL B 507 -8.65 17.00 -19.83
C VAL B 507 -7.36 16.61 -20.54
N PRO B 508 -6.19 16.74 -19.91
CA PRO B 508 -4.95 16.41 -20.63
C PRO B 508 -4.87 15.00 -21.16
N ILE B 509 -5.33 14.00 -20.41
CA ILE B 509 -5.11 12.60 -20.73
C ILE B 509 -6.46 11.95 -20.96
N HIS B 510 -6.67 11.40 -22.15
CA HIS B 510 -7.88 10.64 -22.46
C HIS B 510 -7.63 9.15 -22.28
N TYR B 511 -7.19 8.77 -21.08
CA TYR B 511 -6.83 7.40 -20.80
C TYR B 511 -7.99 6.47 -21.11
N MET B 512 -7.69 5.36 -21.77
CA MET B 512 -8.67 4.34 -22.13
C MET B 512 -8.11 2.99 -21.75
N HIS B 513 -8.99 2.04 -21.47
CA HIS B 513 -8.54 0.71 -21.03
C HIS B 513 -9.38 -0.36 -21.69
N LYS B 514 -9.53 -0.27 -23.01
CA LYS B 514 -10.30 -1.24 -23.77
C LYS B 514 -9.52 -1.61 -25.03
N SER B 515 -9.89 -2.75 -25.61
CA SER B 515 -9.28 -3.22 -26.85
C SER B 515 -10.13 -2.74 -28.02
N VAL B 516 -9.64 -1.73 -28.72
CA VAL B 516 -10.38 -1.11 -29.82
C VAL B 516 -10.30 -2.00 -31.05
N PRO B 517 -11.31 -2.00 -31.92
CA PRO B 517 -11.23 -2.78 -33.16
C PRO B 517 -10.31 -2.14 -34.17
N PHE B 518 -10.20 -2.72 -35.36
CA PHE B 518 -9.26 -2.21 -36.36
C PHE B 518 -9.65 -0.82 -36.83
N GLU B 519 -10.94 -0.56 -37.06
CA GLU B 519 -11.35 0.70 -37.66
C GLU B 519 -11.05 1.88 -36.74
N GLU B 520 -11.50 1.81 -35.49
CA GLU B 520 -11.22 2.89 -34.56
C GLU B 520 -9.72 3.06 -34.38
N LEU B 521 -8.98 1.94 -34.38
CA LEU B 521 -7.53 2.02 -34.22
C LEU B 521 -6.91 2.83 -35.35
N THR B 522 -7.24 2.50 -36.60
CA THR B 522 -6.63 3.21 -37.72
C THR B 522 -7.08 4.66 -37.76
N ALA B 523 -8.33 4.94 -37.38
CA ALA B 523 -8.77 6.33 -37.31
C ALA B 523 -7.94 7.12 -36.31
N MET B 524 -7.75 6.56 -35.12
CA MET B 524 -6.93 7.25 -34.11
C MET B 524 -5.51 7.42 -34.59
N TYR B 525 -4.95 6.41 -35.25
CA TYR B 525 -3.59 6.53 -35.76
C TYR B 525 -3.47 7.67 -36.75
N ALA B 526 -4.40 7.75 -37.70
CA ALA B 526 -4.34 8.81 -38.70
C ALA B 526 -4.57 10.18 -38.09
N LEU B 527 -5.34 10.26 -37.02
CA LEU B 527 -5.57 11.54 -36.36
C LEU B 527 -4.34 12.02 -35.62
N ALA B 528 -3.59 11.12 -35.00
CA ALA B 528 -2.49 11.50 -34.12
C ALA B 528 -1.48 12.41 -34.77
N ASP B 529 -0.95 13.31 -34.00
CA ASP B 529 -0.01 14.20 -34.55
C ASP B 529 1.42 13.93 -34.14
N ALA B 530 1.69 13.08 -33.17
CA ALA B 530 3.04 12.74 -32.78
C ALA B 530 2.91 11.56 -31.96
N CYS B 531 3.43 10.41 -32.29
CA CYS B 531 3.29 9.25 -31.42
C CYS B 531 4.32 9.25 -30.35
N LEU B 532 4.17 8.43 -29.32
CA LEU B 532 5.05 8.41 -28.16
C LEU B 532 5.19 6.96 -27.71
N VAL B 533 6.32 6.35 -28.06
CA VAL B 533 6.64 4.98 -27.69
C VAL B 533 7.78 5.04 -26.69
N THR B 534 7.47 4.83 -25.42
CA THR B 534 8.43 4.92 -24.33
C THR B 534 8.61 3.58 -23.66
N SER B 535 8.77 2.54 -24.46
CA SER B 535 9.03 1.21 -23.94
C SER B 535 10.48 1.11 -23.47
N THR B 536 10.68 0.58 -22.27
CA THR B 536 12.03 0.48 -21.71
C THR B 536 12.80 -0.68 -22.33
N ARG B 537 12.13 -1.79 -22.62
CA ARG B 537 12.73 -2.88 -23.38
C ARG B 537 11.64 -3.54 -24.20
N ASP B 538 11.94 -3.87 -25.45
CA ASP B 538 10.95 -4.54 -26.27
C ASP B 538 11.63 -5.18 -27.46
N GLY B 539 11.16 -6.37 -27.82
CA GLY B 539 11.74 -7.11 -28.93
C GLY B 539 11.68 -6.32 -30.20
N MET B 540 10.47 -6.12 -30.72
CA MET B 540 10.24 -5.23 -31.84
C MET B 540 8.96 -4.46 -31.58
N ASN B 541 9.03 -3.15 -31.76
CA ASN B 541 7.88 -2.27 -31.53
C ASN B 541 7.09 -2.20 -32.83
N LEU B 542 5.97 -2.91 -32.88
CA LEU B 542 5.14 -2.89 -34.07
C LEU B 542 4.15 -1.73 -34.08
N VAL B 543 3.99 -1.01 -32.97
CA VAL B 543 3.12 0.16 -32.99
C VAL B 543 3.72 1.25 -33.84
N ALA B 544 5.06 1.39 -33.82
CA ALA B 544 5.69 2.42 -34.63
C ALA B 544 5.44 2.20 -36.11
N TYR B 545 5.57 0.97 -36.58
CA TYR B 545 5.35 0.71 -38.00
C TYR B 545 3.92 1.00 -38.40
N GLU B 546 2.97 0.55 -37.57
CA GLU B 546 1.56 0.76 -37.90
C GLU B 546 1.22 2.24 -37.90
N TYR B 547 1.72 2.99 -36.93
CA TYR B 547 1.47 4.43 -36.92
C TYR B 547 2.08 5.10 -38.14
N ILE B 548 3.32 4.78 -38.48
CA ILE B 548 3.99 5.45 -39.59
C ILE B 548 3.35 5.10 -40.92
N SER B 549 2.82 3.88 -41.06
CA SER B 549 2.12 3.54 -42.29
C SER B 549 0.84 4.33 -42.48
N SER B 550 0.29 4.90 -41.42
CA SER B 550 -1.01 5.57 -41.44
C SER B 550 -0.86 7.08 -41.30
N GLN B 551 0.14 7.67 -41.95
CA GLN B 551 0.37 9.10 -41.83
C GLN B 551 0.71 9.71 -43.18
N ALA B 552 0.19 9.15 -44.27
CA ALA B 552 0.56 9.64 -45.58
C ALA B 552 0.14 11.10 -45.78
N GLU B 553 -0.92 11.53 -45.10
CA GLU B 553 -1.49 12.86 -45.32
C GLU B 553 -1.14 13.86 -44.23
N ARG B 554 -0.91 13.41 -43.00
CA ARG B 554 -0.62 14.32 -41.89
C ARG B 554 0.86 14.50 -41.62
N HIS B 555 1.69 13.48 -41.86
CA HIS B 555 3.12 13.56 -41.65
C HIS B 555 3.44 13.86 -40.19
N GLY B 556 3.10 12.93 -39.31
CA GLY B 556 3.38 13.10 -37.90
C GLY B 556 4.81 12.74 -37.54
N SER B 557 5.13 12.95 -36.27
CA SER B 557 6.44 12.61 -35.75
C SER B 557 6.42 11.22 -35.13
N MET B 558 7.56 10.80 -34.58
CA MET B 558 7.67 9.47 -33.97
C MET B 558 8.76 9.57 -32.91
N ILE B 559 8.36 9.72 -31.66
CA ILE B 559 9.28 9.73 -30.54
C ILE B 559 9.45 8.28 -30.08
N LEU B 560 10.67 7.77 -30.21
CA LEU B 560 10.96 6.36 -29.97
C LEU B 560 12.13 6.24 -29.01
N SER B 561 12.04 5.28 -28.09
CA SER B 561 13.08 5.10 -27.10
C SER B 561 14.30 4.41 -27.71
N GLU B 562 15.47 4.66 -27.13
CA GLU B 562 16.68 4.02 -27.62
C GLU B 562 16.69 2.52 -27.42
N PHE B 563 15.95 2.02 -26.43
CA PHE B 563 15.96 0.61 -26.07
C PHE B 563 14.89 -0.20 -26.78
N ALA B 564 13.97 0.43 -27.48
CA ALA B 564 12.87 -0.29 -28.09
C ALA B 564 13.25 -0.98 -29.38
N GLY B 565 13.38 -2.30 -29.34
CA GLY B 565 13.68 -3.09 -30.53
C GLY B 565 14.73 -2.47 -31.42
N ALA B 566 14.52 -2.55 -32.72
CA ALA B 566 15.42 -1.94 -33.66
C ALA B 566 15.23 -0.44 -33.73
N ALA B 567 15.31 0.22 -32.58
CA ALA B 567 15.09 1.65 -32.49
C ALA B 567 16.25 2.50 -32.93
N GLN B 568 17.35 1.90 -33.34
CA GLN B 568 18.50 2.62 -33.87
C GLN B 568 18.59 2.56 -35.39
N SER B 569 17.69 1.83 -36.04
CA SER B 569 17.65 1.76 -37.50
C SER B 569 16.64 2.70 -38.13
N PHE B 570 15.96 3.52 -37.31
CA PHE B 570 15.18 4.64 -37.82
C PHE B 570 16.05 5.86 -38.03
N ASN B 571 15.90 6.49 -39.19
CA ASN B 571 16.56 7.74 -39.49
C ASN B 571 15.65 8.95 -39.31
N GLY B 572 14.41 8.74 -38.91
CA GLY B 572 13.48 9.85 -38.75
C GLY B 572 13.02 10.06 -37.33
N SER B 573 12.93 8.99 -36.55
CA SER B 573 12.41 9.10 -35.20
C SER B 573 13.30 9.99 -34.36
N LEU B 574 12.72 10.54 -33.30
CA LEU B 574 13.46 11.34 -32.32
C LEU B 574 13.76 10.42 -31.14
N LEU B 575 15.01 9.98 -31.04
CA LEU B 575 15.38 9.05 -29.99
C LEU B 575 15.26 9.72 -28.62
N ILE B 576 14.80 8.97 -27.63
CA ILE B 576 14.68 9.46 -26.27
C ILE B 576 15.15 8.37 -25.31
N ASN B 577 15.27 8.76 -24.05
CA ASN B 577 15.64 7.86 -22.96
C ASN B 577 14.46 7.72 -22.01
N PRO B 578 13.79 6.56 -21.95
CA PRO B 578 12.62 6.47 -21.07
C PRO B 578 12.91 6.80 -19.63
N TRP B 579 14.09 6.49 -19.12
CA TRP B 579 14.42 6.73 -17.73
C TRP B 579 14.77 8.18 -17.44
N ASP B 580 14.97 9.00 -18.46
CA ASP B 580 15.30 10.42 -18.28
C ASP B 580 14.08 11.24 -18.70
N VAL B 581 13.42 11.87 -17.73
CA VAL B 581 12.16 12.55 -18.01
C VAL B 581 12.40 13.77 -18.88
N GLN B 582 13.39 14.60 -18.53
CA GLN B 582 13.61 15.82 -19.28
C GLN B 582 13.86 15.54 -20.76
N SER B 583 14.48 14.39 -21.07
CA SER B 583 14.68 14.03 -22.46
C SER B 583 13.35 13.83 -23.18
N THR B 584 12.41 13.13 -22.54
CA THR B 584 11.11 12.93 -23.16
C THR B 584 10.34 14.25 -23.28
N ALA B 585 10.46 15.11 -22.28
CA ALA B 585 9.79 16.41 -22.39
C ALA B 585 10.33 17.22 -23.55
N ASP B 586 11.65 17.24 -23.72
CA ASP B 586 12.24 17.95 -24.85
C ASP B 586 11.81 17.34 -26.16
N ALA B 587 11.75 16.01 -26.24
CA ALA B 587 11.33 15.37 -27.46
C ALA B 587 9.89 15.74 -27.81
N ILE B 588 9.00 15.75 -26.82
CA ILE B 588 7.61 16.11 -27.08
C ILE B 588 7.53 17.55 -27.57
N ASN B 589 8.23 18.46 -26.92
CA ASN B 589 8.18 19.86 -27.34
C ASN B 589 8.69 20.01 -28.77
N GLN B 590 9.81 19.38 -29.09
CA GLN B 590 10.37 19.49 -30.43
C GLN B 590 9.41 18.88 -31.46
N ALA B 591 8.78 17.77 -31.12
CA ALA B 591 7.83 17.17 -32.06
C ALA B 591 6.67 18.10 -32.33
N LEU B 592 6.18 18.79 -31.29
CA LEU B 592 5.04 19.68 -31.48
C LEU B 592 5.40 21.03 -32.08
N THR B 593 6.69 21.38 -32.14
CA THR B 593 7.05 22.65 -32.76
C THR B 593 7.96 22.44 -33.98
N LEU B 594 7.61 21.48 -34.83
CA LEU B 594 8.37 21.21 -36.05
C LEU B 594 7.64 21.80 -37.25
N SER B 595 8.40 22.38 -38.17
CA SER B 595 7.82 22.97 -39.36
C SER B 595 7.36 21.87 -40.32
N PRO B 596 6.45 22.18 -41.23
CA PRO B 596 5.94 21.14 -42.14
C PRO B 596 7.01 20.45 -42.98
N GLN B 597 8.00 21.19 -43.47
CA GLN B 597 8.98 20.59 -44.38
C GLN B 597 9.83 19.53 -43.68
N GLN B 598 10.29 19.83 -42.46
CA GLN B 598 11.05 18.84 -41.71
C GLN B 598 10.22 17.60 -41.46
N ARG B 599 8.95 17.79 -41.12
CA ARG B 599 8.06 16.65 -40.95
C ARG B 599 7.99 15.83 -42.23
N LYS B 600 7.91 16.50 -43.38
CA LYS B 600 7.81 15.77 -44.64
C LYS B 600 9.05 14.93 -44.88
N THR B 601 10.23 15.52 -44.69
CA THR B 601 11.46 14.77 -44.95
C THR B 601 11.58 13.58 -44.00
N ASN B 602 11.34 13.81 -42.71
CA ASN B 602 11.46 12.75 -41.74
C ASN B 602 10.47 11.62 -42.03
N TRP B 603 9.23 11.97 -42.36
CA TRP B 603 8.29 10.91 -42.67
C TRP B 603 8.68 10.17 -43.94
N GLN B 604 9.27 10.85 -44.92
CA GLN B 604 9.71 10.13 -46.10
C GLN B 604 10.76 9.10 -45.74
N LYS B 605 11.72 9.47 -44.89
CA LYS B 605 12.72 8.50 -44.43
C LYS B 605 12.06 7.33 -43.73
N LEU B 606 11.17 7.62 -42.79
CA LEU B 606 10.57 6.56 -41.98
C LEU B 606 9.75 5.62 -42.85
N PHE B 607 9.01 6.15 -43.82
CA PHE B 607 8.22 5.27 -44.67
C PHE B 607 9.10 4.46 -45.60
N ASN B 608 10.17 5.05 -46.12
CA ASN B 608 11.09 4.26 -46.92
C ASN B 608 11.55 3.04 -46.14
N TYR B 609 11.99 3.25 -44.89
CA TYR B 609 12.37 2.11 -44.06
C TYR B 609 11.20 1.13 -43.92
N VAL B 610 10.10 1.58 -43.32
CA VAL B 610 9.00 0.69 -42.98
C VAL B 610 8.45 -0.04 -44.19
N SER B 611 8.73 0.44 -45.40
CA SER B 611 8.34 -0.28 -46.60
C SER B 611 9.45 -1.17 -47.14
N LYS B 612 10.69 -0.95 -46.73
CA LYS B 612 11.76 -1.87 -47.12
C LYS B 612 11.63 -3.22 -46.42
N TYR B 613 11.41 -3.20 -45.11
CA TYR B 613 11.39 -4.41 -44.28
C TYR B 613 9.96 -4.71 -43.84
N THR B 614 9.25 -5.45 -44.67
CA THR B 614 7.90 -5.88 -44.36
C THR B 614 7.91 -7.31 -43.82
N ALA B 615 6.75 -7.76 -43.36
CA ALA B 615 6.66 -9.10 -42.80
C ALA B 615 6.99 -10.16 -43.85
N GLU B 616 6.50 -9.96 -45.08
CA GLU B 616 6.77 -10.92 -46.13
C GLU B 616 8.27 -11.05 -46.40
N ALA B 617 8.98 -9.92 -46.43
CA ALA B 617 10.42 -9.97 -46.62
C ALA B 617 11.10 -10.73 -45.51
N TRP B 618 10.68 -10.52 -44.26
CA TRP B 618 11.28 -11.21 -43.14
C TRP B 618 11.07 -12.72 -43.24
N GLY B 619 9.84 -13.14 -43.50
CA GLY B 619 9.58 -14.56 -43.62
C GLY B 619 10.37 -15.20 -44.74
N VAL B 620 10.38 -14.56 -45.91
CA VAL B 620 11.10 -15.13 -47.05
C VAL B 620 12.59 -15.20 -46.76
N SER B 621 13.16 -14.14 -46.17
CA SER B 621 14.59 -14.15 -45.90
C SER B 621 14.95 -15.23 -44.90
N PHE B 622 14.15 -15.41 -43.86
CA PHE B 622 14.45 -16.45 -42.88
C PHE B 622 14.36 -17.83 -43.49
N VAL B 623 13.32 -18.08 -44.30
CA VAL B 623 13.20 -19.40 -44.91
C VAL B 623 14.33 -19.65 -45.90
N ASN B 624 14.77 -18.60 -46.60
CA ASN B 624 15.91 -18.74 -47.50
C ASN B 624 17.19 -19.08 -46.75
N GLU B 625 17.45 -18.36 -45.65
CA GLU B 625 18.66 -18.63 -44.89
C GLU B 625 18.63 -20.04 -44.29
N LEU B 626 17.45 -20.49 -43.87
CA LEU B 626 17.33 -21.85 -43.36
C LEU B 626 17.49 -22.88 -44.46
N ASN B 627 17.06 -22.55 -45.68
CA ASN B 627 17.17 -23.51 -46.78
C ASN B 627 18.63 -23.83 -47.10
N ARG B 628 19.49 -22.83 -47.08
CA ARG B 628 20.90 -23.02 -47.39
C ARG B 628 21.66 -23.50 -46.15
N LEU C 83 -20.91 43.87 21.81
CA LEU C 83 -20.44 42.56 22.26
C LEU C 83 -19.01 42.33 21.81
N ILE C 84 -18.50 41.13 22.12
CA ILE C 84 -17.16 40.71 21.77
C ILE C 84 -17.26 39.33 21.14
N VAL C 85 -16.62 39.14 20.00
CA VAL C 85 -16.65 37.87 19.28
C VAL C 85 -15.24 37.34 19.18
N VAL C 86 -15.06 36.06 19.53
CA VAL C 86 -13.75 35.45 19.59
C VAL C 86 -13.73 34.25 18.64
N SER C 87 -12.69 34.16 17.82
CA SER C 87 -12.57 33.05 16.89
C SER C 87 -11.12 32.65 16.73
N ASN C 88 -10.93 31.51 16.08
CA ASN C 88 -9.59 31.02 15.80
C ASN C 88 -8.79 32.01 14.98
N ARG C 89 -9.20 32.23 13.72
CA ARG C 89 -8.54 33.20 12.87
C ARG C 89 -9.18 34.57 12.96
N LEU C 90 -8.58 35.52 12.26
CA LEU C 90 -9.01 36.91 12.30
C LEU C 90 -9.14 37.45 10.88
N PRO C 91 -10.12 38.32 10.67
CA PRO C 91 -10.31 38.93 9.37
C PRO C 91 -9.32 40.04 9.07
N THR C 125 -16.08 44.56 19.10
CA THR C 125 -14.68 44.17 18.92
C THR C 125 -14.58 42.71 18.52
N TRP C 126 -13.53 42.37 17.80
CA TRP C 126 -13.29 41.00 17.34
C TRP C 126 -11.87 40.60 17.73
N ILE C 127 -11.74 39.45 18.39
CA ILE C 127 -10.47 38.98 18.92
C ILE C 127 -10.08 37.71 18.20
N GLY C 128 -8.80 37.61 17.84
CA GLY C 128 -8.35 36.46 17.09
C GLY C 128 -6.84 36.40 17.02
N TRP C 129 -6.36 35.52 16.16
CA TRP C 129 -4.93 35.30 15.97
C TRP C 129 -4.56 35.57 14.52
N PRO C 130 -3.76 36.59 14.21
CA PRO C 130 -3.41 36.81 12.80
C PRO C 130 -2.77 35.56 12.20
N GLY C 131 -2.65 35.58 10.88
CA GLY C 131 -2.21 34.39 10.17
C GLY C 131 -0.83 33.92 10.60
N LYS C 132 0.12 34.85 10.69
CA LYS C 132 1.51 34.51 10.98
C LYS C 132 2.03 35.34 12.14
N ASP C 133 2.92 34.74 12.92
CA ASP C 133 3.47 35.39 14.10
C ASP C 133 4.34 36.55 13.66
N ILE C 134 3.80 37.76 13.75
CA ILE C 134 4.51 38.96 13.31
C ILE C 134 5.69 39.22 14.23
N PRO C 135 6.78 39.82 13.74
CA PRO C 135 7.90 40.13 14.63
C PRO C 135 7.48 41.09 15.73
N MET C 136 8.12 40.95 16.89
CA MET C 136 7.68 41.68 18.07
C MET C 136 7.68 43.18 17.83
N GLN C 137 8.65 43.68 17.07
CA GLN C 137 8.85 45.13 16.97
C GLN C 137 7.56 45.84 16.57
N ASP C 138 6.88 45.34 15.55
CA ASP C 138 5.69 46.01 15.04
C ASP C 138 4.45 45.78 15.92
N ARG C 139 4.47 44.76 16.77
CA ARG C 139 3.24 44.29 17.39
C ARG C 139 2.37 45.42 17.90
N GLU C 140 2.85 46.18 18.89
CA GLU C 140 2.00 47.21 19.48
C GLU C 140 1.51 48.18 18.42
N THR C 141 2.42 48.67 17.58
CA THR C 141 2.01 49.57 16.51
C THR C 141 0.91 48.94 15.67
N VAL C 142 1.10 47.67 15.28
CA VAL C 142 0.08 46.98 14.49
C VAL C 142 -1.25 47.03 15.22
N ASN C 143 -1.24 46.77 16.52
CA ASN C 143 -2.49 46.81 17.27
C ASN C 143 -3.15 48.18 17.14
N ARG C 144 -2.36 49.25 17.25
CA ARG C 144 -2.95 50.58 17.18
C ARG C 144 -3.69 50.80 15.87
N ARG C 145 -3.31 50.07 14.81
CA ARG C 145 -4.12 50.09 13.59
C ARG C 145 -5.40 49.29 13.80
N LEU C 146 -5.27 48.00 14.11
CA LEU C 146 -6.45 47.15 14.22
C LEU C 146 -7.42 47.69 15.26
N LEU C 147 -6.92 48.11 16.41
CA LEU C 147 -7.79 48.63 17.46
C LEU C 147 -8.63 49.79 16.95
N ASP C 148 -8.11 50.56 15.99
CA ASP C 148 -8.75 51.78 15.52
C ASP C 148 -9.30 51.64 14.11
N GLU C 149 -8.45 51.28 13.14
CA GLU C 149 -8.92 51.19 11.76
C GLU C 149 -10.02 50.15 11.62
N TYR C 150 -9.86 49.00 12.26
CA TYR C 150 -10.83 47.90 12.15
C TYR C 150 -11.55 47.69 13.48
N TYR C 153 -8.41 43.23 17.58
CA TYR C 153 -7.65 42.93 18.79
C TYR C 153 -6.87 41.65 18.57
N PRO C 154 -5.63 41.74 18.12
CA PRO C 154 -4.87 40.53 17.79
C PRO C 154 -4.45 39.77 19.03
N VAL C 155 -4.30 38.47 18.87
CA VAL C 155 -3.76 37.57 19.88
C VAL C 155 -2.64 36.77 19.24
N TYR C 156 -1.43 36.93 19.76
CA TYR C 156 -0.24 36.37 19.13
C TYR C 156 0.11 35.05 19.82
N LEU C 157 0.14 33.97 19.05
CA LEU C 157 0.56 32.66 19.53
C LEU C 157 1.97 32.44 18.98
N SER C 158 2.96 32.91 19.73
CA SER C 158 4.32 32.99 19.22
C SER C 158 4.91 31.61 18.96
N ASP C 159 5.81 31.56 17.99
CA ASP C 159 6.70 30.43 17.78
C ASP C 159 5.92 29.12 17.67
N GLU C 160 5.12 29.03 16.61
CA GLU C 160 4.44 27.79 16.23
C GLU C 160 3.84 27.06 17.42
N LEU C 161 3.47 27.80 18.48
CA LEU C 161 2.63 27.20 19.50
C LEU C 161 1.27 26.86 18.93
N ALA C 162 0.82 27.60 17.93
CA ALA C 162 -0.47 27.39 17.30
C ALA C 162 -0.36 26.59 16.01
N ASP C 163 0.57 26.97 15.14
CA ASP C 163 0.60 26.42 13.79
C ASP C 163 0.64 24.90 13.79
N SER C 164 1.22 24.29 14.82
CA SER C 164 1.38 22.85 14.82
C SER C 164 1.09 22.21 16.17
N HIS C 165 0.54 22.95 17.14
CA HIS C 165 0.26 22.37 18.43
C HIS C 165 -1.16 22.68 18.86
N TYR C 166 -1.73 23.76 18.34
CA TYR C 166 -3.12 24.12 18.60
C TYR C 166 -4.02 23.61 17.48
N ASN C 167 -3.78 24.07 16.25
CA ASN C 167 -4.52 23.57 15.10
C ASN C 167 -4.24 22.09 14.88
N GLY C 168 -3.07 21.60 15.28
CA GLY C 168 -2.80 20.17 15.19
C GLY C 168 -3.73 19.35 16.07
N PHE C 169 -3.89 19.76 17.33
CA PHE C 169 -4.83 19.05 18.21
C PHE C 169 -6.26 19.21 17.72
N SER C 170 -6.65 20.43 17.34
CA SER C 170 -8.03 20.64 16.94
C SER C 170 -8.39 19.84 15.70
N ASN C 171 -7.51 19.82 14.70
CA ASN C 171 -7.81 19.18 13.43
C ASN C 171 -7.39 17.72 13.38
N SER C 172 -6.72 17.19 14.41
CA SER C 172 -6.36 15.79 14.41
C SER C 172 -7.07 14.97 15.48
N ILE C 173 -7.69 15.59 16.48
CA ILE C 173 -8.33 14.85 17.56
C ILE C 173 -9.79 15.24 17.68
N LEU C 174 -10.08 16.54 17.81
CA LEU C 174 -11.47 16.95 17.99
C LEU C 174 -12.25 16.85 16.68
N TRP C 175 -11.65 17.30 15.58
CA TRP C 175 -12.36 17.26 14.30
C TRP C 175 -12.70 15.85 13.85
N PRO C 176 -11.78 14.89 13.81
CA PRO C 176 -12.15 13.54 13.39
C PRO C 176 -13.04 12.83 14.37
N LEU C 177 -13.15 13.29 15.61
CA LEU C 177 -14.00 12.62 16.58
C LEU C 177 -15.43 13.15 16.56
N PHE C 178 -15.60 14.46 16.36
CA PHE C 178 -16.93 15.02 16.30
C PHE C 178 -17.69 14.60 15.05
N HIS C 179 -17.02 13.98 14.09
CA HIS C 179 -17.66 13.51 12.86
C HIS C 179 -17.73 11.99 12.80
N TYR C 180 -17.70 11.32 13.95
CA TYR C 180 -17.84 9.87 14.02
C TYR C 180 -16.74 9.17 13.24
N HIS C 181 -15.51 9.70 13.33
CA HIS C 181 -14.34 9.12 12.70
C HIS C 181 -13.24 8.98 13.73
N PRO C 182 -13.41 8.07 14.70
CA PRO C 182 -12.35 7.90 15.70
C PRO C 182 -11.17 7.12 15.19
N GLY C 183 -11.34 6.32 14.13
CA GLY C 183 -10.21 5.59 13.59
C GLY C 183 -9.14 6.51 13.03
N GLU C 184 -9.54 7.62 12.45
CA GLU C 184 -8.63 8.61 11.88
C GLU C 184 -8.18 9.64 12.91
N MET C 185 -8.26 9.32 14.20
CA MET C 185 -7.84 10.20 15.27
C MET C 185 -6.54 9.66 15.86
N ASN C 186 -5.54 10.52 15.97
CA ASN C 186 -4.29 10.17 16.61
C ASN C 186 -4.09 11.08 17.81
N PHE C 187 -3.83 10.50 18.97
CA PHE C 187 -3.68 11.24 20.20
C PHE C 187 -2.20 11.38 20.55
N ASP C 188 -1.82 12.56 21.04
CA ASP C 188 -0.47 12.79 21.54
C ASP C 188 -0.56 13.71 22.73
N ALA C 189 0.04 13.31 23.85
CA ALA C 189 -0.09 14.09 25.07
C ALA C 189 0.61 15.43 24.99
N ALA C 190 1.54 15.60 24.05
CA ALA C 190 2.17 16.90 23.87
C ALA C 190 1.26 17.92 23.18
N HIS C 191 0.13 17.47 22.66
CA HIS C 191 -0.81 18.33 21.94
C HIS C 191 -1.88 18.90 22.86
N TRP C 192 -2.35 18.12 23.82
CA TRP C 192 -3.35 18.62 24.76
C TRP C 192 -2.79 19.77 25.57
N LEU C 193 -1.52 19.68 25.98
CA LEU C 193 -0.92 20.77 26.72
C LEU C 193 -0.85 22.03 25.87
N ALA C 194 -0.46 21.91 24.60
CA ALA C 194 -0.40 23.08 23.74
C ALA C 194 -1.77 23.68 23.55
N TYR C 195 -2.80 22.84 23.42
CA TYR C 195 -4.16 23.35 23.28
C TYR C 195 -4.55 24.14 24.51
N ARG C 196 -4.26 23.60 25.69
CA ARG C 196 -4.58 24.33 26.92
C ARG C 196 -3.82 25.64 27.00
N GLU C 197 -2.55 25.64 26.60
CA GLU C 197 -1.76 26.86 26.62
C GLU C 197 -2.32 27.91 25.68
N ALA C 198 -2.69 27.50 24.46
CA ALA C 198 -3.24 28.45 23.50
C ALA C 198 -4.53 29.05 24.01
N ASN C 199 -5.42 28.24 24.56
CA ASN C 199 -6.66 28.79 25.09
C ASN C 199 -6.39 29.70 26.27
N MET C 200 -5.41 29.36 27.10
CA MET C 200 -5.04 30.26 28.20
C MET C 200 -4.58 31.61 27.65
N ARG C 201 -3.75 31.60 26.61
CA ARG C 201 -3.28 32.85 26.02
C ARG C 201 -4.45 33.66 25.50
N PHE C 202 -5.40 33.00 24.83
CA PHE C 202 -6.60 33.69 24.38
C PHE C 202 -7.31 34.37 25.55
N VAL C 205 -6.39 37.93 27.34
CA VAL C 205 -6.68 39.05 26.45
C VAL C 205 -8.15 39.45 26.60
N VAL C 206 -9.04 38.47 26.54
CA VAL C 206 -10.46 38.76 26.74
C VAL C 206 -10.69 39.31 28.14
N SER C 207 -9.95 38.79 29.12
CA SER C 207 -10.08 39.29 30.48
C SER C 207 -9.71 40.75 30.58
N SER C 208 -8.65 41.17 29.89
CA SER C 208 -8.19 42.55 29.88
C SER C 208 -9.01 43.42 28.93
N LEU C 209 -10.14 42.94 28.45
CA LEU C 209 -10.91 43.63 27.41
C LEU C 209 -12.41 43.49 27.65
N VAL C 210 -12.83 43.42 28.91
CA VAL C 210 -14.23 43.27 29.26
C VAL C 210 -14.62 44.36 30.24
N GLN C 211 -15.82 44.90 30.07
CA GLN C 211 -16.45 45.78 31.04
C GLN C 211 -17.76 45.15 31.49
N ALA C 212 -18.32 45.67 32.56
CA ALA C 212 -19.55 45.12 33.10
C ALA C 212 -20.67 45.18 32.07
N GLY C 213 -21.44 44.10 31.98
CA GLY C 213 -22.60 44.06 31.13
C GLY C 213 -22.35 43.66 29.68
N ASP C 214 -21.10 43.47 29.29
CA ASP C 214 -20.78 43.11 27.92
C ASP C 214 -21.05 41.63 27.68
N MET C 215 -21.56 41.32 26.48
CA MET C 215 -21.71 39.93 26.07
C MET C 215 -20.38 39.40 25.56
N VAL C 216 -20.35 38.10 25.28
CA VAL C 216 -19.24 37.46 24.60
C VAL C 216 -19.82 36.35 23.73
N TRP C 217 -19.06 35.94 22.72
CA TRP C 217 -19.53 34.95 21.77
C TRP C 217 -18.31 34.19 21.28
N VAL C 218 -18.10 32.99 21.83
CA VAL C 218 -16.95 32.17 21.49
C VAL C 218 -17.37 31.22 20.37
N TYR C 221 -15.02 24.97 17.47
CA TYR C 221 -14.54 23.92 18.36
C TYR C 221 -13.11 24.14 18.82
N HIS C 222 -12.42 25.15 18.31
CA HIS C 222 -11.06 25.40 18.78
C HIS C 222 -11.06 25.83 20.24
N LEU C 223 -11.96 26.71 20.62
CA LEU C 223 -11.99 27.26 21.97
C LEU C 223 -13.04 26.55 22.83
N MET C 224 -12.84 25.25 23.05
CA MET C 224 -13.79 24.49 23.84
C MET C 224 -13.59 24.67 25.34
N LEU C 225 -12.46 25.23 25.76
CA LEU C 225 -12.20 25.49 27.17
C LEU C 225 -12.28 26.96 27.53
N LEU C 226 -12.26 27.85 26.56
CA LEU C 226 -12.16 29.28 26.89
C LEU C 226 -13.28 29.74 27.82
N PRO C 227 -14.53 29.29 27.69
CA PRO C 227 -15.56 29.81 28.60
C PRO C 227 -15.21 29.60 30.06
N MET C 228 -14.66 28.45 30.42
CA MET C 228 -14.28 28.22 31.82
C MET C 228 -13.13 29.12 32.23
N LEU C 229 -12.06 29.16 31.44
CA LEU C 229 -10.94 30.01 31.75
C LEU C 229 -11.38 31.46 31.98
N LEU C 230 -12.32 31.92 31.16
CA LEU C 230 -12.77 33.30 31.28
C LEU C 230 -13.64 33.49 32.51
N ARG C 231 -14.60 32.59 32.73
CA ARG C 231 -15.49 32.74 33.88
C ARG C 231 -14.75 32.62 35.20
N SER C 232 -13.60 31.94 35.21
CA SER C 232 -12.78 31.94 36.42
C SER C 232 -12.30 33.34 36.76
N MET C 233 -11.85 34.09 35.77
CA MET C 233 -11.33 35.43 35.98
C MET C 233 -12.41 36.36 36.53
N ILE C 326 -21.92 35.03 28.58
CA ILE C 326 -21.03 34.30 27.69
C ILE C 326 -21.84 33.34 26.84
N GLY C 327 -21.41 33.16 25.59
CA GLY C 327 -22.09 32.26 24.68
C GLY C 327 -21.07 31.46 23.89
N PHE C 328 -21.55 30.34 23.34
CA PHE C 328 -20.69 29.43 22.61
C PHE C 328 -21.52 28.76 21.53
N PHE C 329 -21.01 28.75 20.30
CA PHE C 329 -21.69 28.12 19.18
C PHE C 329 -20.77 27.09 18.53
N LEU C 330 -21.27 25.88 18.34
CA LEU C 330 -20.48 24.76 17.83
C LEU C 330 -20.97 24.44 16.42
N HIS C 331 -20.11 24.71 15.42
CA HIS C 331 -20.50 24.49 14.04
C HIS C 331 -20.51 23.01 13.68
N THR C 332 -19.51 22.26 14.13
CA THR C 332 -19.43 20.84 13.83
C THR C 332 -20.53 20.08 14.59
N PRO C 333 -20.81 18.85 14.18
CA PRO C 333 -21.78 18.04 14.93
C PRO C 333 -21.30 17.81 16.35
N PHE C 334 -22.14 17.16 17.15
CA PHE C 334 -21.74 16.64 18.43
C PHE C 334 -22.10 15.17 18.48
N PRO C 335 -21.16 14.27 18.69
CA PRO C 335 -21.44 12.84 18.49
C PRO C 335 -22.28 12.26 19.63
N SER C 336 -22.76 11.05 19.39
CA SER C 336 -23.55 10.34 20.39
C SER C 336 -22.75 10.18 21.67
N SER C 337 -23.42 9.71 22.71
CA SER C 337 -22.70 9.36 23.93
C SER C 337 -21.71 8.24 23.68
N GLU C 338 -22.16 7.19 23.00
CA GLU C 338 -21.32 6.02 22.79
C GLU C 338 -20.10 6.32 21.92
N ILE C 339 -20.14 7.41 21.15
CA ILE C 339 -19.00 7.79 20.33
C ILE C 339 -18.21 8.93 20.96
N TYR C 340 -18.80 9.68 21.87
CA TYR C 340 -18.07 10.74 22.54
C TYR C 340 -17.28 10.24 23.75
N ARG C 341 -17.70 9.15 24.36
CA ARG C 341 -16.93 8.61 25.49
C ARG C 341 -15.56 8.10 25.08
N ILE C 342 -15.17 8.23 23.81
CA ILE C 342 -13.84 7.81 23.39
C ILE C 342 -12.78 8.87 23.69
N LEU C 343 -13.15 10.13 23.79
CA LEU C 343 -12.15 11.18 23.98
C LEU C 343 -11.48 10.98 25.33
N PRO C 344 -10.16 10.84 25.39
CA PRO C 344 -9.50 10.67 26.70
C PRO C 344 -9.69 11.83 27.66
N VAL C 345 -10.00 13.03 27.16
CA VAL C 345 -10.06 14.21 28.01
C VAL C 345 -11.48 14.78 28.03
N ARG C 346 -12.47 13.89 27.92
CA ARG C 346 -13.85 14.34 27.75
C ARG C 346 -14.31 15.23 28.90
N ARG C 347 -13.94 14.88 30.13
CA ARG C 347 -14.43 15.63 31.27
C ARG C 347 -13.99 17.08 31.22
N GLU C 348 -12.71 17.33 30.88
CA GLU C 348 -12.22 18.70 30.84
C GLU C 348 -12.99 19.52 29.82
N ILE C 349 -13.28 18.95 28.64
CA ILE C 349 -13.92 19.71 27.59
C ILE C 349 -15.37 20.00 27.93
N LEU C 350 -16.11 19.00 28.43
CA LEU C 350 -17.47 19.28 28.85
C LEU C 350 -17.52 20.31 29.96
N LEU C 351 -16.63 20.19 30.95
CA LEU C 351 -16.63 21.15 32.04
C LEU C 351 -16.29 22.54 31.56
N GLY C 352 -15.38 22.65 30.58
CA GLY C 352 -15.08 23.96 30.03
C GLY C 352 -16.27 24.58 29.32
N VAL C 353 -16.95 23.80 28.49
CA VAL C 353 -18.06 24.34 27.71
C VAL C 353 -19.25 24.66 28.61
N LEU C 354 -19.43 23.92 29.70
CA LEU C 354 -20.67 24.02 30.46
C LEU C 354 -20.81 25.31 31.25
N GLN C 355 -19.76 26.13 31.35
CA GLN C 355 -19.85 27.38 32.11
C GLN C 355 -20.47 28.51 31.31
N CYS C 356 -20.80 28.28 30.04
CA CYS C 356 -21.45 29.31 29.24
C CYS C 356 -22.86 29.57 29.73
N ASP C 357 -23.37 30.75 29.42
CA ASP C 357 -24.74 31.11 29.71
C ASP C 357 -25.68 30.75 28.57
N LEU C 358 -25.16 30.23 27.47
CA LEU C 358 -25.99 29.80 26.33
C LEU C 358 -25.11 29.04 25.36
N ILE C 359 -25.62 27.92 24.86
CA ILE C 359 -24.92 27.12 23.86
C ILE C 359 -25.90 26.77 22.76
N GLY C 360 -25.45 26.80 21.52
CA GLY C 360 -26.32 26.56 20.38
C GLY C 360 -25.72 25.56 19.42
N PHE C 361 -26.61 24.82 18.75
CA PHE C 361 -26.21 23.84 17.77
C PHE C 361 -27.09 23.95 16.53
N HIS C 362 -26.56 23.55 15.39
CA HIS C 362 -27.25 23.74 14.12
C HIS C 362 -28.50 22.88 13.99
N THR C 363 -28.70 21.88 14.84
CA THR C 363 -29.89 21.05 14.75
C THR C 363 -30.25 20.56 16.15
N TYR C 364 -31.49 20.10 16.29
CA TYR C 364 -31.93 19.63 17.59
C TYR C 364 -31.25 18.32 17.98
N ASP C 365 -30.88 17.51 17.00
CA ASP C 365 -30.21 16.25 17.33
C ASP C 365 -28.90 16.50 18.04
N TYR C 366 -28.13 17.50 17.62
CA TYR C 366 -26.88 17.79 18.28
C TYR C 366 -27.12 18.23 19.72
N ALA C 367 -28.18 19.01 19.95
CA ALA C 367 -28.52 19.40 21.31
C ALA C 367 -28.86 18.20 22.17
N ARG C 368 -29.70 17.30 21.66
CA ARG C 368 -30.06 16.11 22.43
C ARG C 368 -28.84 15.28 22.75
N HIS C 369 -27.95 15.10 21.78
CA HIS C 369 -26.74 14.31 22.03
C HIS C 369 -25.84 14.97 23.06
N PHE C 370 -25.71 16.29 23.01
CA PHE C 370 -24.91 16.98 24.01
C PHE C 370 -25.50 16.78 25.40
N LEU C 371 -26.81 16.88 25.53
CA LEU C 371 -27.42 16.71 26.85
C LEU C 371 -27.22 15.29 27.36
N SER C 372 -27.39 14.28 26.49
CA SER C 372 -27.21 12.91 26.93
C SER C 372 -25.77 12.66 27.34
N SER C 373 -24.81 13.24 26.62
CA SER C 373 -23.42 13.11 27.04
C SER C 373 -23.20 13.75 28.40
N CYS C 374 -23.78 14.94 28.64
CA CYS C 374 -23.60 15.57 29.93
C CYS C 374 -24.16 14.71 31.05
N THR C 375 -25.33 14.11 30.83
CA THR C 375 -25.91 13.29 31.90
C THR C 375 -25.26 11.93 32.02
N ARG C 376 -24.50 11.48 31.02
CA ARG C 376 -23.74 10.25 31.12
C ARG C 376 -22.32 10.45 31.59
N ILE C 377 -21.86 11.68 31.72
CA ILE C 377 -20.55 11.95 32.32
C ILE C 377 -20.76 12.65 33.66
N THR C 382 -30.88 16.31 33.77
CA THR C 382 -30.84 17.46 32.89
C THR C 382 -32.25 17.91 32.51
N GLN C 383 -32.43 19.22 32.41
CA GLN C 383 -33.69 19.77 31.94
C GLN C 383 -33.86 19.45 30.45
N PRO C 384 -35.09 19.49 29.95
CA PRO C 384 -35.29 19.25 28.52
C PRO C 384 -34.57 20.24 27.62
N ASN C 385 -34.43 21.50 28.06
CA ASN C 385 -33.82 22.56 27.28
C ASN C 385 -32.85 23.35 28.14
N GLY C 386 -31.97 22.64 28.84
CA GLY C 386 -31.01 23.28 29.71
C GLY C 386 -30.34 22.26 30.60
N ILE C 387 -29.63 22.77 31.61
CA ILE C 387 -28.98 21.90 32.58
C ILE C 387 -29.15 22.48 33.97
N TYR C 393 -26.90 28.20 35.49
CA TYR C 393 -27.85 27.44 34.71
C TYR C 393 -27.61 27.61 33.21
N CYS C 394 -26.84 26.69 32.64
CA CYS C 394 -26.56 26.71 31.21
C CYS C 394 -27.83 26.44 30.42
N GLN C 395 -27.81 26.82 29.14
CA GLN C 395 -28.96 26.64 28.26
C GLN C 395 -28.50 26.07 26.93
N VAL C 396 -29.41 25.37 26.26
CA VAL C 396 -29.13 24.71 25.00
C VAL C 396 -30.19 25.10 23.99
N GLY C 397 -29.78 25.47 22.78
CA GLY C 397 -30.70 25.91 21.77
C GLY C 397 -30.25 25.49 20.38
N THR C 398 -31.15 25.68 19.42
CA THR C 398 -30.90 25.39 18.01
C THR C 398 -31.02 26.67 17.20
N PHE C 399 -30.03 26.92 16.35
CA PHE C 399 -29.96 28.14 15.54
C PHE C 399 -29.39 27.81 14.18
N PRO C 400 -30.21 27.31 13.26
CA PRO C 400 -29.69 26.94 11.94
C PRO C 400 -29.12 28.15 11.21
N ILE C 401 -28.04 27.90 10.47
CA ILE C 401 -27.28 28.96 9.82
C ILE C 401 -27.49 28.86 8.32
N GLY C 402 -27.22 29.97 7.63
CA GLY C 402 -27.37 30.04 6.20
C GLY C 402 -26.32 30.92 5.54
N ILE C 403 -26.63 31.44 4.36
CA ILE C 403 -25.72 32.25 3.57
C ILE C 403 -26.42 33.55 3.20
N ASP C 404 -25.75 34.35 2.37
CA ASP C 404 -26.33 35.58 1.83
C ASP C 404 -26.67 35.37 0.36
N PRO C 405 -27.86 34.86 0.03
CA PRO C 405 -28.12 34.48 -1.36
C PRO C 405 -28.02 35.63 -2.35
N ASN C 406 -28.38 36.84 -1.93
CA ASN C 406 -28.38 37.96 -2.86
C ASN C 406 -27.07 38.04 -3.63
N GLN C 407 -25.95 37.89 -2.92
CA GLN C 407 -24.64 37.87 -3.56
C GLN C 407 -24.67 37.05 -4.85
N PHE C 408 -24.99 35.77 -4.73
CA PHE C 408 -24.97 34.92 -5.92
C PHE C 408 -25.92 35.45 -6.97
N ILE C 409 -27.14 35.82 -6.57
CA ILE C 409 -28.06 36.41 -7.53
C ILE C 409 -27.43 37.63 -8.16
N GLU C 410 -26.92 38.55 -7.33
CA GLU C 410 -26.29 39.75 -7.86
C GLU C 410 -25.10 39.40 -8.73
N GLY C 411 -24.45 38.28 -8.46
CA GLY C 411 -23.30 37.89 -9.27
C GLY C 411 -23.67 37.30 -10.60
N LEU C 412 -24.90 36.80 -10.75
CA LEU C 412 -25.29 36.12 -11.97
C LEU C 412 -25.86 37.06 -13.02
N GLN C 413 -25.95 38.36 -12.70
CA GLN C 413 -26.33 39.39 -13.66
C GLN C 413 -25.15 40.28 -14.02
N LYS C 414 -23.95 39.94 -13.59
CA LYS C 414 -22.77 40.72 -13.93
C LYS C 414 -22.41 40.53 -15.40
N GLU C 415 -21.70 41.52 -15.94
CA GLU C 415 -21.37 41.55 -17.35
C GLU C 415 -20.23 40.66 -17.78
N SER C 416 -19.59 39.96 -16.84
CA SER C 416 -18.53 39.02 -17.14
C SER C 416 -18.91 37.57 -16.87
N ILE C 417 -19.58 37.30 -15.75
CA ILE C 417 -19.93 35.93 -15.40
C ILE C 417 -20.89 35.34 -16.42
N VAL C 418 -21.78 36.17 -16.97
CA VAL C 418 -22.75 35.67 -17.93
C VAL C 418 -22.03 35.20 -19.19
N LYS C 419 -20.98 35.89 -19.61
CA LYS C 419 -20.25 35.47 -20.80
C LYS C 419 -19.56 34.13 -20.57
N ARG C 420 -18.92 33.95 -19.42
CA ARG C 420 -18.29 32.67 -19.13
C ARG C 420 -19.32 31.57 -19.06
N LEU C 421 -20.47 31.83 -18.44
CA LEU C 421 -21.52 30.82 -18.38
C LEU C 421 -22.01 30.46 -19.77
N ARG C 422 -22.18 31.46 -20.64
CA ARG C 422 -22.63 31.20 -22.00
C ARG C 422 -21.60 30.35 -22.75
N SER C 423 -20.32 30.66 -22.61
CA SER C 423 -19.30 29.87 -23.27
C SER C 423 -19.29 28.42 -22.76
N LEU C 424 -19.37 28.24 -21.44
CA LEU C 424 -19.39 26.90 -20.89
C LEU C 424 -20.60 26.12 -21.39
N GLU C 425 -21.77 26.75 -21.39
CA GLU C 425 -22.97 26.06 -21.86
C GLU C 425 -22.89 25.78 -23.35
N ALA C 426 -22.15 26.59 -24.10
CA ALA C 426 -21.88 26.27 -25.50
C ALA C 426 -21.02 25.03 -25.61
N ARG C 427 -20.02 24.89 -24.74
CA ARG C 427 -19.16 23.71 -24.77
C ARG C 427 -19.96 22.44 -24.46
N PHE C 428 -20.84 22.49 -23.47
CA PHE C 428 -21.65 21.33 -23.07
C PHE C 428 -23.01 21.45 -23.74
N GLU C 429 -23.07 21.06 -25.01
CA GLU C 429 -24.32 21.06 -25.76
C GLU C 429 -24.81 19.62 -25.86
N GLY C 430 -26.04 19.38 -25.40
CA GLY C 430 -26.56 18.04 -25.39
C GLY C 430 -25.96 17.16 -24.31
N VAL C 431 -25.40 17.76 -23.26
CA VAL C 431 -24.76 17.04 -22.17
C VAL C 431 -25.33 17.58 -20.87
N LYS C 432 -25.63 16.68 -19.94
CA LYS C 432 -26.13 17.05 -18.63
C LYS C 432 -24.97 17.11 -17.64
N VAL C 433 -24.85 18.21 -16.92
CA VAL C 433 -23.68 18.44 -16.07
C VAL C 433 -24.04 18.34 -14.60
N ILE C 434 -23.89 17.15 -14.01
CA ILE C 434 -23.85 17.08 -12.56
C ILE C 434 -22.67 17.91 -12.08
N ILE C 435 -22.69 18.27 -10.80
CA ILE C 435 -21.60 19.04 -10.23
C ILE C 435 -21.51 18.73 -8.75
N GLY C 436 -20.31 18.44 -8.27
CA GLY C 436 -20.11 18.30 -6.84
C GLY C 436 -18.87 19.04 -6.40
N VAL C 437 -19.04 20.05 -5.54
CA VAL C 437 -17.94 20.83 -5.01
C VAL C 437 -17.73 20.41 -3.57
N ASP C 438 -16.48 20.24 -3.18
CA ASP C 438 -16.16 19.75 -1.85
C ASP C 438 -14.70 20.07 -1.57
N ARG C 439 -14.30 19.89 -0.31
CA ARG C 439 -12.91 19.94 0.06
C ARG C 439 -12.42 18.52 0.26
N LEU C 440 -11.10 18.32 0.15
CA LEU C 440 -10.59 16.98 0.40
C LEU C 440 -10.62 16.70 1.89
N ASP C 441 -11.79 16.30 2.38
CA ASP C 441 -11.89 15.77 3.71
C ASP C 441 -12.43 14.36 3.65
N TYR C 442 -11.98 13.54 4.58
CA TYR C 442 -12.49 12.19 4.71
C TYR C 442 -13.92 12.14 5.23
N ILE C 443 -14.53 13.29 5.55
CA ILE C 443 -15.92 13.33 5.97
C ILE C 443 -16.87 13.63 4.82
N LYS C 444 -16.37 13.94 3.63
CA LYS C 444 -17.20 14.34 2.51
C LYS C 444 -17.62 13.18 1.62
N GLY C 445 -17.08 11.99 1.84
CA GLY C 445 -17.55 10.85 1.08
C GLY C 445 -17.43 11.01 -0.41
N ILE C 446 -16.29 11.53 -0.90
CA ILE C 446 -16.07 11.62 -2.35
C ILE C 446 -16.03 10.25 -2.98
N PRO C 447 -15.30 9.27 -2.46
CA PRO C 447 -15.33 7.94 -3.08
C PRO C 447 -16.73 7.39 -3.21
N GLN C 448 -17.65 7.75 -2.32
CA GLN C 448 -19.03 7.32 -2.47
C GLN C 448 -19.68 7.98 -3.68
N LYS C 449 -19.41 9.27 -3.91
CA LYS C 449 -19.88 9.89 -5.15
C LYS C 449 -19.40 9.12 -6.36
N LEU C 450 -18.10 8.85 -6.42
CA LEU C 450 -17.53 8.25 -7.63
C LEU C 450 -18.04 6.83 -7.84
N GLN C 451 -18.15 6.04 -6.77
CA GLN C 451 -18.71 4.70 -6.93
C GLN C 451 -20.18 4.76 -7.30
N ALA C 452 -20.92 5.76 -6.82
CA ALA C 452 -22.31 5.91 -7.23
C ALA C 452 -22.41 6.20 -8.72
N LEU C 453 -21.54 7.09 -9.22
CA LEU C 453 -21.56 7.37 -10.66
C LEU C 453 -21.19 6.13 -11.46
N GLU C 454 -20.21 5.37 -10.99
CA GLU C 454 -19.85 4.14 -11.70
C GLU C 454 -21.02 3.18 -11.75
N THR C 455 -21.76 3.04 -10.65
CA THR C 455 -22.95 2.19 -10.67
C THR C 455 -24.00 2.74 -11.63
N PHE C 456 -24.22 4.05 -11.61
CA PHE C 456 -25.25 4.64 -12.45
C PHE C 456 -24.96 4.38 -13.91
N LEU C 457 -23.69 4.53 -14.32
CA LEU C 457 -23.35 4.31 -15.72
C LEU C 457 -23.28 2.83 -16.07
N THR C 458 -22.91 1.97 -15.12
CA THR C 458 -22.92 0.54 -15.39
C THR C 458 -24.34 0.03 -15.60
N GLN C 459 -25.31 0.66 -14.96
CA GLN C 459 -26.70 0.21 -15.09
C GLN C 459 -27.43 0.84 -16.27
N HIS C 460 -27.00 2.01 -16.74
CA HIS C 460 -27.70 2.77 -17.78
C HIS C 460 -26.73 3.08 -18.91
N PRO C 461 -26.46 2.12 -19.78
CA PRO C 461 -25.52 2.37 -20.88
C PRO C 461 -25.99 3.45 -21.83
N GLU C 462 -27.28 3.76 -21.85
CA GLU C 462 -27.77 4.79 -22.77
C GLU C 462 -27.26 6.17 -22.43
N TRP C 463 -26.72 6.37 -21.22
CA TRP C 463 -26.29 7.68 -20.76
C TRP C 463 -24.79 7.87 -20.82
N ILE C 464 -24.04 6.91 -21.37
CA ILE C 464 -22.59 7.07 -21.42
C ILE C 464 -22.25 8.11 -22.47
N GLY C 465 -21.57 9.17 -22.04
CA GLY C 465 -21.19 10.25 -22.92
C GLY C 465 -22.08 11.47 -22.86
N LYS C 466 -23.21 11.38 -22.16
CA LYS C 466 -24.13 12.50 -22.04
C LYS C 466 -24.17 13.12 -20.66
N VAL C 467 -23.62 12.46 -19.64
CA VAL C 467 -23.54 13.02 -18.30
C VAL C 467 -22.07 13.16 -17.94
N VAL C 468 -21.71 14.32 -17.43
CA VAL C 468 -20.33 14.62 -17.05
C VAL C 468 -20.35 15.17 -15.63
N LEU C 469 -19.57 14.58 -14.75
CA LEU C 469 -19.56 14.94 -13.33
C LEU C 469 -18.41 15.91 -13.07
N VAL C 470 -18.69 17.20 -13.08
CA VAL C 470 -17.63 18.18 -12.89
C VAL C 470 -17.30 18.27 -11.41
N GLN C 471 -16.39 17.40 -10.95
CA GLN C 471 -15.99 17.40 -9.55
C GLN C 471 -14.97 18.50 -9.29
N LEU C 472 -14.99 19.05 -8.08
CA LEU C 472 -13.99 20.02 -7.67
C LEU C 472 -13.65 19.73 -6.23
N ALA C 473 -12.36 19.69 -5.91
CA ALA C 473 -11.88 19.28 -4.59
C ALA C 473 -10.89 20.31 -4.09
N ILE C 474 -11.38 21.32 -3.38
CA ILE C 474 -10.46 22.35 -2.87
C ILE C 474 -9.44 21.67 -1.96
N PRO C 475 -8.20 22.15 -1.88
CA PRO C 475 -7.29 21.59 -0.89
C PRO C 475 -7.68 21.98 0.53
N TYR C 483 -5.11 12.84 4.69
CA TYR C 483 -5.17 13.72 3.53
C TYR C 483 -4.02 13.44 2.57
N GLN C 484 -3.41 12.27 2.71
CA GLN C 484 -2.35 11.86 1.80
C GLN C 484 -2.58 10.42 1.36
N ASP C 485 -3.25 9.63 2.20
CA ASP C 485 -3.75 8.33 1.80
C ASP C 485 -5.18 8.38 1.30
N LEU C 486 -5.85 9.52 1.44
CA LEU C 486 -7.16 9.73 0.84
C LEU C 486 -7.01 10.25 -0.57
N ARG C 487 -6.18 11.26 -0.76
CA ARG C 487 -5.95 11.80 -2.10
C ARG C 487 -5.60 10.69 -3.06
N ALA C 488 -4.81 9.70 -2.60
CA ALA C 488 -4.48 8.58 -3.47
C ALA C 488 -5.71 7.78 -3.84
N CYS C 489 -6.63 7.55 -2.89
CA CYS C 489 -7.84 6.79 -3.20
C CYS C 489 -8.73 7.54 -4.17
N VAL C 490 -8.87 8.86 -4.00
CA VAL C 490 -9.67 9.65 -4.93
C VAL C 490 -9.05 9.64 -6.31
N ASN C 491 -7.73 9.81 -6.39
CA ASN C 491 -7.07 9.78 -7.69
C ASN C 491 -7.27 8.43 -8.36
N GLU C 492 -7.13 7.34 -7.61
CA GLU C 492 -7.30 6.03 -8.22
C GLU C 492 -8.71 5.81 -8.70
N LEU C 493 -9.72 6.25 -7.95
CA LEU C 493 -11.09 6.10 -8.41
C LEU C 493 -11.35 6.91 -9.66
N VAL C 494 -10.88 8.16 -9.70
CA VAL C 494 -11.07 8.97 -10.90
C VAL C 494 -10.43 8.30 -12.09
N GLY C 495 -9.19 7.84 -11.93
CA GLY C 495 -8.51 7.19 -13.03
C GLY C 495 -9.23 5.96 -13.52
N ARG C 496 -9.67 5.11 -12.58
CA ARG C 496 -10.31 3.87 -12.99
C ARG C 496 -11.62 4.12 -13.71
N ILE C 497 -12.42 5.05 -13.21
CA ILE C 497 -13.71 5.31 -13.85
C ILE C 497 -13.51 5.93 -15.23
N ASN C 498 -12.61 6.92 -15.34
CA ASN C 498 -12.32 7.50 -16.64
C ASN C 498 -11.84 6.43 -17.61
N GLY C 499 -11.00 5.51 -17.14
CA GLY C 499 -10.50 4.46 -18.02
C GLY C 499 -11.57 3.51 -18.47
N ARG C 500 -12.45 3.09 -17.55
CA ARG C 500 -13.47 2.13 -17.92
C ARG C 500 -14.48 2.74 -18.89
N PHE C 501 -14.95 3.96 -18.61
CA PHE C 501 -16.01 4.58 -19.40
C PHE C 501 -15.49 5.65 -20.35
N GLY C 502 -14.19 5.75 -20.52
CA GLY C 502 -13.64 6.79 -21.38
C GLY C 502 -13.82 6.50 -22.84
N THR C 503 -13.44 7.46 -23.66
CA THR C 503 -13.51 7.34 -25.11
C THR C 503 -12.63 8.43 -25.70
N VAL C 504 -12.43 8.37 -27.01
CA VAL C 504 -11.47 9.26 -27.67
C VAL C 504 -11.80 10.72 -27.45
N GLU C 505 -13.06 11.07 -27.15
CA GLU C 505 -13.42 12.47 -27.01
C GLU C 505 -14.36 12.77 -25.86
N SER C 506 -14.65 11.81 -24.98
CA SER C 506 -15.53 12.01 -23.85
C SER C 506 -14.87 11.49 -22.58
N VAL C 507 -15.04 12.22 -21.49
CA VAL C 507 -14.47 11.85 -20.20
C VAL C 507 -15.56 12.00 -19.15
N PRO C 508 -15.98 10.93 -18.46
CA PRO C 508 -17.08 11.08 -17.49
C PRO C 508 -16.81 12.07 -16.38
N ILE C 509 -15.60 12.12 -15.84
CA ILE C 509 -15.32 12.90 -14.64
C ILE C 509 -14.30 13.97 -15.00
N HIS C 510 -14.66 15.23 -14.78
CA HIS C 510 -13.74 16.35 -14.97
C HIS C 510 -13.11 16.75 -13.64
N TYR C 511 -12.48 15.78 -12.99
CA TYR C 511 -11.93 16.01 -11.67
C TYR C 511 -10.96 17.17 -11.70
N MET C 512 -11.05 18.04 -10.70
CA MET C 512 -10.20 19.21 -10.55
C MET C 512 -9.71 19.26 -9.10
N HIS C 513 -8.54 19.84 -8.90
CA HIS C 513 -7.96 19.89 -7.56
C HIS C 513 -7.36 21.25 -7.30
N LYS C 514 -8.12 22.30 -7.57
CA LYS C 514 -7.67 23.67 -7.34
C LYS C 514 -8.78 24.47 -6.67
N SER C 515 -8.39 25.58 -6.06
CA SER C 515 -9.35 26.48 -5.40
C SER C 515 -9.76 27.55 -6.41
N VAL C 516 -10.97 27.44 -6.95
CA VAL C 516 -11.44 28.35 -7.97
C VAL C 516 -11.88 29.67 -7.33
N PRO C 517 -11.76 30.80 -8.03
CA PRO C 517 -12.23 32.06 -7.45
C PRO C 517 -13.76 32.16 -7.47
N PHE C 518 -14.30 33.29 -7.05
CA PHE C 518 -15.74 33.42 -6.93
C PHE C 518 -16.42 33.35 -8.29
N GLU C 519 -15.85 33.99 -9.31
CA GLU C 519 -16.53 34.09 -10.60
C GLU C 519 -16.68 32.73 -11.27
N GLU C 520 -15.58 31.99 -11.39
CA GLU C 520 -15.67 30.66 -11.98
C GLU C 520 -16.59 29.77 -11.16
N LEU C 521 -16.56 29.93 -9.84
CA LEU C 521 -17.42 29.12 -8.99
C LEU C 521 -18.88 29.37 -9.31
N THR C 522 -19.31 30.63 -9.35
CA THR C 522 -20.72 30.91 -9.61
C THR C 522 -21.11 30.51 -11.03
N ALA C 523 -20.19 30.65 -11.99
CA ALA C 523 -20.49 30.19 -13.34
C ALA C 523 -20.75 28.69 -13.36
N MET C 524 -19.89 27.92 -12.71
CA MET C 524 -20.08 26.47 -12.67
C MET C 524 -21.38 26.13 -11.94
N TYR C 525 -21.69 26.83 -10.86
CA TYR C 525 -22.93 26.56 -10.15
C TYR C 525 -24.14 26.78 -11.04
N ALA C 526 -24.18 27.91 -11.76
CA ALA C 526 -25.31 28.19 -12.61
C ALA C 526 -25.40 27.21 -13.78
N LEU C 527 -24.27 26.69 -14.23
CA LEU C 527 -24.29 25.73 -15.33
C LEU C 527 -24.83 24.38 -14.88
N ALA C 528 -24.52 23.96 -13.65
CA ALA C 528 -24.84 22.62 -13.19
C ALA C 528 -26.30 22.26 -13.33
N ASP C 529 -26.56 21.03 -13.63
CA ASP C 529 -27.92 20.64 -13.77
C ASP C 529 -28.46 19.80 -12.64
N ALA C 530 -27.64 19.29 -11.73
CA ALA C 530 -28.11 18.54 -10.60
C ALA C 530 -26.99 18.46 -9.69
N CYS C 531 -27.00 19.01 -8.50
CA CYS C 531 -25.86 18.91 -7.62
C CYS C 531 -25.84 17.61 -6.90
N LEU C 532 -24.73 17.23 -6.29
CA LEU C 532 -24.57 15.94 -5.63
C LEU C 532 -23.72 16.16 -4.38
N VAL C 533 -24.39 16.20 -3.23
CA VAL C 533 -23.74 16.38 -1.93
C VAL C 533 -23.87 15.05 -1.19
N THR C 534 -22.80 14.30 -1.12
CA THR C 534 -22.77 12.98 -0.51
C THR C 534 -21.86 12.97 0.70
N SER C 535 -22.00 13.98 1.55
CA SER C 535 -21.24 14.02 2.79
C SER C 535 -21.84 13.06 3.80
N THR C 536 -20.97 12.26 4.44
CA THR C 536 -21.44 11.27 5.40
C THR C 536 -21.80 11.91 6.74
N ARG C 537 -21.05 12.93 7.16
CA ARG C 537 -21.41 13.72 8.32
C ARG C 537 -20.93 15.14 8.09
N ASP C 538 -21.76 16.12 8.43
CA ASP C 538 -21.34 17.51 8.27
C ASP C 538 -22.21 18.41 9.10
N GLY C 539 -21.61 19.42 9.70
CA GLY C 539 -22.33 20.33 10.56
C GLY C 539 -23.45 21.02 9.81
N MET C 540 -23.08 21.87 8.86
CA MET C 540 -24.04 22.46 7.93
C MET C 540 -23.40 22.50 6.56
N ASN C 541 -24.15 22.03 5.56
CA ASN C 541 -23.67 21.98 4.19
C ASN C 541 -24.00 23.31 3.53
N LEU C 542 -23.00 24.18 3.38
CA LEU C 542 -23.23 25.46 2.75
C LEU C 542 -23.13 25.40 1.23
N VAL C 543 -22.65 24.30 0.66
CA VAL C 543 -22.63 24.18 -0.79
C VAL C 543 -24.04 24.10 -1.33
N ALA C 544 -24.93 23.43 -0.61
CA ALA C 544 -26.31 23.31 -1.07
C ALA C 544 -26.98 24.67 -1.18
N TYR C 545 -26.79 25.53 -0.18
CA TYR C 545 -27.44 26.84 -0.22
C TYR C 545 -26.89 27.68 -1.37
N GLU C 546 -25.57 27.65 -1.55
CA GLU C 546 -24.97 28.44 -2.62
C GLU C 546 -25.42 27.96 -3.98
N TYR C 547 -25.47 26.64 -4.17
CA TYR C 547 -25.95 26.11 -5.44
C TYR C 547 -27.40 26.50 -5.69
N ILE C 548 -28.26 26.35 -4.69
CA ILE C 548 -29.68 26.61 -4.87
C ILE C 548 -29.94 28.10 -5.11
N SER C 549 -29.14 28.96 -4.51
CA SER C 549 -29.31 30.40 -4.77
C SER C 549 -28.97 30.77 -6.20
N SER C 550 -28.21 29.94 -6.91
CA SER C 550 -27.69 30.25 -8.24
C SER C 550 -28.37 29.41 -9.31
N GLN C 551 -29.68 29.21 -9.19
CA GLN C 551 -30.41 28.38 -10.15
C GLN C 551 -31.74 29.01 -10.52
N ALA C 552 -31.83 30.33 -10.50
CA ALA C 552 -33.11 30.98 -10.75
C ALA C 552 -33.61 30.68 -12.16
N GLU C 553 -32.70 30.44 -13.10
CA GLU C 553 -33.08 30.28 -14.51
C GLU C 553 -33.07 28.84 -14.98
N ARG C 554 -32.25 27.97 -14.39
CA ARG C 554 -32.15 26.59 -14.83
C ARG C 554 -33.02 25.63 -14.03
N HIS C 555 -33.23 25.90 -12.74
CA HIS C 555 -34.05 25.05 -11.89
C HIS C 555 -33.49 23.63 -11.81
N GLY C 556 -32.30 23.51 -11.23
CA GLY C 556 -31.67 22.22 -11.08
C GLY C 556 -32.20 21.46 -9.88
N SER C 557 -31.71 20.23 -9.74
CA SER C 557 -32.08 19.38 -8.62
C SER C 557 -31.05 19.52 -7.51
N MET C 558 -31.25 18.76 -6.43
CA MET C 558 -30.35 18.82 -5.28
C MET C 558 -30.42 17.47 -4.58
N ILE C 559 -29.44 16.60 -4.87
CA ILE C 559 -29.34 15.30 -4.20
C ILE C 559 -28.52 15.51 -2.93
N LEU C 560 -29.15 15.29 -1.79
CA LEU C 560 -28.56 15.59 -0.49
C LEU C 560 -28.64 14.38 0.42
N SER C 561 -27.58 14.12 1.17
CA SER C 561 -27.55 12.96 2.04
C SER C 561 -28.39 13.19 3.29
N GLU C 562 -28.90 12.11 3.87
CA GLU C 562 -29.69 12.22 5.08
C GLU C 562 -28.90 12.71 6.27
N PHE C 563 -27.58 12.50 6.28
CA PHE C 563 -26.74 12.83 7.41
C PHE C 563 -26.12 14.22 7.33
N ALA C 564 -26.26 14.91 6.19
CA ALA C 564 -25.61 16.19 6.02
C ALA C 564 -26.35 17.33 6.70
N GLY C 565 -25.80 17.82 7.80
CA GLY C 565 -26.37 18.94 8.51
C GLY C 565 -27.88 18.90 8.61
N ALA C 566 -28.53 20.05 8.45
CA ALA C 566 -29.98 20.11 8.46
C ALA C 566 -30.57 19.58 7.17
N ALA C 567 -30.21 18.37 6.79
CA ALA C 567 -30.64 17.77 5.55
C ALA C 567 -32.04 17.20 5.57
N GLN C 568 -32.74 17.30 6.70
CA GLN C 568 -34.12 16.88 6.81
C GLN C 568 -35.10 18.04 6.80
N SER C 569 -34.61 19.28 6.76
CA SER C 569 -35.45 20.46 6.68
C SER C 569 -35.61 20.98 5.25
N PHE C 570 -35.04 20.31 4.26
CA PHE C 570 -35.36 20.56 2.87
C PHE C 570 -36.60 19.80 2.45
N ASN C 571 -37.52 20.49 1.77
CA ASN C 571 -38.69 19.87 1.18
C ASN C 571 -38.54 19.61 -0.31
N GLY C 572 -37.39 19.96 -0.90
CA GLY C 572 -37.21 19.76 -2.32
C GLY C 572 -36.12 18.77 -2.66
N SER C 573 -35.10 18.67 -1.83
CA SER C 573 -33.97 17.82 -2.13
C SER C 573 -34.42 16.36 -2.19
N LEU C 574 -33.63 15.55 -2.90
CA LEU C 574 -33.84 14.11 -3.00
C LEU C 574 -32.90 13.46 -2.00
N LEU C 575 -33.43 13.02 -0.86
CA LEU C 575 -32.60 12.44 0.18
C LEU C 575 -31.97 11.14 -0.31
N ILE C 576 -30.72 10.91 0.06
CA ILE C 576 -30.01 9.68 -0.29
C ILE C 576 -29.23 9.20 0.92
N ASN C 577 -28.68 8.00 0.79
CA ASN C 577 -27.85 7.38 1.81
C ASN C 577 -26.43 7.23 1.27
N PRO C 578 -25.45 7.99 1.75
CA PRO C 578 -24.10 7.88 1.15
C PRO C 578 -23.54 6.47 1.18
N TRP C 579 -23.86 5.69 2.21
CA TRP C 579 -23.29 4.35 2.33
C TRP C 579 -23.99 3.33 1.45
N ASP C 580 -25.12 3.67 0.85
CA ASP C 580 -25.86 2.78 -0.03
C ASP C 580 -25.72 3.29 -1.45
N VAL C 581 -24.97 2.55 -2.27
CA VAL C 581 -24.65 3.04 -3.62
C VAL C 581 -25.89 3.07 -4.49
N GLN C 582 -26.67 1.99 -4.49
CA GLN C 582 -27.84 1.94 -5.36
C GLN C 582 -28.78 3.09 -5.10
N SER C 583 -28.86 3.57 -3.85
CA SER C 583 -29.70 4.72 -3.56
C SER C 583 -29.20 5.95 -4.28
N THR C 584 -27.89 6.19 -4.26
CA THR C 584 -27.35 7.35 -4.97
C THR C 584 -27.53 7.20 -6.48
N ALA C 585 -27.38 6.00 -7.01
CA ALA C 585 -27.59 5.81 -8.44
C ALA C 585 -29.03 6.12 -8.83
N ASP C 586 -29.98 5.64 -8.03
CA ASP C 586 -31.38 5.94 -8.31
C ASP C 586 -31.66 7.44 -8.20
N ALA C 587 -31.06 8.09 -7.21
CA ALA C 587 -31.27 9.53 -7.06
C ALA C 587 -30.73 10.28 -8.28
N ILE C 588 -29.55 9.90 -8.78
CA ILE C 588 -28.99 10.56 -9.94
C ILE C 588 -29.89 10.37 -11.15
N ASN C 589 -30.35 9.14 -11.37
CA ASN C 589 -31.20 8.88 -12.52
C ASN C 589 -32.49 9.70 -12.43
N GLN C 590 -33.12 9.71 -11.26
CA GLN C 590 -34.37 10.46 -11.11
C GLN C 590 -34.13 11.95 -11.31
N ALA C 591 -33.00 12.47 -10.81
CA ALA C 591 -32.71 13.88 -11.01
C ALA C 591 -32.56 14.20 -12.48
N LEU C 592 -31.90 13.32 -13.24
CA LEU C 592 -31.69 13.58 -14.66
C LEU C 592 -32.91 13.29 -15.52
N THR C 593 -33.93 12.61 -15.00
CA THR C 593 -35.12 12.38 -15.81
C THR C 593 -36.36 13.00 -15.18
N LEU C 594 -36.24 14.24 -14.72
CA LEU C 594 -37.35 14.97 -14.14
C LEU C 594 -37.90 15.98 -15.14
N SER C 595 -39.23 16.09 -15.19
CA SER C 595 -39.86 17.03 -16.09
C SER C 595 -39.68 18.46 -15.60
N PRO C 596 -39.81 19.44 -16.49
CA PRO C 596 -39.57 20.83 -16.06
C PRO C 596 -40.47 21.30 -14.94
N GLN C 597 -41.74 20.92 -14.93
CA GLN C 597 -42.67 21.44 -13.92
C GLN C 597 -42.30 20.98 -12.52
N GLN C 598 -41.97 19.71 -12.36
CA GLN C 598 -41.54 19.21 -11.06
C GLN C 598 -40.30 19.93 -10.59
N ARG C 599 -39.36 20.16 -11.50
CA ARG C 599 -38.17 20.93 -11.16
C ARG C 599 -38.55 22.31 -10.66
N LYS C 600 -39.51 22.95 -11.33
CA LYS C 600 -39.91 24.30 -10.92
C LYS C 600 -40.47 24.29 -9.51
N THR C 601 -41.38 23.36 -9.22
CA THR C 601 -41.99 23.33 -7.90
C THR C 601 -40.94 23.06 -6.82
N ASN C 602 -40.08 22.06 -7.06
CA ASN C 602 -39.07 21.72 -6.06
C ASN C 602 -38.12 22.88 -5.83
N TRP C 603 -37.69 23.55 -6.90
CA TRP C 603 -36.80 24.68 -6.68
C TRP C 603 -37.51 25.81 -5.96
N GLN C 604 -38.80 26.01 -6.21
CA GLN C 604 -39.49 27.05 -5.46
C GLN C 604 -39.48 26.75 -3.97
N LYS C 605 -39.74 25.50 -3.60
CA LYS C 605 -39.66 25.11 -2.19
C LYS C 605 -38.27 25.39 -1.63
N LEU C 606 -37.24 24.92 -2.34
CA LEU C 606 -35.88 25.03 -1.83
C LEU C 606 -35.47 26.49 -1.67
N PHE C 607 -35.84 27.34 -2.63
CA PHE C 607 -35.46 28.73 -2.51
C PHE C 607 -36.25 29.42 -1.40
N ASN C 608 -37.52 29.08 -1.23
CA ASN C 608 -38.25 29.63 -0.10
C ASN C 608 -37.51 29.36 1.20
N TYR C 609 -37.11 28.10 1.40
CA TYR C 609 -36.32 27.79 2.59
C TYR C 609 -35.05 28.63 2.64
N VAL C 610 -34.17 28.47 1.65
CA VAL C 610 -32.85 29.09 1.69
C VAL C 610 -32.93 30.59 1.82
N SER C 611 -34.08 31.20 1.52
CA SER C 611 -34.25 32.62 1.74
C SER C 611 -34.90 32.94 3.08
N LYS C 612 -35.54 31.95 3.72
CA LYS C 612 -36.05 32.18 5.07
C LYS C 612 -34.92 32.29 6.09
N TYR C 613 -33.98 31.36 6.05
CA TYR C 613 -32.90 31.25 7.05
C TYR C 613 -31.58 31.69 6.42
N THR C 614 -31.31 32.98 6.48
CA THR C 614 -30.06 33.54 6.00
C THR C 614 -29.09 33.73 7.16
N ALA C 615 -27.85 34.10 6.82
CA ALA C 615 -26.84 34.30 7.86
C ALA C 615 -27.24 35.43 8.79
N GLU C 616 -27.78 36.51 8.24
CA GLU C 616 -28.17 37.64 9.08
C GLU C 616 -29.24 37.23 10.09
N ALA C 617 -30.22 36.43 9.65
CA ALA C 617 -31.24 35.96 10.57
C ALA C 617 -30.63 35.12 11.68
N TRP C 618 -29.68 34.24 11.34
CA TRP C 618 -29.05 33.40 12.34
C TRP C 618 -28.32 34.24 13.38
N GLY C 619 -27.50 35.19 12.92
CA GLY C 619 -26.76 36.02 13.86
C GLY C 619 -27.69 36.81 14.76
N VAL C 620 -28.71 37.44 14.17
CA VAL C 620 -29.62 38.25 14.97
C VAL C 620 -30.36 37.38 15.99
N SER C 621 -30.84 36.21 15.57
CA SER C 621 -31.58 35.35 16.48
C SER C 621 -30.70 34.90 17.63
N PHE C 622 -29.45 34.52 17.34
CA PHE C 622 -28.56 34.07 18.42
C PHE C 622 -28.28 35.20 19.39
N VAL C 623 -28.00 36.41 18.88
CA VAL C 623 -27.71 37.51 19.79
C VAL C 623 -28.93 37.88 20.60
N ASN C 624 -30.13 37.77 20.00
CA ASN C 624 -31.35 38.02 20.75
C ASN C 624 -31.54 37.00 21.87
N GLU C 625 -31.36 35.72 21.56
CA GLU C 625 -31.54 34.70 22.59
C GLU C 625 -30.51 34.86 23.70
N LEU C 626 -29.28 35.27 23.35
CA LEU C 626 -28.27 35.52 24.37
C LEU C 626 -28.60 36.76 25.20
N ASN C 627 -29.24 37.76 24.58
CA ASN C 627 -29.57 38.99 25.30
C ASN C 627 -30.55 38.72 26.44
N ARG C 628 -31.55 37.88 26.19
CA ARG C 628 -32.55 37.56 27.21
C ARG C 628 -32.04 36.46 28.14
N LEU D 83 -38.64 -27.07 24.74
CA LEU D 83 -38.53 -25.94 23.85
C LEU D 83 -37.77 -26.31 22.59
N ILE D 84 -37.57 -25.33 21.72
CA ILE D 84 -36.85 -25.49 20.47
C ILE D 84 -35.83 -24.36 20.37
N VAL D 85 -34.59 -24.70 20.05
CA VAL D 85 -33.51 -23.73 19.95
C VAL D 85 -32.99 -23.74 18.53
N VAL D 86 -32.85 -22.56 17.94
CA VAL D 86 -32.46 -22.41 16.54
C VAL D 86 -31.18 -21.59 16.49
N SER D 87 -30.20 -22.06 15.72
CA SER D 87 -28.95 -21.36 15.58
C SER D 87 -28.40 -21.50 14.18
N ASN D 88 -27.38 -20.71 13.88
CA ASN D 88 -26.71 -20.79 12.60
C ASN D 88 -26.13 -22.16 12.34
N ARG D 89 -25.13 -22.56 13.12
CA ARG D 89 -24.55 -23.87 13.01
C ARG D 89 -25.20 -24.88 13.93
N LEU D 90 -24.75 -26.12 13.82
CA LEU D 90 -25.33 -27.24 14.56
C LEU D 90 -24.23 -28.04 15.21
N PRO D 91 -24.51 -28.56 16.40
CA PRO D 91 -23.54 -29.38 17.11
C PRO D 91 -23.46 -30.80 16.56
N THR D 125 -35.47 -30.02 21.21
CA THR D 125 -34.92 -30.18 19.86
C THR D 125 -34.04 -29.01 19.51
N TRP D 126 -33.07 -29.23 18.64
CA TRP D 126 -32.15 -28.19 18.19
C TRP D 126 -32.12 -28.19 16.67
N ILE D 127 -32.32 -27.03 16.07
CA ILE D 127 -32.42 -26.89 14.62
C ILE D 127 -31.26 -26.06 14.12
N GLY D 128 -30.66 -26.48 13.01
CA GLY D 128 -29.50 -25.80 12.51
C GLY D 128 -29.14 -26.26 11.12
N TRP D 129 -27.96 -25.85 10.68
CA TRP D 129 -27.45 -26.17 9.35
C TRP D 129 -26.13 -26.92 9.48
N PRO D 130 -26.03 -28.18 9.10
CA PRO D 130 -24.74 -28.87 9.22
C PRO D 130 -23.66 -28.12 8.48
N GLY D 131 -22.41 -28.53 8.73
CA GLY D 131 -21.28 -27.78 8.20
C GLY D 131 -21.28 -27.70 6.69
N LYS D 132 -21.50 -28.83 6.02
CA LYS D 132 -21.39 -28.92 4.58
C LYS D 132 -22.64 -29.54 4.00
N ASP D 133 -23.00 -29.09 2.80
CA ASP D 133 -24.22 -29.55 2.12
C ASP D 133 -24.04 -31.01 1.74
N ILE D 134 -24.62 -31.91 2.53
CA ILE D 134 -24.48 -33.34 2.32
C ILE D 134 -25.20 -33.72 1.03
N PRO D 135 -24.75 -34.76 0.32
CA PRO D 135 -25.47 -35.19 -0.88
C PRO D 135 -26.89 -35.63 -0.54
N MET D 136 -27.80 -35.41 -1.49
CA MET D 136 -29.21 -35.62 -1.22
C MET D 136 -29.49 -37.04 -0.76
N GLN D 137 -28.79 -38.03 -1.32
CA GLN D 137 -29.13 -39.42 -1.09
C GLN D 137 -29.24 -39.74 0.39
N ASP D 138 -28.25 -39.32 1.17
CA ASP D 138 -28.22 -39.66 2.59
C ASP D 138 -29.18 -38.83 3.42
N ARG D 139 -29.63 -37.67 2.90
CA ARG D 139 -30.27 -36.67 3.74
C ARG D 139 -31.28 -37.27 4.72
N GLU D 140 -32.36 -37.87 4.19
CA GLU D 140 -33.41 -38.36 5.07
C GLU D 140 -32.84 -39.35 6.09
N THR D 141 -32.05 -40.32 5.60
CA THR D 141 -31.44 -41.28 6.51
C THR D 141 -30.65 -40.56 7.60
N VAL D 142 -29.84 -39.58 7.20
CA VAL D 142 -29.06 -38.82 8.18
C VAL D 142 -29.99 -38.23 9.22
N ASN D 143 -31.11 -37.64 8.80
CA ASN D 143 -32.06 -37.08 9.74
C ASN D 143 -32.50 -38.12 10.75
N ARG D 144 -32.81 -39.33 10.27
CA ARG D 144 -33.30 -40.37 11.17
C ARG D 144 -32.30 -40.65 12.29
N ARG D 145 -31.01 -40.40 12.03
CA ARG D 145 -30.04 -40.47 13.13
C ARG D 145 -30.19 -39.26 14.05
N LEU D 146 -30.03 -38.06 13.50
CA LEU D 146 -30.07 -36.86 14.34
C LEU D 146 -31.38 -36.75 15.10
N LEU D 147 -32.50 -37.01 14.41
CA LEU D 147 -33.79 -36.90 15.06
C LEU D 147 -33.87 -37.81 16.29
N ASP D 148 -33.14 -38.93 16.27
CA ASP D 148 -33.24 -39.95 17.31
C ASP D 148 -31.99 -40.01 18.18
N GLU D 149 -30.81 -40.21 17.57
CA GLU D 149 -29.58 -40.33 18.36
C GLU D 149 -29.31 -39.06 19.14
N TYR D 150 -29.49 -37.90 18.53
CA TYR D 150 -29.21 -36.62 19.16
C TYR D 150 -30.48 -35.83 19.41
N TYR D 153 -32.22 -31.78 14.19
CA TYR D 153 -33.11 -31.44 13.08
C TYR D 153 -32.33 -30.60 12.08
N PRO D 154 -31.71 -31.23 11.09
CA PRO D 154 -30.87 -30.46 10.16
C PRO D 154 -31.69 -29.59 9.24
N VAL D 155 -31.07 -28.49 8.79
CA VAL D 155 -31.62 -27.60 7.78
C VAL D 155 -30.55 -27.42 6.71
N TYR D 156 -30.85 -27.83 5.49
CA TYR D 156 -29.87 -27.88 4.41
C TYR D 156 -30.00 -26.63 3.57
N LEU D 157 -28.92 -25.86 3.47
CA LEU D 157 -28.86 -24.70 2.60
C LEU D 157 -28.02 -25.11 1.39
N SER D 158 -28.69 -25.66 0.39
CA SER D 158 -27.99 -26.33 -0.70
C SER D 158 -27.19 -25.34 -1.53
N ASP D 159 -26.10 -25.85 -2.11
CA ASP D 159 -25.37 -25.17 -3.18
C ASP D 159 -24.97 -23.75 -2.77
N GLU D 160 -24.11 -23.68 -1.76
CA GLU D 160 -23.47 -22.44 -1.34
C GLU D 160 -24.44 -21.26 -1.31
N LEU D 161 -25.73 -21.53 -1.06
CA LEU D 161 -26.64 -20.45 -0.73
C LEU D 161 -26.24 -19.82 0.59
N ALA D 162 -25.64 -20.61 1.48
CA ALA D 162 -25.22 -20.15 2.80
C ALA D 162 -23.75 -19.81 2.84
N ASP D 163 -22.89 -20.69 2.31
CA ASP D 163 -21.46 -20.54 2.53
C ASP D 163 -20.95 -19.19 2.09
N SER D 164 -21.59 -18.55 1.11
CA SER D 164 -21.08 -17.31 0.58
C SER D 164 -22.16 -16.27 0.31
N HIS D 165 -23.39 -16.51 0.75
CA HIS D 165 -24.46 -15.55 0.49
C HIS D 165 -25.22 -15.25 1.78
N TYR D 166 -25.21 -16.18 2.73
CA TYR D 166 -25.82 -15.96 4.03
C TYR D 166 -24.78 -15.49 5.05
N ASN D 167 -23.75 -16.32 5.28
CA ASN D 167 -22.65 -15.92 6.14
C ASN D 167 -21.91 -14.72 5.57
N GLY D 168 -21.90 -14.57 4.24
CA GLY D 168 -21.28 -13.38 3.65
C GLY D 168 -21.99 -12.10 4.04
N PHE D 169 -23.33 -12.09 3.96
CA PHE D 169 -24.08 -10.91 4.39
C PHE D 169 -23.94 -10.70 5.89
N SER D 170 -24.06 -11.77 6.68
CA SER D 170 -24.03 -11.61 8.13
C SER D 170 -22.66 -11.09 8.59
N ASN D 171 -21.58 -11.62 8.04
CA ASN D 171 -20.25 -11.27 8.51
C ASN D 171 -19.63 -10.10 7.75
N SER D 172 -20.29 -9.58 6.71
CA SER D 172 -19.76 -8.43 6.01
C SER D 172 -20.60 -7.17 6.15
N ILE D 173 -21.84 -7.27 6.62
CA ILE D 173 -22.72 -6.12 6.71
C ILE D 173 -23.23 -5.94 8.14
N LEU D 174 -23.83 -6.98 8.71
CA LEU D 174 -24.38 -6.84 10.05
C LEU D 174 -23.29 -6.84 11.11
N TRP D 175 -22.32 -7.72 10.98
CA TRP D 175 -21.25 -7.79 11.98
C TRP D 175 -20.43 -6.52 12.05
N PRO D 176 -19.89 -5.97 10.95
CA PRO D 176 -19.12 -4.73 11.06
C PRO D 176 -19.95 -3.53 11.43
N LEU D 177 -21.28 -3.59 11.30
CA LEU D 177 -22.11 -2.45 11.66
C LEU D 177 -22.52 -2.46 13.11
N PHE D 178 -22.81 -3.64 13.67
CA PHE D 178 -23.19 -3.71 15.07
C PHE D 178 -22.02 -3.40 16.00
N HIS D 179 -20.80 -3.31 15.49
CA HIS D 179 -19.63 -3.00 16.29
C HIS D 179 -19.09 -1.61 15.98
N TYR D 180 -19.91 -0.72 15.46
CA TYR D 180 -19.53 0.66 15.19
C TYR D 180 -18.37 0.73 14.20
N HIS D 181 -18.40 -0.14 13.19
CA HIS D 181 -17.41 -0.17 12.13
C HIS D 181 -18.13 -0.14 10.80
N PRO D 182 -18.74 0.99 10.44
CA PRO D 182 -19.41 1.05 9.13
C PRO D 182 -18.46 1.23 7.98
N GLY D 183 -17.26 1.73 8.22
CA GLY D 183 -16.29 1.88 7.14
C GLY D 183 -15.89 0.54 6.54
N GLU D 184 -15.80 -0.48 7.37
CA GLU D 184 -15.44 -1.83 6.94
C GLU D 184 -16.66 -2.64 6.51
N MET D 185 -17.75 -1.99 6.14
CA MET D 185 -18.96 -2.64 5.69
C MET D 185 -19.09 -2.44 4.18
N ASN D 186 -19.29 -3.53 3.45
CA ASN D 186 -19.54 -3.46 2.02
C ASN D 186 -20.91 -4.05 1.74
N PHE D 187 -21.74 -3.30 1.02
CA PHE D 187 -23.11 -3.70 0.73
C PHE D 187 -23.20 -4.22 -0.69
N ASP D 188 -23.98 -5.28 -0.87
CA ASP D 188 -24.26 -5.82 -2.19
C ASP D 188 -25.69 -6.33 -2.19
N ALA D 189 -26.48 -5.86 -3.16
CA ALA D 189 -27.90 -6.20 -3.18
C ALA D 189 -28.15 -7.67 -3.46
N ALA D 190 -27.17 -8.39 -4.00
CA ALA D 190 -27.32 -9.83 -4.20
C ALA D 190 -27.19 -10.61 -2.91
N HIS D 191 -26.76 -9.97 -1.82
CA HIS D 191 -26.56 -10.63 -0.54
C HIS D 191 -27.80 -10.54 0.34
N TRP D 192 -28.51 -9.42 0.31
CA TRP D 192 -29.71 -9.30 1.10
C TRP D 192 -30.76 -10.33 0.66
N LEU D 193 -30.86 -10.56 -0.65
CA LEU D 193 -31.81 -11.56 -1.13
C LEU D 193 -31.44 -12.95 -0.63
N ALA D 194 -30.15 -13.28 -0.67
CA ALA D 194 -29.72 -14.59 -0.19
C ALA D 194 -30.00 -14.73 1.30
N TYR D 195 -29.79 -13.67 2.07
CA TYR D 195 -30.08 -13.71 3.49
C TYR D 195 -31.56 -13.97 3.72
N ARG D 196 -32.42 -13.27 2.98
CA ARG D 196 -33.85 -13.50 3.13
C ARG D 196 -34.22 -14.92 2.75
N GLU D 197 -33.62 -15.44 1.69
CA GLU D 197 -33.91 -16.81 1.26
C GLU D 197 -33.49 -17.83 2.32
N ALA D 198 -32.30 -17.64 2.89
CA ALA D 198 -31.82 -18.58 3.92
C ALA D 198 -32.73 -18.56 5.13
N ASN D 199 -33.13 -17.37 5.58
CA ASN D 199 -34.03 -17.31 6.73
C ASN D 199 -35.38 -17.93 6.38
N MET D 200 -35.86 -17.73 5.16
CA MET D 200 -37.09 -18.39 4.76
C MET D 200 -36.96 -19.90 4.83
N ARG D 201 -35.84 -20.44 4.34
CA ARG D 201 -35.63 -21.88 4.40
C ARG D 201 -35.62 -22.36 5.85
N PHE D 202 -34.96 -21.62 6.74
CA PHE D 202 -34.99 -21.97 8.15
C PHE D 202 -36.43 -22.04 8.65
N VAL D 205 -39.11 -25.11 8.24
CA VAL D 205 -38.72 -26.25 9.04
C VAL D 205 -39.25 -26.09 10.46
N VAL D 206 -39.04 -24.92 11.05
CA VAL D 206 -39.57 -24.66 12.38
C VAL D 206 -41.10 -24.71 12.35
N SER D 207 -41.69 -24.24 11.26
CA SER D 207 -43.14 -24.27 11.14
C SER D 207 -43.66 -25.71 11.16
N SER D 208 -42.96 -26.61 10.46
CA SER D 208 -43.32 -28.02 10.41
C SER D 208 -42.89 -28.80 11.65
N LEU D 209 -42.49 -28.10 12.71
CA LEU D 209 -41.90 -28.73 13.89
C LEU D 209 -42.36 -28.06 15.17
N VAL D 210 -43.56 -27.51 15.19
CA VAL D 210 -44.10 -26.83 16.36
C VAL D 210 -45.45 -27.43 16.73
N GLN D 211 -45.69 -27.56 18.01
CA GLN D 211 -46.99 -27.88 18.56
C GLN D 211 -47.43 -26.76 19.49
N ALA D 212 -48.71 -26.78 19.85
CA ALA D 212 -49.24 -25.72 20.69
C ALA D 212 -48.53 -25.67 22.03
N GLY D 213 -48.22 -24.46 22.48
CA GLY D 213 -47.62 -24.25 23.78
C GLY D 213 -46.11 -24.35 23.84
N ASP D 214 -45.45 -24.70 22.74
CA ASP D 214 -44.00 -24.84 22.75
C ASP D 214 -43.33 -23.47 22.68
N MET D 215 -42.22 -23.33 23.39
CA MET D 215 -41.41 -22.14 23.28
C MET D 215 -40.52 -22.24 22.05
N VAL D 216 -39.82 -21.13 21.76
CA VAL D 216 -38.76 -21.11 20.76
C VAL D 216 -37.71 -20.14 21.24
N TRP D 217 -36.50 -20.28 20.71
CA TRP D 217 -35.37 -19.47 21.16
C TRP D 217 -34.44 -19.31 19.96
N VAL D 218 -34.51 -18.16 19.31
CA VAL D 218 -33.70 -17.88 18.13
C VAL D 218 -32.44 -17.17 18.58
N TYR D 221 -27.24 -13.05 15.57
CA TYR D 221 -27.63 -12.03 14.61
C TYR D 221 -27.86 -12.59 13.21
N HIS D 222 -27.59 -13.88 12.97
CA HIS D 222 -27.87 -14.43 11.66
C HIS D 222 -29.36 -14.44 11.36
N LEU D 223 -30.18 -14.83 12.32
CA LEU D 223 -31.61 -14.96 12.12
C LEU D 223 -32.35 -13.75 12.66
N MET D 224 -32.08 -12.59 12.09
CA MET D 224 -32.74 -11.38 12.55
C MET D 224 -34.15 -11.22 11.99
N LEU D 225 -34.52 -11.99 10.97
CA LEU D 225 -35.86 -11.94 10.40
C LEU D 225 -36.71 -13.15 10.76
N LEU D 226 -36.10 -14.23 11.25
CA LEU D 226 -36.86 -15.45 11.44
C LEU D 226 -38.08 -15.26 12.33
N PRO D 227 -38.04 -14.47 13.41
CA PRO D 227 -39.24 -14.36 14.24
C PRO D 227 -40.47 -13.91 13.46
N MET D 228 -40.31 -12.95 12.55
CA MET D 228 -41.45 -12.51 11.76
C MET D 228 -41.93 -13.61 10.82
N LEU D 229 -41.01 -14.20 10.07
CA LEU D 229 -41.39 -15.27 9.15
C LEU D 229 -42.14 -16.36 9.88
N LEU D 230 -41.72 -16.69 11.10
CA LEU D 230 -42.38 -17.76 11.85
C LEU D 230 -43.73 -17.31 12.36
N ARG D 231 -43.82 -16.12 12.94
CA ARG D 231 -45.09 -15.66 13.49
C ARG D 231 -46.13 -15.45 12.40
N SER D 232 -45.72 -15.22 11.16
CA SER D 232 -46.67 -15.17 10.07
C SER D 232 -47.37 -16.51 9.89
N MET D 233 -46.61 -17.60 9.96
CA MET D 233 -47.17 -18.94 9.77
C MET D 233 -48.18 -19.27 10.86
N ILE D 326 -42.14 -16.97 21.50
CA ILE D 326 -40.90 -16.84 20.73
C ILE D 326 -39.94 -15.93 21.47
N GLY D 327 -38.64 -16.23 21.36
CA GLY D 327 -37.63 -15.43 22.02
C GLY D 327 -36.45 -15.24 21.09
N PHE D 328 -35.65 -14.22 21.38
CA PHE D 328 -34.51 -13.87 20.55
C PHE D 328 -33.45 -13.26 21.45
N PHE D 329 -32.22 -13.74 21.31
CA PHE D 329 -31.09 -13.23 22.09
C PHE D 329 -29.97 -12.79 21.15
N LEU D 330 -29.49 -11.57 21.34
CA LEU D 330 -28.50 -10.95 20.47
C LEU D 330 -27.17 -10.87 21.23
N HIS D 331 -26.19 -11.65 20.78
CA HIS D 331 -24.90 -11.69 21.48
C HIS D 331 -24.07 -10.44 21.19
N THR D 332 -24.06 -9.98 19.94
CA THR D 332 -23.30 -8.80 19.59
C THR D 332 -23.94 -7.54 20.18
N PRO D 333 -23.21 -6.43 20.24
CA PRO D 333 -23.81 -5.19 20.71
C PRO D 333 -24.97 -4.77 19.82
N PHE D 334 -25.63 -3.69 20.21
CA PHE D 334 -26.58 -3.03 19.34
C PHE D 334 -26.20 -1.55 19.28
N PRO D 335 -25.91 -0.99 18.11
CA PRO D 335 -25.31 0.34 18.06
C PRO D 335 -26.32 1.44 18.36
N SER D 336 -25.78 2.64 18.56
CA SER D 336 -26.61 3.80 18.83
C SER D 336 -27.60 4.02 17.69
N SER D 337 -28.54 4.93 17.90
CA SER D 337 -29.40 5.33 16.81
C SER D 337 -28.62 5.95 15.67
N GLU D 338 -27.72 6.87 16.00
CA GLU D 338 -26.98 7.59 14.97
C GLU D 338 -26.06 6.69 14.17
N ILE D 339 -25.71 5.53 14.70
CA ILE D 339 -24.87 4.58 13.97
C ILE D 339 -25.70 3.45 13.35
N TYR D 340 -26.90 3.20 13.85
CA TYR D 340 -27.74 2.18 13.26
C TYR D 340 -28.54 2.67 12.08
N ARG D 341 -28.82 3.97 12.00
CA ARG D 341 -29.55 4.49 10.85
C ARG D 341 -28.75 4.38 9.55
N ILE D 342 -27.54 3.81 9.58
CA ILE D 342 -26.77 3.63 8.36
C ILE D 342 -27.20 2.40 7.57
N LEU D 343 -27.79 1.40 8.21
CA LEU D 343 -28.14 0.18 7.52
C LEU D 343 -29.20 0.48 6.47
N PRO D 344 -28.96 0.18 5.19
CA PRO D 344 -29.99 0.46 4.17
C PRO D 344 -31.30 -0.28 4.39
N VAL D 345 -31.29 -1.39 5.12
CA VAL D 345 -32.49 -2.22 5.25
C VAL D 345 -32.95 -2.26 6.70
N ARG D 346 -32.74 -1.15 7.42
CA ARG D 346 -32.98 -1.14 8.87
C ARG D 346 -34.43 -1.50 9.20
N ARG D 347 -35.39 -0.97 8.43
CA ARG D 347 -36.78 -1.19 8.76
C ARG D 347 -37.13 -2.67 8.74
N GLU D 348 -36.66 -3.41 7.72
CA GLU D 348 -36.99 -4.83 7.65
C GLU D 348 -36.46 -5.58 8.86
N ILE D 349 -35.24 -5.28 9.28
CA ILE D 349 -34.64 -6.02 10.37
C ILE D 349 -35.32 -5.71 11.70
N LEU D 350 -35.57 -4.43 11.98
CA LEU D 350 -36.30 -4.12 13.21
C LEU D 350 -37.70 -4.74 13.20
N LEU D 351 -38.39 -4.68 12.07
CA LEU D 351 -39.73 -5.25 12.02
C LEU D 351 -39.69 -6.76 12.21
N GLY D 352 -38.65 -7.42 11.68
CA GLY D 352 -38.53 -8.85 11.88
C GLY D 352 -38.30 -9.19 13.34
N VAL D 353 -37.38 -8.48 13.99
CA VAL D 353 -37.05 -8.80 15.37
C VAL D 353 -38.20 -8.47 16.31
N LEU D 354 -39.00 -7.45 15.98
CA LEU D 354 -39.97 -6.92 16.96
C LEU D 354 -41.16 -7.84 17.19
N GLN D 355 -41.33 -8.91 16.41
CA GLN D 355 -42.46 -9.80 16.61
C GLN D 355 -42.22 -10.84 17.70
N CYS D 356 -41.03 -10.84 18.30
CA CYS D 356 -40.74 -11.77 19.38
C CYS D 356 -41.54 -11.40 20.62
N ASP D 357 -41.75 -12.39 21.48
CA ASP D 357 -42.39 -12.17 22.77
C ASP D 357 -41.39 -11.83 23.87
N LEU D 358 -40.09 -11.83 23.56
CA LEU D 358 -39.06 -11.46 24.51
C LEU D 358 -37.74 -11.32 23.78
N ILE D 359 -36.98 -10.27 24.09
CA ILE D 359 -35.68 -10.04 23.52
C ILE D 359 -34.72 -9.68 24.64
N GLY D 360 -33.49 -10.18 24.57
CA GLY D 360 -32.52 -9.97 25.63
C GLY D 360 -31.19 -9.51 25.08
N PHE D 361 -30.50 -8.73 25.90
CA PHE D 361 -29.17 -8.21 25.54
C PHE D 361 -28.24 -8.36 26.74
N HIS D 362 -26.95 -8.47 26.45
CA HIS D 362 -25.97 -8.73 27.50
C HIS D 362 -25.77 -7.57 28.46
N THR D 363 -26.28 -6.38 28.15
CA THR D 363 -26.14 -5.25 29.05
C THR D 363 -27.33 -4.32 28.87
N TYR D 364 -27.53 -3.45 29.85
CA TYR D 364 -28.66 -2.55 29.78
C TYR D 364 -28.46 -1.49 28.70
N ASP D 365 -27.21 -1.12 28.42
CA ASP D 365 -26.98 -0.13 27.38
C ASP D 365 -27.48 -0.60 26.03
N TYR D 366 -27.27 -1.87 25.70
CA TYR D 366 -27.76 -2.39 24.43
C TYR D 366 -29.28 -2.32 24.38
N ALA D 367 -29.95 -2.61 25.49
CA ALA D 367 -31.40 -2.50 25.54
C ALA D 367 -31.85 -1.07 25.29
N ARG D 368 -31.23 -0.11 25.98
CA ARG D 368 -31.62 1.28 25.79
C ARG D 368 -31.42 1.71 24.35
N HIS D 369 -30.29 1.32 23.75
CA HIS D 369 -30.04 1.70 22.37
C HIS D 369 -31.04 1.07 21.41
N PHE D 370 -31.41 -0.19 21.66
CA PHE D 370 -32.43 -0.81 20.82
C PHE D 370 -33.75 -0.07 20.92
N LEU D 371 -34.15 0.31 22.13
CA LEU D 371 -35.43 1.01 22.28
C LEU D 371 -35.39 2.37 21.59
N SER D 372 -34.27 3.10 21.72
CA SER D 372 -34.20 4.40 21.07
C SER D 372 -34.22 4.26 19.56
N SER D 373 -33.58 3.22 19.02
CA SER D 373 -33.67 2.98 17.59
C SER D 373 -35.10 2.69 17.18
N CYS D 374 -35.81 1.87 17.95
CA CYS D 374 -37.19 1.56 17.61
C CYS D 374 -38.04 2.83 17.58
N THR D 375 -37.86 3.70 18.57
CA THR D 375 -38.67 4.92 18.60
C THR D 375 -38.21 5.97 17.60
N ARG D 376 -37.00 5.87 17.07
CA ARG D 376 -36.54 6.76 16.02
C ARG D 376 -36.78 6.21 14.61
N ILE D 377 -37.23 4.97 14.47
CA ILE D 377 -37.64 4.46 13.17
C ILE D 377 -39.15 4.24 13.17
N THR D 382 -42.32 4.34 23.46
CA THR D 382 -41.89 3.05 23.97
C THR D 382 -41.94 3.01 25.49
N GLN D 383 -42.33 1.87 26.03
CA GLN D 383 -42.30 1.66 27.46
C GLN D 383 -40.85 1.62 27.95
N PRO D 384 -40.63 1.86 29.24
CA PRO D 384 -39.25 1.78 29.76
C PRO D 384 -38.63 0.40 29.60
N ASN D 385 -39.42 -0.67 29.67
CA ASN D 385 -38.94 -2.04 29.60
C ASN D 385 -39.82 -2.86 28.67
N GLY D 386 -40.07 -2.32 27.49
CA GLY D 386 -40.92 -2.99 26.52
C GLY D 386 -41.28 -2.06 25.39
N ILE D 387 -42.24 -2.49 24.59
CA ILE D 387 -42.74 -1.67 23.49
C ILE D 387 -44.25 -1.78 23.42
N TYR D 393 -47.15 -7.32 22.40
CA TYR D 393 -46.35 -6.51 23.31
C TYR D 393 -44.97 -7.14 23.54
N CYS D 394 -44.00 -6.72 22.74
CA CYS D 394 -42.64 -7.21 22.89
C CYS D 394 -42.04 -6.74 24.22
N GLN D 395 -40.99 -7.41 24.64
CA GLN D 395 -40.32 -7.12 25.90
C GLN D 395 -38.81 -7.08 25.69
N VAL D 396 -38.13 -6.32 26.54
CA VAL D 396 -36.69 -6.14 26.46
C VAL D 396 -36.09 -6.41 27.83
N GLY D 397 -35.01 -7.21 27.87
CA GLY D 397 -34.39 -7.55 29.13
C GLY D 397 -32.89 -7.68 28.98
N THR D 398 -32.23 -7.81 30.13
CA THR D 398 -30.79 -7.99 30.22
C THR D 398 -30.48 -9.32 30.88
N PHE D 399 -29.60 -10.11 30.26
CA PHE D 399 -29.25 -11.44 30.75
C PHE D 399 -27.76 -11.69 30.51
N PRO D 400 -26.90 -11.20 31.40
CA PRO D 400 -25.47 -11.39 31.18
C PRO D 400 -25.09 -12.86 31.17
N ILE D 401 -24.11 -13.19 30.32
CA ILE D 401 -23.74 -14.57 30.07
C ILE D 401 -22.36 -14.81 30.65
N GLY D 402 -22.04 -16.09 30.88
CA GLY D 402 -20.76 -16.47 31.43
C GLY D 402 -20.26 -17.79 30.89
N ILE D 403 -19.39 -18.47 31.63
CA ILE D 403 -18.77 -19.71 31.22
C ILE D 403 -18.98 -20.75 32.31
N ASP D 404 -18.36 -21.91 32.13
CA ASP D 404 -18.38 -22.96 33.13
C ASP D 404 -17.01 -23.06 33.80
N PRO D 405 -16.76 -22.28 34.86
CA PRO D 405 -15.39 -22.20 35.38
C PRO D 405 -14.85 -23.53 35.87
N ASN D 406 -15.70 -24.41 36.40
CA ASN D 406 -15.21 -25.67 36.96
C ASN D 406 -14.29 -26.37 35.98
N GLN D 407 -14.69 -26.42 34.70
CA GLN D 407 -13.85 -27.01 33.66
C GLN D 407 -12.40 -26.59 33.84
N PHE D 408 -12.12 -25.30 33.76
CA PHE D 408 -10.74 -24.84 33.85
C PHE D 408 -10.12 -25.28 35.16
N ILE D 409 -10.84 -25.11 36.27
CA ILE D 409 -10.32 -25.58 37.55
C ILE D 409 -10.04 -27.08 37.45
N GLU D 410 -11.01 -27.86 36.99
CA GLU D 410 -10.80 -29.29 36.87
C GLU D 410 -9.67 -29.60 35.92
N GLY D 411 -9.42 -28.73 34.95
CA GLY D 411 -8.34 -28.96 34.02
C GLY D 411 -6.98 -28.65 34.57
N LEU D 412 -6.90 -27.84 35.61
CA LEU D 412 -5.61 -27.41 36.14
C LEU D 412 -5.07 -28.35 37.20
N GLN D 413 -5.80 -29.40 37.53
CA GLN D 413 -5.32 -30.46 38.41
C GLN D 413 -5.08 -31.76 37.66
N LYS D 414 -5.14 -31.73 36.34
CA LYS D 414 -4.87 -32.92 35.54
C LYS D 414 -3.38 -33.25 35.57
N GLU D 415 -3.08 -34.53 35.32
CA GLU D 415 -1.73 -35.04 35.42
C GLU D 415 -0.83 -34.72 34.26
N SER D 416 -1.34 -34.06 33.23
CA SER D 416 -0.55 -33.63 32.07
C SER D 416 -0.40 -32.12 31.98
N ILE D 417 -1.47 -31.37 32.22
CA ILE D 417 -1.40 -29.92 32.08
C ILE D 417 -0.43 -29.34 33.10
N VAL D 418 -0.36 -29.93 34.29
CA VAL D 418 0.52 -29.40 35.32
C VAL D 418 1.97 -29.54 34.89
N LYS D 419 2.31 -30.63 34.21
CA LYS D 419 3.69 -30.80 33.76
C LYS D 419 4.06 -29.76 32.70
N ARG D 420 3.16 -29.51 31.75
CA ARG D 420 3.44 -28.49 30.75
C ARG D 420 3.56 -27.12 31.39
N LEU D 421 2.69 -26.82 32.35
CA LEU D 421 2.79 -25.53 33.04
C LEU D 421 4.09 -25.41 33.79
N ARG D 422 4.53 -26.49 34.44
CA ARG D 422 5.80 -26.45 35.17
C ARG D 422 6.97 -26.22 34.21
N SER D 423 6.96 -26.90 33.06
CA SER D 423 8.03 -26.68 32.09
C SER D 423 8.03 -25.25 31.57
N LEU D 424 6.85 -24.72 31.23
CA LEU D 424 6.79 -23.35 30.74
C LEU D 424 7.29 -22.38 31.80
N GLU D 425 6.87 -22.55 33.05
CA GLU D 425 7.31 -21.65 34.11
C GLU D 425 8.80 -21.81 34.37
N ALA D 426 9.36 -22.99 34.11
CA ALA D 426 10.80 -23.15 34.17
C ALA D 426 11.49 -22.34 33.08
N ARG D 427 10.91 -22.33 31.87
CA ARG D 427 11.49 -21.55 30.78
C ARG D 427 11.49 -20.05 31.10
N PHE D 428 10.38 -19.55 31.65
CA PHE D 428 10.25 -18.13 31.99
C PHE D 428 10.59 -17.95 33.47
N GLU D 429 11.87 -17.91 33.77
CA GLU D 429 12.34 -17.68 35.13
C GLU D 429 12.83 -16.25 35.23
N GLY D 430 12.26 -15.50 36.18
CA GLY D 430 12.60 -14.10 36.30
C GLY D 430 12.01 -13.23 35.22
N VAL D 431 10.94 -13.69 34.58
CA VAL D 431 10.29 -12.97 33.50
C VAL D 431 8.80 -12.92 33.81
N LYS D 432 8.19 -11.76 33.58
CA LYS D 432 6.75 -11.59 33.78
C LYS D 432 6.04 -11.77 32.44
N VAL D 433 5.02 -12.62 32.42
CA VAL D 433 4.38 -13.00 31.17
C VAL D 433 2.99 -12.40 31.07
N ILE D 434 2.87 -11.23 30.45
CA ILE D 434 1.56 -10.80 29.99
C ILE D 434 1.05 -11.82 28.99
N ILE D 435 -0.25 -11.80 28.75
CA ILE D 435 -0.84 -12.72 27.78
C ILE D 435 -2.10 -12.07 27.21
N GLY D 436 -2.22 -12.09 25.89
CA GLY D 436 -3.46 -11.66 25.27
C GLY D 436 -3.89 -12.63 24.20
N VAL D 437 -5.04 -13.26 24.38
CA VAL D 437 -5.60 -14.20 23.42
C VAL D 437 -6.76 -13.51 22.72
N ASP D 438 -6.84 -13.67 21.41
CA ASP D 438 -7.83 -12.98 20.62
C ASP D 438 -7.94 -13.70 19.28
N ARG D 439 -8.96 -13.34 18.52
CA ARG D 439 -9.07 -13.75 17.13
C ARG D 439 -8.69 -12.57 16.25
N LEU D 440 -8.28 -12.86 15.01
CA LEU D 440 -7.97 -11.76 14.12
C LEU D 440 -9.26 -11.10 13.66
N ASP D 441 -9.79 -10.22 14.50
CA ASP D 441 -10.88 -9.35 14.09
C ASP D 441 -10.45 -7.91 14.25
N TYR D 442 -10.94 -7.09 13.35
CA TYR D 442 -10.70 -5.66 13.43
C TYR D 442 -11.43 -5.00 14.59
N ILE D 443 -12.22 -5.75 15.36
CA ILE D 443 -12.88 -5.21 16.55
C ILE D 443 -12.09 -5.47 17.83
N LYS D 444 -11.00 -6.23 17.77
CA LYS D 444 -10.25 -6.61 18.96
C LYS D 444 -9.12 -5.65 19.29
N GLY D 445 -8.82 -4.69 18.42
CA GLY D 445 -7.83 -3.70 18.77
C GLY D 445 -6.48 -4.28 19.11
N ILE D 446 -5.99 -5.25 18.33
CA ILE D 446 -4.65 -5.78 18.55
C ILE D 446 -3.59 -4.72 18.33
N PRO D 447 -3.62 -3.94 17.25
CA PRO D 447 -2.61 -2.88 17.10
C PRO D 447 -2.55 -1.96 18.29
N GLN D 448 -3.67 -1.74 18.98
CA GLN D 448 -3.64 -0.93 20.19
C GLN D 448 -2.87 -1.63 21.31
N LYS D 449 -3.03 -2.95 21.46
CA LYS D 449 -2.18 -3.68 22.40
C LYS D 449 -0.71 -3.45 22.08
N LEU D 450 -0.33 -3.65 20.82
CA LEU D 450 1.09 -3.62 20.49
C LEU D 450 1.67 -2.22 20.64
N GLN D 451 0.93 -1.19 20.23
CA GLN D 451 1.41 0.17 20.45
C GLN D 451 1.47 0.51 21.93
N ALA D 452 0.55 -0.02 22.74
CA ALA D 452 0.63 0.20 24.17
C ALA D 452 1.89 -0.42 24.76
N LEU D 453 2.22 -1.64 24.33
CA LEU D 453 3.45 -2.26 24.81
C LEU D 453 4.67 -1.48 24.38
N GLU D 454 4.68 -0.99 23.14
CA GLU D 454 5.80 -0.18 22.68
C GLU D 454 5.96 1.06 23.53
N THR D 455 4.85 1.72 23.87
CA THR D 455 4.95 2.88 24.76
C THR D 455 5.45 2.49 26.13
N PHE D 456 4.95 1.38 26.68
CA PHE D 456 5.35 0.96 28.01
C PHE D 456 6.85 0.72 28.08
N LEU D 457 7.40 0.07 27.07
CA LEU D 457 8.83 -0.21 27.07
C LEU D 457 9.66 1.01 26.72
N THR D 458 9.13 1.92 25.89
CA THR D 458 9.86 3.14 25.61
C THR D 458 9.96 4.02 26.84
N GLN D 459 8.98 3.95 27.74
CA GLN D 459 9.00 4.77 28.94
C GLN D 459 9.75 4.14 30.10
N HIS D 460 9.87 2.82 30.14
CA HIS D 460 10.45 2.09 31.27
C HIS D 460 11.57 1.20 30.77
N PRO D 461 12.74 1.75 30.50
CA PRO D 461 13.85 0.92 30.00
C PRO D 461 14.29 -0.15 30.98
N GLU D 462 13.97 -0.01 32.27
CA GLU D 462 14.38 -1.01 33.24
C GLU D 462 13.69 -2.35 33.04
N TRP D 463 12.62 -2.40 32.25
CA TRP D 463 11.83 -3.60 32.07
C TRP D 463 12.09 -4.29 30.74
N ILE D 464 13.05 -3.82 29.96
CA ILE D 464 13.32 -4.46 28.67
C ILE D 464 14.00 -5.79 28.92
N GLY D 465 13.37 -6.86 28.45
CA GLY D 465 13.90 -8.20 28.63
C GLY D 465 13.26 -8.98 29.75
N LYS D 466 12.44 -8.35 30.58
CA LYS D 466 11.80 -9.02 31.70
C LYS D 466 10.31 -9.21 31.51
N VAL D 467 9.69 -8.54 30.55
CA VAL D 467 8.26 -8.71 30.24
C VAL D 467 8.16 -9.24 28.82
N VAL D 468 7.37 -10.29 28.65
CA VAL D 468 7.16 -10.91 27.34
C VAL D 468 5.67 -11.04 27.11
N LEU D 469 5.19 -10.53 25.99
CA LEU D 469 3.76 -10.50 25.68
C LEU D 469 3.41 -11.67 24.80
N VAL D 470 2.94 -12.76 25.40
CA VAL D 470 2.62 -13.95 24.63
C VAL D 470 1.29 -13.76 23.93
N GLN D 471 1.31 -13.16 22.74
CA GLN D 471 0.09 -12.92 21.98
C GLN D 471 -0.32 -14.19 21.26
N LEU D 472 -1.62 -14.37 21.08
CA LEU D 472 -2.15 -15.47 20.30
C LEU D 472 -3.32 -14.95 19.50
N ALA D 473 -3.36 -15.27 18.21
CA ALA D 473 -4.37 -14.70 17.30
C ALA D 473 -4.98 -15.84 16.51
N ILE D 474 -6.07 -16.41 17.03
CA ILE D 474 -6.72 -17.51 16.31
C ILE D 474 -7.15 -17.00 14.94
N PRO D 475 -7.15 -17.84 13.89
CA PRO D 475 -7.72 -17.37 12.63
C PRO D 475 -9.23 -17.22 12.69
N TYR D 483 -9.55 -8.71 6.78
CA TYR D 483 -8.79 -9.80 7.38
C TYR D 483 -7.60 -10.17 6.52
N GLN D 484 -7.22 -9.29 5.61
CA GLN D 484 -6.05 -9.50 4.77
C GLN D 484 -5.20 -8.24 4.74
N ASP D 485 -5.84 -7.08 4.91
CA ASP D 485 -5.13 -5.83 5.14
C ASP D 485 -4.94 -5.53 6.62
N LEU D 486 -5.58 -6.31 7.50
CA LEU D 486 -5.34 -6.22 8.93
C LEU D 486 -4.17 -7.10 9.32
N ARG D 487 -4.19 -8.36 8.87
CA ARG D 487 -3.09 -9.25 9.16
C ARG D 487 -1.76 -8.62 8.82
N ALA D 488 -1.71 -7.87 7.71
CA ALA D 488 -0.47 -7.19 7.35
C ALA D 488 -0.08 -6.15 8.38
N CYS D 489 -1.06 -5.39 8.91
CA CYS D 489 -0.75 -4.39 9.91
C CYS D 489 -0.26 -5.01 11.21
N VAL D 490 -0.88 -6.12 11.63
CA VAL D 490 -0.44 -6.80 12.84
C VAL D 490 0.96 -7.37 12.64
N ASN D 491 1.22 -7.98 11.48
CA ASN D 491 2.55 -8.51 11.23
C ASN D 491 3.59 -7.41 11.24
N GLU D 492 3.29 -6.26 10.63
CA GLU D 492 4.25 -5.17 10.60
C GLU D 492 4.52 -4.63 11.99
N LEU D 493 3.48 -4.50 12.82
CA LEU D 493 3.71 -4.03 14.19
C LEU D 493 4.56 -5.00 14.99
N VAL D 494 4.26 -6.30 14.89
CA VAL D 494 5.06 -7.28 15.61
C VAL D 494 6.50 -7.20 15.16
N GLY D 495 6.73 -7.16 13.86
CA GLY D 495 8.10 -7.09 13.36
C GLY D 495 8.82 -5.85 13.83
N ARG D 496 8.17 -4.69 13.77
CA ARG D 496 8.84 -3.46 14.14
C ARG D 496 9.18 -3.43 15.62
N ILE D 497 8.26 -3.88 16.48
CA ILE D 497 8.53 -3.85 17.91
C ILE D 497 9.64 -4.85 18.26
N ASN D 498 9.56 -6.06 17.72
CA ASN D 498 10.63 -7.02 17.97
C ASN D 498 11.97 -6.47 17.51
N GLY D 499 11.99 -5.79 16.36
CA GLY D 499 13.25 -5.25 15.87
C GLY D 499 13.79 -4.14 16.75
N ARG D 500 12.93 -3.23 17.19
CA ARG D 500 13.40 -2.12 17.99
C ARG D 500 13.91 -2.59 19.35
N PHE D 501 13.16 -3.45 20.03
CA PHE D 501 13.49 -3.88 21.39
C PHE D 501 14.09 -5.27 21.45
N GLY D 502 14.46 -5.84 20.32
CA GLY D 502 15.00 -7.18 20.31
C GLY D 502 16.43 -7.24 20.82
N THR D 503 16.94 -8.45 20.93
CA THR D 503 18.30 -8.70 21.38
C THR D 503 18.64 -10.14 21.01
N VAL D 504 19.92 -10.49 21.17
CA VAL D 504 20.39 -11.78 20.70
C VAL D 504 19.65 -12.94 21.33
N GLU D 505 19.03 -12.76 22.50
CA GLU D 505 18.37 -13.88 23.16
C GLU D 505 17.03 -13.53 23.79
N SER D 506 16.49 -12.33 23.55
CA SER D 506 15.21 -11.94 24.11
C SER D 506 14.33 -11.35 23.02
N VAL D 507 13.04 -11.67 23.05
CA VAL D 507 12.07 -11.18 22.07
C VAL D 507 10.85 -10.67 22.83
N PRO D 508 10.50 -9.39 22.75
CA PRO D 508 9.36 -8.91 23.54
C PRO D 508 8.05 -9.61 23.25
N ILE D 509 7.75 -9.91 21.99
CA ILE D 509 6.44 -10.40 21.59
C ILE D 509 6.59 -11.81 21.03
N HIS D 510 5.91 -12.76 21.63
CA HIS D 510 5.88 -14.14 21.13
C HIS D 510 4.62 -14.36 20.28
N TYR D 511 4.46 -13.52 19.27
CA TYR D 511 3.27 -13.57 18.44
C TYR D 511 3.08 -14.97 17.86
N MET D 512 1.85 -15.45 17.91
CA MET D 512 1.47 -16.75 17.38
C MET D 512 0.22 -16.59 16.54
N HIS D 513 0.05 -17.45 15.56
CA HIS D 513 -1.11 -17.34 14.66
C HIS D 513 -1.69 -18.71 14.38
N LYS D 514 -1.94 -19.48 15.43
CA LYS D 514 -2.51 -20.80 15.30
C LYS D 514 -3.60 -20.98 16.36
N SER D 515 -4.47 -21.96 16.13
CA SER D 515 -5.54 -22.28 17.05
C SER D 515 -5.05 -23.38 17.99
N VAL D 516 -4.74 -23.02 19.23
CA VAL D 516 -4.18 -23.95 20.19
C VAL D 516 -5.29 -24.83 20.76
N PRO D 517 -5.01 -26.08 21.14
CA PRO D 517 -6.04 -26.91 21.76
C PRO D 517 -6.33 -26.50 23.19
N PHE D 518 -7.21 -27.24 23.87
CA PHE D 518 -7.62 -26.84 25.21
C PHE D 518 -6.47 -26.89 26.20
N GLU D 519 -5.64 -27.93 26.12
CA GLU D 519 -4.60 -28.13 27.13
C GLU D 519 -3.56 -27.03 27.09
N GLU D 520 -2.99 -26.75 25.92
CA GLU D 520 -2.02 -25.68 25.82
C GLU D 520 -2.65 -24.35 26.21
N LEU D 521 -3.92 -24.16 25.86
CA LEU D 521 -4.60 -22.92 26.21
C LEU D 521 -4.64 -22.73 27.71
N THR D 522 -5.10 -23.75 28.44
CA THR D 522 -5.21 -23.60 29.89
C THR D 522 -3.84 -23.47 30.54
N ALA D 523 -2.83 -24.16 30.01
CA ALA D 523 -1.49 -23.99 30.54
C ALA D 523 -1.02 -22.55 30.39
N MET D 524 -1.20 -21.97 29.21
CA MET D 524 -0.80 -20.59 29.00
C MET D 524 -1.58 -19.65 29.91
N TYR D 525 -2.88 -19.91 30.07
CA TYR D 525 -3.68 -19.07 30.96
C TYR D 525 -3.15 -19.09 32.37
N ALA D 526 -2.87 -20.29 32.90
CA ALA D 526 -2.38 -20.39 34.26
C ALA D 526 -0.99 -19.78 34.42
N LEU D 527 -0.19 -19.80 33.36
CA LEU D 527 1.14 -19.20 33.43
C LEU D 527 1.08 -17.68 33.45
N ALA D 528 0.14 -17.09 32.72
CA ALA D 528 0.11 -15.65 32.54
C ALA D 528 0.09 -14.87 33.83
N ASP D 529 0.71 -13.74 33.83
CA ASP D 529 0.74 -12.97 35.02
C ASP D 529 -0.12 -11.74 34.99
N ALA D 530 -0.64 -11.31 33.85
CA ALA D 530 -1.53 -10.17 33.77
C ALA D 530 -2.14 -10.24 32.47
N CYS D 531 -3.42 -10.43 32.29
CA CYS D 531 -3.99 -10.49 30.96
C CYS D 531 -4.23 -9.14 30.41
N LEU D 532 -4.46 -9.00 29.12
CA LEU D 532 -4.61 -7.72 28.44
C LEU D 532 -5.69 -7.87 27.37
N VAL D 533 -6.89 -7.39 27.68
CA VAL D 533 -8.02 -7.42 26.77
C VAL D 533 -8.30 -5.99 26.35
N THR D 534 -7.91 -5.63 25.12
CA THR D 534 -8.02 -4.29 24.59
C THR D 534 -8.98 -4.27 23.41
N SER D 535 -10.12 -4.93 23.56
CA SER D 535 -11.15 -4.90 22.53
C SER D 535 -11.87 -3.56 22.55
N THR D 536 -12.03 -2.96 21.36
CA THR D 536 -12.68 -1.66 21.27
C THR D 536 -14.19 -1.76 21.40
N ARG D 537 -14.79 -2.82 20.86
CA ARG D 537 -16.19 -3.12 21.08
C ARG D 537 -16.36 -4.63 21.07
N ASP D 538 -17.16 -5.15 22.00
CA ASP D 538 -17.39 -6.58 22.01
C ASP D 538 -18.63 -6.90 22.83
N GLY D 539 -19.40 -7.86 22.36
CA GLY D 539 -20.63 -8.22 23.03
C GLY D 539 -20.37 -8.67 24.46
N MET D 540 -19.71 -9.80 24.60
CA MET D 540 -19.23 -10.26 25.90
C MET D 540 -17.85 -10.86 25.71
N ASN D 541 -16.90 -10.45 26.54
CA ASN D 541 -15.54 -10.93 26.47
C ASN D 541 -15.44 -12.19 27.31
N LEU D 542 -15.40 -13.34 26.65
CA LEU D 542 -15.29 -14.61 27.36
C LEU D 542 -13.85 -14.98 27.68
N VAL D 543 -12.87 -14.29 27.11
CA VAL D 543 -11.48 -14.57 27.46
C VAL D 543 -11.21 -14.16 28.90
N ALA D 544 -11.82 -13.06 29.35
CA ALA D 544 -11.60 -12.62 30.72
C ALA D 544 -12.08 -13.66 31.72
N TYR D 545 -13.26 -14.23 31.49
CA TYR D 545 -13.77 -15.22 32.44
C TYR D 545 -12.89 -16.46 32.47
N GLU D 546 -12.47 -16.93 31.29
CA GLU D 546 -11.64 -18.12 31.24
C GLU D 546 -10.30 -17.88 31.91
N TYR D 547 -9.69 -16.73 31.67
CA TYR D 547 -8.43 -16.42 32.32
C TYR D 547 -8.59 -16.35 33.84
N ILE D 548 -9.62 -15.66 34.31
CA ILE D 548 -9.80 -15.48 35.75
C ILE D 548 -10.13 -16.80 36.44
N SER D 549 -10.83 -17.70 35.76
CA SER D 549 -11.10 -19.00 36.37
C SER D 549 -9.83 -19.82 36.54
N SER D 550 -8.77 -19.51 35.81
CA SER D 550 -7.54 -20.31 35.79
C SER D 550 -6.40 -19.60 36.50
N GLN D 551 -6.67 -18.96 37.63
CA GLN D 551 -5.65 -18.22 38.34
C GLN D 551 -5.76 -18.43 39.85
N ALA D 552 -6.24 -19.59 40.27
CA ALA D 552 -6.45 -19.82 41.68
C ALA D 552 -5.14 -19.74 42.47
N GLU D 553 -4.02 -20.08 41.83
CA GLU D 553 -2.74 -20.18 42.52
C GLU D 553 -1.81 -19.00 42.26
N ARG D 554 -1.93 -18.33 41.12
CA ARG D 554 -1.04 -17.23 40.79
C ARG D 554 -1.62 -15.86 41.11
N HIS D 555 -2.94 -15.70 41.03
CA HIS D 555 -3.60 -14.43 41.33
C HIS D 555 -3.09 -13.31 40.41
N GLY D 556 -3.37 -13.46 39.12
CA GLY D 556 -2.96 -12.45 38.17
C GLY D 556 -3.91 -11.27 38.12
N SER D 557 -3.55 -10.29 37.30
CA SER D 557 -4.37 -9.10 37.11
C SER D 557 -5.25 -9.28 35.89
N MET D 558 -6.03 -8.25 35.57
CA MET D 558 -6.95 -8.30 34.44
C MET D 558 -7.16 -6.87 33.96
N ILE D 559 -6.43 -6.49 32.91
CA ILE D 559 -6.59 -5.18 32.29
C ILE D 559 -7.69 -5.31 31.24
N LEU D 560 -8.79 -4.59 31.44
CA LEU D 560 -9.98 -4.73 30.61
C LEU D 560 -10.42 -3.36 30.13
N SER D 561 -10.84 -3.28 28.87
CA SER D 561 -11.26 -2.01 28.30
C SER D 561 -12.65 -1.63 28.79
N GLU D 562 -12.90 -0.32 28.82
CA GLU D 562 -14.20 0.16 29.23
C GLU D 562 -15.33 -0.24 28.30
N PHE D 563 -15.02 -0.48 27.03
CA PHE D 563 -16.03 -0.78 26.02
C PHE D 563 -16.30 -2.26 25.85
N ALA D 564 -15.51 -3.14 26.46
CA ALA D 564 -15.66 -4.56 26.24
C ALA D 564 -16.79 -5.16 27.04
N GLY D 565 -17.89 -5.50 26.35
CA GLY D 565 -19.03 -6.14 26.98
C GLY D 565 -19.38 -5.58 28.34
N ALA D 566 -19.72 -6.44 29.28
CA ALA D 566 -20.01 -6.00 30.62
C ALA D 566 -18.76 -5.68 31.40
N ALA D 567 -17.94 -4.78 30.84
CA ALA D 567 -16.67 -4.42 31.44
C ALA D 567 -16.75 -3.45 32.58
N GLN D 568 -17.96 -3.01 32.94
CA GLN D 568 -18.18 -2.13 34.07
C GLN D 568 -18.73 -2.86 35.29
N SER D 569 -19.01 -4.16 35.17
CA SER D 569 -19.49 -4.97 36.28
C SER D 569 -18.38 -5.75 36.96
N PHE D 570 -17.13 -5.60 36.53
CA PHE D 570 -15.98 -6.08 37.28
C PHE D 570 -15.57 -5.08 38.34
N ASN D 571 -15.34 -5.58 39.55
CA ASN D 571 -14.80 -4.77 40.64
C ASN D 571 -13.31 -4.99 40.85
N GLY D 572 -12.67 -5.84 40.04
CA GLY D 572 -11.26 -6.09 40.21
C GLY D 572 -10.41 -5.65 39.05
N SER D 573 -10.97 -5.68 37.84
CA SER D 573 -10.19 -5.36 36.66
C SER D 573 -9.73 -3.90 36.71
N LEU D 574 -8.67 -3.63 35.97
CA LEU D 574 -8.13 -2.27 35.82
C LEU D 574 -8.66 -1.73 34.49
N LEU D 575 -9.67 -0.87 34.56
CA LEU D 575 -10.29 -0.35 33.35
C LEU D 575 -9.28 0.50 32.57
N ILE D 576 -9.32 0.38 31.24
CA ILE D 576 -8.46 1.16 30.37
C ILE D 576 -9.27 1.66 29.18
N ASN D 577 -8.65 2.54 28.39
CA ASN D 577 -9.24 3.07 27.18
C ASN D 577 -8.42 2.59 25.99
N PRO D 578 -8.93 1.70 25.14
CA PRO D 578 -8.10 1.20 24.04
C PRO D 578 -7.56 2.29 23.14
N TRP D 579 -8.31 3.38 22.93
CA TRP D 579 -7.87 4.44 22.03
C TRP D 579 -6.84 5.36 22.65
N ASP D 580 -6.61 5.28 23.96
CA ASP D 580 -5.63 6.11 24.65
C ASP D 580 -4.46 5.22 25.05
N VAL D 581 -3.32 5.42 24.39
CA VAL D 581 -2.18 4.53 24.59
C VAL D 581 -1.60 4.69 25.99
N GLN D 582 -1.39 5.92 26.43
CA GLN D 582 -0.78 6.14 27.73
C GLN D 582 -1.59 5.46 28.84
N SER D 583 -2.91 5.40 28.69
CA SER D 583 -3.72 4.71 29.68
C SER D 583 -3.38 3.23 29.75
N THR D 584 -3.22 2.58 28.59
CA THR D 584 -2.85 1.16 28.59
C THR D 584 -1.45 0.96 29.14
N ALA D 585 -0.52 1.86 28.82
CA ALA D 585 0.82 1.73 29.38
C ALA D 585 0.80 1.83 30.89
N ASP D 586 0.05 2.79 31.43
CA ASP D 586 -0.05 2.92 32.87
C ASP D 586 -0.69 1.69 33.49
N ALA D 587 -1.72 1.15 32.84
CA ALA D 587 -2.36 -0.04 33.36
C ALA D 587 -1.40 -1.22 33.41
N ILE D 588 -0.60 -1.39 32.34
CA ILE D 588 0.36 -2.50 32.32
C ILE D 588 1.37 -2.33 33.44
N ASN D 589 1.91 -1.12 33.61
CA ASN D 589 2.90 -0.90 34.65
C ASN D 589 2.32 -1.18 36.02
N GLN D 590 1.11 -0.68 36.29
CA GLN D 590 0.50 -0.91 37.58
C GLN D 590 0.23 -2.39 37.80
N ALA D 591 -0.21 -3.11 36.77
CA ALA D 591 -0.44 -4.53 36.92
C ALA D 591 0.85 -5.26 37.28
N LEU D 592 1.96 -4.87 36.66
CA LEU D 592 3.22 -5.56 36.92
C LEU D 592 3.90 -5.11 38.20
N THR D 593 3.47 -4.02 38.83
CA THR D 593 4.07 -3.61 40.09
C THR D 593 3.05 -3.61 41.23
N LEU D 594 2.23 -4.65 41.32
CA LEU D 594 1.24 -4.78 42.37
C LEU D 594 1.73 -5.77 43.42
N SER D 595 1.50 -5.44 44.69
CA SER D 595 1.91 -6.32 45.77
C SER D 595 1.01 -7.55 45.83
N PRO D 596 1.48 -8.63 46.46
CA PRO D 596 0.67 -9.86 46.49
C PRO D 596 -0.71 -9.68 47.13
N GLN D 597 -0.82 -8.91 48.20
CA GLN D 597 -2.08 -8.82 48.91
C GLN D 597 -3.16 -8.16 48.06
N GLN D 598 -2.82 -7.08 47.38
CA GLN D 598 -3.78 -6.42 46.50
C GLN D 598 -4.23 -7.37 45.40
N ARG D 599 -3.29 -8.13 44.85
CA ARG D 599 -3.65 -9.12 43.85
C ARG D 599 -4.63 -10.13 44.43
N LYS D 600 -4.41 -10.57 45.67
CA LYS D 600 -5.31 -11.54 46.28
C LYS D 600 -6.71 -10.98 46.41
N THR D 601 -6.84 -9.76 46.93
CA THR D 601 -8.16 -9.18 47.12
C THR D 601 -8.88 -9.00 45.78
N ASN D 602 -8.17 -8.45 44.79
CA ASN D 602 -8.79 -8.22 43.48
C ASN D 602 -9.22 -9.53 42.85
N TRP D 603 -8.38 -10.56 42.91
CA TRP D 603 -8.78 -11.82 42.33
C TRP D 603 -9.96 -12.42 43.08
N GLN D 604 -10.04 -12.23 44.40
CA GLN D 604 -11.20 -12.75 45.10
C GLN D 604 -12.48 -12.10 44.59
N LYS D 605 -12.45 -10.78 44.41
CA LYS D 605 -13.61 -10.09 43.84
C LYS D 605 -13.97 -10.66 42.47
N LEU D 606 -12.96 -10.76 41.59
CA LEU D 606 -13.23 -11.17 40.22
C LEU D 606 -13.78 -12.60 40.18
N PHE D 607 -13.25 -13.49 41.01
CA PHE D 607 -13.76 -14.85 41.00
C PHE D 607 -15.16 -14.92 41.59
N ASN D 608 -15.43 -14.15 42.63
CA ASN D 608 -16.80 -14.11 43.14
C ASN D 608 -17.76 -13.76 42.03
N TYR D 609 -17.46 -12.71 41.26
CA TYR D 609 -18.31 -12.38 40.13
C TYR D 609 -18.41 -13.55 39.16
N VAL D 610 -17.27 -13.96 38.58
CA VAL D 610 -17.27 -14.95 37.51
C VAL D 610 -17.92 -16.25 37.94
N SER D 611 -18.05 -16.49 39.24
CA SER D 611 -18.76 -17.67 39.72
C SER D 611 -20.22 -17.39 40.03
N LYS D 612 -20.60 -16.12 40.17
CA LYS D 612 -22.02 -15.81 40.34
C LYS D 612 -22.80 -16.01 39.04
N TYR D 613 -22.27 -15.49 37.93
CA TYR D 613 -22.96 -15.49 36.63
C TYR D 613 -22.28 -16.49 35.70
N THR D 614 -22.73 -17.75 35.76
CA THR D 614 -22.24 -18.79 34.89
C THR D 614 -23.20 -18.99 33.72
N ALA D 615 -22.78 -19.82 32.77
CA ALA D 615 -23.62 -20.07 31.61
C ALA D 615 -24.93 -20.71 32.00
N GLU D 616 -24.89 -21.66 32.94
CA GLU D 616 -26.11 -22.33 33.37
C GLU D 616 -27.10 -21.34 33.96
N ALA D 617 -26.61 -20.40 34.78
CA ALA D 617 -27.49 -19.40 35.35
C ALA D 617 -28.12 -18.55 34.26
N TRP D 618 -27.34 -18.15 33.25
CA TRP D 618 -27.88 -17.35 32.17
C TRP D 618 -28.99 -18.08 31.42
N GLY D 619 -28.72 -19.33 31.03
CA GLY D 619 -29.73 -20.09 30.32
C GLY D 619 -30.99 -20.26 31.12
N VAL D 620 -30.85 -20.64 32.40
CA VAL D 620 -32.02 -20.86 33.23
C VAL D 620 -32.81 -19.57 33.41
N SER D 621 -32.12 -18.46 33.65
CA SER D 621 -32.82 -17.19 33.87
C SER D 621 -33.57 -16.77 32.62
N PHE D 622 -32.94 -16.92 31.44
CA PHE D 622 -33.63 -16.53 30.21
C PHE D 622 -34.86 -17.40 29.97
N VAL D 623 -34.73 -18.72 30.17
CA VAL D 623 -35.88 -19.58 29.94
C VAL D 623 -36.98 -19.29 30.95
N ASN D 624 -36.61 -18.95 32.18
CA ASN D 624 -37.62 -18.58 33.17
C ASN D 624 -38.34 -17.30 32.78
N GLU D 625 -37.60 -16.27 32.35
CA GLU D 625 -38.23 -15.02 31.96
C GLU D 625 -39.13 -15.22 30.75
N LEU D 626 -38.72 -16.09 29.82
CA LEU D 626 -39.57 -16.39 28.67
C LEU D 626 -40.80 -17.19 29.08
N ASN D 627 -40.68 -18.04 30.10
CA ASN D 627 -41.82 -18.85 30.51
C ASN D 627 -42.96 -17.99 31.03
N ARG D 628 -42.63 -16.95 31.80
CA ARG D 628 -43.64 -16.07 32.37
C ARG D 628 -44.05 -15.00 31.36
#